data_2DLU
#
_entry.id   2DLU
#
_entity_poly.entity_id   1
_entity_poly.type   'polypeptide(L)'
_entity_poly.pdbx_seq_one_letter_code
;GSSGSSGPETVCWGHVEEVELINDGSGLGFGIVGGKTSGVVVRTIVPGGLADRDGRLQTGDHILKIGGTNVQGMTSEQVA
QVLRNCGNSVRMLVARDPAGDISVTSGPSSG
;
_entity_poly.pdbx_strand_id   A
#
# COMPACT_ATOMS: atom_id res chain seq x y z
N GLY A 1 17.96 -9.58 -7.60
CA GLY A 1 16.66 -9.41 -8.21
C GLY A 1 16.42 -10.39 -9.35
N SER A 2 15.24 -11.03 -9.35
CA SER A 2 14.90 -11.99 -10.37
C SER A 2 15.16 -11.41 -11.76
N SER A 3 14.55 -10.28 -12.06
CA SER A 3 14.72 -9.62 -13.35
C SER A 3 15.73 -8.49 -13.26
N GLY A 4 16.60 -8.40 -14.26
CA GLY A 4 17.61 -7.36 -14.28
C GLY A 4 18.26 -7.16 -12.92
N SER A 5 17.86 -6.11 -12.23
CA SER A 5 18.42 -5.80 -10.91
C SER A 5 17.35 -5.23 -9.99
N SER A 6 17.51 -5.45 -8.69
CA SER A 6 16.57 -4.95 -7.70
C SER A 6 17.05 -5.23 -6.29
N GLY A 7 16.62 -4.41 -5.34
CA GLY A 7 17.03 -4.57 -3.96
C GLY A 7 15.89 -4.34 -2.99
N PRO A 8 15.88 -5.10 -1.88
CA PRO A 8 14.85 -4.98 -0.85
C PRO A 8 14.94 -3.67 -0.08
N GLU A 9 13.80 -3.22 0.44
CA GLU A 9 13.76 -1.98 1.21
C GLU A 9 13.45 -2.25 2.68
N THR A 10 14.41 -1.94 3.54
CA THR A 10 14.24 -2.16 4.98
C THR A 10 14.15 -0.83 5.72
N VAL A 11 12.97 -0.55 6.27
CA VAL A 11 12.74 0.67 7.02
C VAL A 11 12.12 0.39 8.38
N CYS A 12 12.46 1.22 9.36
CA CYS A 12 11.95 1.05 10.72
C CYS A 12 10.44 0.85 10.70
N TRP A 13 10.01 -0.39 10.89
CA TRP A 13 8.58 -0.72 10.90
C TRP A 13 8.27 -1.76 11.96
N GLY A 14 6.98 -2.00 12.18
CA GLY A 14 6.56 -2.98 13.17
C GLY A 14 5.97 -4.23 12.55
N HIS A 15 5.48 -4.09 11.32
CA HIS A 15 4.88 -5.22 10.60
C HIS A 15 4.94 -5.00 9.10
N VAL A 16 5.84 -5.72 8.44
CA VAL A 16 5.98 -5.61 6.98
C VAL A 16 5.52 -6.88 6.28
N GLU A 17 4.48 -6.75 5.47
CA GLU A 17 3.95 -7.89 4.74
C GLU A 17 3.65 -7.53 3.29
N GLU A 18 3.99 -8.43 2.37
CA GLU A 18 3.76 -8.19 0.95
C GLU A 18 2.39 -8.72 0.52
N VAL A 19 1.66 -7.91 -0.24
CA VAL A 19 0.33 -8.30 -0.71
C VAL A 19 0.31 -8.40 -2.23
N GLU A 20 -0.16 -9.54 -2.73
CA GLU A 20 -0.24 -9.78 -4.16
C GLU A 20 -1.69 -9.86 -4.63
N LEU A 21 -2.13 -8.87 -5.40
CA LEU A 21 -3.49 -8.84 -5.90
C LEU A 21 -3.52 -9.04 -7.41
N ILE A 22 -4.45 -9.86 -7.89
CA ILE A 22 -4.59 -10.13 -9.32
C ILE A 22 -5.91 -9.60 -9.85
N ASN A 23 -5.83 -8.62 -10.76
CA ASN A 23 -7.02 -8.04 -11.36
C ASN A 23 -7.84 -9.10 -12.10
N ASP A 24 -9.03 -9.37 -11.60
CA ASP A 24 -9.92 -10.35 -12.21
C ASP A 24 -10.97 -9.68 -13.07
N GLY A 25 -10.57 -8.61 -13.77
CA GLY A 25 -11.50 -7.89 -14.61
C GLY A 25 -12.21 -6.77 -13.88
N SER A 26 -12.53 -7.01 -12.61
CA SER A 26 -13.21 -6.01 -11.80
C SER A 26 -12.27 -4.90 -11.39
N GLY A 27 -11.14 -5.26 -10.79
CA GLY A 27 -10.16 -4.28 -10.36
C GLY A 27 -9.55 -4.63 -9.02
N LEU A 28 -8.52 -3.87 -8.63
CA LEU A 28 -7.84 -4.10 -7.37
C LEU A 28 -8.84 -4.16 -6.21
N GLY A 29 -9.75 -3.19 -6.17
CA GLY A 29 -10.75 -3.16 -5.12
C GLY A 29 -10.30 -2.34 -3.93
N PHE A 30 -9.58 -1.26 -4.19
CA PHE A 30 -9.09 -0.38 -3.12
C PHE A 30 -8.59 0.94 -3.69
N GLY A 31 -8.97 2.05 -3.05
CA GLY A 31 -8.55 3.35 -3.51
C GLY A 31 -7.24 3.79 -2.89
N ILE A 32 -6.64 4.82 -3.46
CA ILE A 32 -5.36 5.34 -2.96
C ILE A 32 -5.49 6.80 -2.57
N VAL A 33 -4.62 7.25 -1.68
CA VAL A 33 -4.62 8.64 -1.22
C VAL A 33 -3.21 9.11 -0.88
N GLY A 34 -2.81 10.23 -1.48
CA GLY A 34 -1.48 10.76 -1.23
C GLY A 34 -1.38 11.46 0.11
N GLY A 35 -1.33 10.68 1.18
CA GLY A 35 -1.25 11.24 2.52
C GLY A 35 0.11 11.86 2.80
N LYS A 36 1.12 11.02 3.00
CA LYS A 36 2.47 11.48 3.27
C LYS A 36 3.13 12.03 2.00
N THR A 37 4.16 12.85 2.19
CA THR A 37 4.88 13.44 1.05
C THR A 37 5.69 12.39 0.31
N SER A 38 5.80 11.20 0.91
CA SER A 38 6.56 10.11 0.30
C SER A 38 5.83 8.78 0.48
N GLY A 39 5.26 8.29 -0.61
CA GLY A 39 4.53 7.02 -0.56
C GLY A 39 3.05 7.19 -0.79
N VAL A 40 2.33 6.08 -0.87
CA VAL A 40 0.89 6.11 -1.09
C VAL A 40 0.15 5.39 0.04
N VAL A 41 -1.13 5.74 0.22
CA VAL A 41 -1.94 5.12 1.26
C VAL A 41 -3.23 4.55 0.67
N VAL A 42 -3.88 3.68 1.42
CA VAL A 42 -5.13 3.05 0.99
C VAL A 42 -6.33 3.75 1.61
N ARG A 43 -7.01 4.57 0.81
CA ARG A 43 -8.18 5.29 1.29
C ARG A 43 -9.26 4.33 1.76
N THR A 44 -9.52 3.30 0.96
CA THR A 44 -10.53 2.30 1.30
C THR A 44 -10.37 1.05 0.43
N ILE A 45 -10.89 -0.07 0.93
CA ILE A 45 -10.82 -1.33 0.21
C ILE A 45 -12.20 -1.91 -0.03
N VAL A 46 -12.66 -1.85 -1.28
CA VAL A 46 -13.97 -2.37 -1.64
C VAL A 46 -14.29 -3.64 -0.87
N PRO A 47 -15.47 -3.69 -0.23
CA PRO A 47 -15.91 -4.84 0.54
C PRO A 47 -16.24 -6.04 -0.33
N GLY A 48 -16.00 -7.24 0.19
CA GLY A 48 -16.27 -8.46 -0.56
C GLY A 48 -15.86 -8.33 -2.02
N GLY A 49 -14.63 -7.91 -2.26
CA GLY A 49 -14.14 -7.75 -3.61
C GLY A 49 -12.93 -8.61 -3.90
N LEU A 50 -11.81 -7.97 -4.21
CA LEU A 50 -10.57 -8.68 -4.51
C LEU A 50 -9.63 -8.66 -3.32
N ALA A 51 -9.41 -7.47 -2.76
CA ALA A 51 -8.54 -7.31 -1.62
C ALA A 51 -9.19 -7.84 -0.35
N ASP A 52 -10.47 -7.51 -0.17
CA ASP A 52 -11.21 -7.95 1.01
C ASP A 52 -11.19 -9.46 1.12
N ARG A 53 -11.74 -10.14 0.12
CA ARG A 53 -11.79 -11.60 0.11
C ARG A 53 -10.45 -12.19 0.53
N ASP A 54 -9.39 -11.78 -0.16
CA ASP A 54 -8.04 -12.26 0.13
C ASP A 54 -7.75 -12.17 1.63
N GLY A 55 -8.03 -11.00 2.22
CA GLY A 55 -7.79 -10.81 3.63
C GLY A 55 -6.32 -10.66 3.95
N ARG A 56 -5.58 -10.02 3.05
CA ARG A 56 -4.15 -9.81 3.25
C ARG A 56 -3.82 -8.33 3.41
N LEU A 57 -4.35 -7.51 2.51
CA LEU A 57 -4.13 -6.08 2.55
C LEU A 57 -5.13 -5.38 3.47
N GLN A 58 -4.66 -4.39 4.22
CA GLN A 58 -5.53 -3.65 5.13
C GLN A 58 -5.64 -2.19 4.72
N THR A 59 -6.72 -1.54 5.13
CA THR A 59 -6.94 -0.14 4.80
C THR A 59 -5.78 0.72 5.28
N GLY A 60 -5.65 1.90 4.69
CA GLY A 60 -4.58 2.81 5.07
C GLY A 60 -3.25 2.10 5.23
N ASP A 61 -2.86 1.36 4.21
CA ASP A 61 -1.60 0.62 4.23
C ASP A 61 -0.51 1.38 3.48
N HIS A 62 0.46 1.90 4.22
CA HIS A 62 1.56 2.65 3.62
C HIS A 62 2.25 1.84 2.53
N ILE A 63 1.92 2.14 1.29
CA ILE A 63 2.51 1.43 0.15
C ILE A 63 3.96 1.85 -0.07
N LEU A 64 4.87 0.88 0.02
CA LEU A 64 6.28 1.15 -0.16
C LEU A 64 6.66 1.13 -1.65
N LYS A 65 6.22 0.09 -2.35
CA LYS A 65 6.50 -0.05 -3.77
C LYS A 65 5.35 -0.75 -4.48
N ILE A 66 5.46 -0.85 -5.80
CA ILE A 66 4.42 -1.51 -6.60
C ILE A 66 5.03 -2.33 -7.73
N GLY A 67 4.98 -3.65 -7.58
CA GLY A 67 5.53 -4.53 -8.60
C GLY A 67 6.96 -4.17 -8.97
N GLY A 68 7.69 -3.60 -8.02
CA GLY A 68 9.06 -3.21 -8.26
C GLY A 68 9.18 -1.80 -8.80
N THR A 69 8.33 -0.90 -8.29
CA THR A 69 8.34 0.49 -8.71
C THR A 69 8.73 1.41 -7.57
N ASN A 70 9.45 2.48 -7.89
CA ASN A 70 9.88 3.45 -6.89
C ASN A 70 8.86 4.57 -6.74
N VAL A 71 7.80 4.29 -5.98
CA VAL A 71 6.75 5.27 -5.75
C VAL A 71 7.09 6.18 -4.57
N GLN A 72 7.72 5.60 -3.55
CA GLN A 72 8.10 6.36 -2.36
C GLN A 72 8.85 7.63 -2.75
N GLY A 73 8.11 8.72 -2.89
CA GLY A 73 8.73 9.98 -3.26
C GLY A 73 7.87 10.79 -4.21
N MET A 74 7.14 10.10 -5.09
CA MET A 74 6.28 10.75 -6.06
C MET A 74 4.88 10.93 -5.50
N THR A 75 4.00 11.55 -6.29
CA THR A 75 2.62 11.78 -5.87
C THR A 75 1.72 10.65 -6.35
N SER A 76 0.71 10.33 -5.54
CA SER A 76 -0.22 9.26 -5.86
C SER A 76 -0.75 9.42 -7.28
N GLU A 77 -1.07 10.65 -7.66
CA GLU A 77 -1.59 10.93 -8.99
C GLU A 77 -0.75 10.23 -10.06
N GLN A 78 0.56 10.18 -9.84
CA GLN A 78 1.47 9.54 -10.78
C GLN A 78 1.48 8.04 -10.59
N VAL A 79 1.11 7.59 -9.39
CA VAL A 79 1.07 6.16 -9.08
C VAL A 79 -0.17 5.51 -9.68
N ALA A 80 -1.27 6.26 -9.76
CA ALA A 80 -2.50 5.75 -10.33
C ALA A 80 -2.27 5.10 -11.69
N GLN A 81 -1.31 5.64 -12.43
CA GLN A 81 -1.00 5.12 -13.75
C GLN A 81 -0.04 3.94 -13.65
N VAL A 82 0.71 3.88 -12.56
CA VAL A 82 1.66 2.80 -12.34
C VAL A 82 0.94 1.47 -12.10
N LEU A 83 -0.09 1.51 -11.25
CA LEU A 83 -0.86 0.32 -10.94
C LEU A 83 -1.41 -0.33 -12.21
N ARG A 84 -1.97 0.50 -13.09
CA ARG A 84 -2.53 0.01 -14.34
C ARG A 84 -1.46 -0.64 -15.20
N ASN A 85 -0.36 0.08 -15.43
CA ASN A 85 0.74 -0.43 -16.24
C ASN A 85 1.29 -1.72 -15.65
N CYS A 86 1.48 -1.73 -14.34
CA CYS A 86 2.00 -2.92 -13.65
C CYS A 86 1.51 -4.19 -14.31
N GLY A 87 0.21 -4.23 -14.63
CA GLY A 87 -0.36 -5.41 -15.25
C GLY A 87 -1.46 -6.03 -14.41
N ASN A 88 -1.82 -7.26 -14.75
CA ASN A 88 -2.87 -7.98 -14.02
C ASN A 88 -2.44 -8.25 -12.58
N SER A 89 -1.32 -8.95 -12.43
CA SER A 89 -0.81 -9.27 -11.10
C SER A 89 0.03 -8.13 -10.53
N VAL A 90 -0.34 -7.67 -9.35
CA VAL A 90 0.37 -6.57 -8.70
C VAL A 90 0.86 -6.97 -7.32
N ARG A 91 2.09 -6.58 -6.99
CA ARG A 91 2.68 -6.89 -5.70
C ARG A 91 3.22 -5.64 -5.02
N MET A 92 2.46 -5.12 -4.07
CA MET A 92 2.88 -3.92 -3.35
C MET A 92 3.33 -4.27 -1.93
N LEU A 93 4.28 -3.50 -1.41
CA LEU A 93 4.80 -3.74 -0.08
C LEU A 93 4.12 -2.84 0.94
N VAL A 94 3.22 -3.42 1.73
CA VAL A 94 2.48 -2.68 2.74
C VAL A 94 3.04 -2.96 4.13
N ALA A 95 3.08 -1.92 4.96
CA ALA A 95 3.59 -2.05 6.32
C ALA A 95 2.69 -1.32 7.31
N ARG A 96 2.56 -1.87 8.51
CA ARG A 96 1.73 -1.27 9.55
C ARG A 96 2.44 -1.30 10.91
N ASP A 97 1.84 -0.66 11.90
CA ASP A 97 2.41 -0.63 13.24
C ASP A 97 3.79 0.01 13.22
N PRO A 98 3.87 1.23 12.66
CA PRO A 98 5.14 1.97 12.56
C PRO A 98 5.63 2.46 13.92
N ALA A 99 6.95 2.45 14.11
CA ALA A 99 7.54 2.89 15.37
C ALA A 99 6.88 4.17 15.87
N GLY A 100 6.45 4.15 17.13
CA GLY A 100 5.81 5.31 17.71
C GLY A 100 4.55 5.71 16.96
N ASP A 101 3.65 4.74 16.77
CA ASP A 101 2.40 5.00 16.07
C ASP A 101 1.43 5.76 16.95
N ILE A 102 0.41 6.36 16.33
CA ILE A 102 -0.59 7.12 17.07
C ILE A 102 -1.81 6.27 17.38
N SER A 103 -2.15 6.16 18.66
CA SER A 103 -3.30 5.37 19.09
C SER A 103 -4.60 6.10 18.78
N VAL A 104 -5.56 5.38 18.21
CA VAL A 104 -6.85 5.95 17.87
C VAL A 104 -7.85 5.76 19.00
N THR A 105 -8.58 6.82 19.33
CA THR A 105 -9.57 6.77 20.40
C THR A 105 -10.92 7.29 19.92
N SER A 106 -11.98 6.54 20.22
CA SER A 106 -13.32 6.91 19.81
C SER A 106 -13.95 7.86 20.82
N GLY A 107 -15.12 8.39 20.49
CA GLY A 107 -15.81 9.31 21.38
C GLY A 107 -16.95 10.04 20.70
N PRO A 108 -18.04 9.29 20.40
CA PRO A 108 -19.22 9.84 19.74
C PRO A 108 -20.00 10.79 20.65
N SER A 109 -20.00 12.08 20.30
CA SER A 109 -20.70 13.08 21.09
C SER A 109 -20.32 12.97 22.57
N SER A 110 -19.03 12.86 22.84
CA SER A 110 -18.54 12.75 24.20
C SER A 110 -17.70 13.97 24.58
N GLY A 111 -17.75 14.33 25.87
CA GLY A 111 -16.99 15.47 26.34
C GLY A 111 -17.69 16.79 26.03
N GLY A 1 23.92 8.07 -10.49
CA GLY A 1 22.49 8.09 -10.26
C GLY A 1 22.14 8.38 -8.81
N SER A 2 22.18 9.66 -8.45
CA SER A 2 21.86 10.07 -7.09
C SER A 2 20.36 9.99 -6.83
N SER A 3 19.89 8.82 -6.38
CA SER A 3 18.48 8.62 -6.09
C SER A 3 18.24 8.52 -4.60
N GLY A 4 17.24 9.24 -4.11
CA GLY A 4 16.92 9.22 -2.69
C GLY A 4 16.20 10.48 -2.24
N SER A 5 15.10 10.30 -1.51
CA SER A 5 14.31 11.42 -1.02
C SER A 5 14.90 11.98 0.27
N SER A 6 15.18 11.09 1.21
CA SER A 6 15.74 11.48 2.50
C SER A 6 16.24 10.27 3.28
N GLY A 7 17.33 10.45 4.01
CA GLY A 7 17.89 9.35 4.79
C GLY A 7 18.39 8.21 3.92
N PRO A 8 19.09 7.26 4.54
CA PRO A 8 19.64 6.10 3.84
C PRO A 8 18.55 5.13 3.38
N GLU A 9 17.65 4.79 4.30
CA GLU A 9 16.55 3.88 4.00
C GLU A 9 15.50 3.90 5.10
N THR A 10 14.23 3.90 4.70
CA THR A 10 13.13 3.92 5.66
C THR A 10 12.52 2.53 5.83
N VAL A 11 13.33 1.60 6.34
CA VAL A 11 12.87 0.23 6.56
C VAL A 11 12.93 -0.13 8.04
N CYS A 12 12.60 0.84 8.89
CA CYS A 12 12.61 0.62 10.33
C CYS A 12 11.20 0.37 10.85
N TRP A 13 10.43 -0.41 10.11
CA TRP A 13 9.05 -0.72 10.50
C TRP A 13 9.02 -1.90 11.47
N GLY A 14 7.82 -2.21 11.96
CA GLY A 14 7.68 -3.31 12.89
C GLY A 14 7.13 -4.56 12.23
N HIS A 15 6.16 -4.38 11.34
CA HIS A 15 5.56 -5.50 10.63
C HIS A 15 5.42 -5.20 9.14
N VAL A 16 6.19 -5.92 8.33
CA VAL A 16 6.16 -5.73 6.88
C VAL A 16 5.68 -6.98 6.16
N GLU A 17 5.09 -6.81 4.99
CA GLU A 17 4.58 -7.93 4.21
C GLU A 17 4.23 -7.49 2.79
N GLU A 18 4.48 -8.37 1.83
CA GLU A 18 4.18 -8.08 0.43
C GLU A 18 2.83 -8.66 0.02
N VAL A 19 1.96 -7.80 -0.50
CA VAL A 19 0.64 -8.23 -0.93
C VAL A 19 0.58 -8.44 -2.45
N GLU A 20 0.04 -9.57 -2.86
CA GLU A 20 -0.06 -9.90 -4.28
C GLU A 20 -1.52 -10.05 -4.69
N LEU A 21 -2.03 -9.08 -5.45
CA LEU A 21 -3.41 -9.12 -5.91
C LEU A 21 -3.47 -9.27 -7.43
N ILE A 22 -4.43 -10.06 -7.90
CA ILE A 22 -4.61 -10.27 -9.33
C ILE A 22 -5.78 -9.48 -9.88
N ASN A 23 -5.62 -8.93 -11.07
CA ASN A 23 -6.68 -8.14 -11.71
C ASN A 23 -7.51 -9.01 -12.65
N ASP A 24 -8.68 -9.43 -12.17
CA ASP A 24 -9.57 -10.26 -12.96
C ASP A 24 -10.46 -9.41 -13.86
N GLY A 25 -9.87 -8.40 -14.49
CA GLY A 25 -10.63 -7.52 -15.36
C GLY A 25 -11.34 -6.42 -14.60
N SER A 26 -12.11 -6.82 -13.58
CA SER A 26 -12.86 -5.85 -12.78
C SER A 26 -11.94 -4.74 -12.28
N GLY A 27 -10.93 -5.12 -11.50
CA GLY A 27 -10.00 -4.14 -10.97
C GLY A 27 -9.58 -4.44 -9.55
N LEU A 28 -8.88 -3.50 -8.92
CA LEU A 28 -8.42 -3.68 -7.55
C LEU A 28 -9.53 -3.36 -6.56
N GLY A 29 -10.16 -2.20 -6.74
CA GLY A 29 -11.23 -1.78 -5.85
C GLY A 29 -10.77 -0.81 -4.79
N PHE A 30 -9.76 -1.21 -4.04
CA PHE A 30 -9.21 -0.36 -2.97
C PHE A 30 -8.74 0.98 -3.53
N GLY A 31 -9.05 2.05 -2.82
CA GLY A 31 -8.66 3.37 -3.25
C GLY A 31 -7.37 3.85 -2.60
N ILE A 32 -6.70 4.81 -3.24
CA ILE A 32 -5.46 5.34 -2.72
C ILE A 32 -5.64 6.76 -2.20
N VAL A 33 -4.69 7.21 -1.37
CA VAL A 33 -4.75 8.55 -0.81
C VAL A 33 -3.37 9.03 -0.39
N GLY A 34 -3.00 10.22 -0.85
CA GLY A 34 -1.70 10.78 -0.52
C GLY A 34 -1.63 11.28 0.91
N GLY A 35 -1.45 10.35 1.85
CA GLY A 35 -1.37 10.72 3.25
C GLY A 35 -0.20 11.65 3.54
N LYS A 36 0.07 11.88 4.82
CA LYS A 36 1.15 12.75 5.23
C LYS A 36 2.49 12.02 5.13
N THR A 37 2.73 11.36 4.01
CA THR A 37 3.96 10.62 3.79
C THR A 37 4.14 10.27 2.32
N SER A 38 5.38 9.94 1.95
CA SER A 38 5.68 9.57 0.57
C SER A 38 4.83 8.40 0.11
N GLY A 39 5.09 7.23 0.70
CA GLY A 39 4.33 6.03 0.34
C GLY A 39 2.84 6.30 0.26
N VAL A 40 2.18 5.70 -0.73
CA VAL A 40 0.75 5.88 -0.91
C VAL A 40 -0.04 5.09 0.14
N VAL A 41 -1.14 5.67 0.59
CA VAL A 41 -1.98 5.03 1.59
C VAL A 41 -3.25 4.46 0.96
N VAL A 42 -3.88 3.51 1.66
CA VAL A 42 -5.10 2.89 1.17
C VAL A 42 -6.34 3.53 1.80
N ARG A 43 -6.99 4.40 1.04
CA ARG A 43 -8.18 5.08 1.52
C ARG A 43 -9.19 4.09 2.08
N THR A 44 -9.70 3.21 1.22
CA THR A 44 -10.68 2.21 1.62
C THR A 44 -10.57 0.96 0.76
N ILE A 45 -11.32 -0.07 1.12
CA ILE A 45 -11.31 -1.32 0.38
C ILE A 45 -12.73 -1.80 0.08
N VAL A 46 -13.16 -1.59 -1.16
CA VAL A 46 -14.49 -2.00 -1.58
C VAL A 46 -14.87 -3.35 -1.00
N PRO A 47 -16.02 -3.41 -0.31
CA PRO A 47 -16.51 -4.64 0.32
C PRO A 47 -16.97 -5.66 -0.71
N GLY A 48 -16.57 -6.91 -0.52
CA GLY A 48 -16.96 -7.97 -1.43
C GLY A 48 -16.35 -7.78 -2.82
N GLY A 49 -15.07 -7.43 -2.86
CA GLY A 49 -14.41 -7.21 -4.12
C GLY A 49 -13.20 -8.12 -4.29
N LEU A 50 -12.01 -7.55 -4.14
CA LEU A 50 -10.78 -8.32 -4.28
C LEU A 50 -9.96 -8.28 -3.00
N ALA A 51 -9.57 -7.08 -2.58
CA ALA A 51 -8.79 -6.91 -1.37
C ALA A 51 -9.62 -7.21 -0.12
N ASP A 52 -10.92 -7.41 -0.33
CA ASP A 52 -11.83 -7.71 0.77
C ASP A 52 -12.00 -9.22 0.93
N ARG A 53 -11.92 -9.95 -0.17
CA ARG A 53 -12.06 -11.40 -0.15
C ARG A 53 -10.71 -12.08 -0.01
N ASP A 54 -9.65 -11.36 -0.36
CA ASP A 54 -8.29 -11.89 -0.28
C ASP A 54 -7.81 -11.90 1.17
N GLY A 55 -8.28 -10.93 1.94
CA GLY A 55 -7.88 -10.84 3.34
C GLY A 55 -6.38 -10.75 3.50
N ARG A 56 -5.72 -10.04 2.59
CA ARG A 56 -4.28 -9.88 2.63
C ARG A 56 -3.90 -8.41 2.82
N LEU A 57 -4.65 -7.52 2.18
CA LEU A 57 -4.40 -6.08 2.28
C LEU A 57 -5.42 -5.41 3.20
N GLN A 58 -4.94 -4.55 4.09
CA GLN A 58 -5.81 -3.84 5.01
C GLN A 58 -5.95 -2.37 4.61
N THR A 59 -6.76 -1.64 5.37
CA THR A 59 -6.98 -0.23 5.11
C THR A 59 -5.79 0.61 5.57
N GLY A 60 -5.62 1.78 4.94
CA GLY A 60 -4.53 2.65 5.31
C GLY A 60 -3.21 1.92 5.41
N ASP A 61 -2.79 1.31 4.32
CA ASP A 61 -1.54 0.57 4.28
C ASP A 61 -0.44 1.37 3.59
N HIS A 62 0.56 1.78 4.37
CA HIS A 62 1.67 2.57 3.83
C HIS A 62 2.41 1.79 2.75
N ILE A 63 2.11 2.09 1.49
CA ILE A 63 2.75 1.43 0.37
C ILE A 63 4.15 1.98 0.12
N LEU A 64 5.15 1.11 0.24
CA LEU A 64 6.53 1.51 0.04
C LEU A 64 6.89 1.51 -1.45
N LYS A 65 6.70 0.35 -2.09
CA LYS A 65 6.99 0.21 -3.51
C LYS A 65 5.97 -0.70 -4.19
N ILE A 66 5.76 -0.49 -5.48
CA ILE A 66 4.81 -1.29 -6.24
C ILE A 66 5.49 -1.98 -7.42
N GLY A 67 5.46 -3.31 -7.40
CA GLY A 67 6.08 -4.07 -8.46
C GLY A 67 7.49 -3.61 -8.77
N GLY A 68 8.26 -3.33 -7.73
CA GLY A 68 9.63 -2.88 -7.91
C GLY A 68 9.69 -1.44 -8.38
N THR A 69 8.68 -0.65 -8.04
CA THR A 69 8.62 0.75 -8.44
C THR A 69 8.73 1.66 -7.23
N ASN A 70 9.57 2.68 -7.34
CA ASN A 70 9.77 3.64 -6.25
C ASN A 70 8.67 4.70 -6.24
N VAL A 71 7.61 4.44 -5.49
CA VAL A 71 6.49 5.37 -5.40
C VAL A 71 6.66 6.32 -4.21
N GLN A 72 7.51 5.93 -3.27
CA GLN A 72 7.76 6.73 -2.09
C GLN A 72 8.47 8.03 -2.45
N GLY A 73 7.71 9.05 -2.83
CA GLY A 73 8.30 10.32 -3.21
C GLY A 73 7.49 11.04 -4.26
N MET A 74 6.90 10.28 -5.17
CA MET A 74 6.08 10.86 -6.24
C MET A 74 4.65 11.08 -5.77
N THR A 75 3.79 11.52 -6.70
CA THR A 75 2.39 11.77 -6.38
C THR A 75 1.53 10.56 -6.70
N SER A 76 0.36 10.50 -6.07
CA SER A 76 -0.57 9.39 -6.29
C SER A 76 -1.00 9.33 -7.75
N GLU A 77 -1.06 10.49 -8.39
CA GLU A 77 -1.47 10.57 -9.80
C GLU A 77 -0.56 9.70 -10.67
N GLN A 78 0.72 9.68 -10.33
CA GLN A 78 1.70 8.89 -11.09
C GLN A 78 1.70 7.45 -10.64
N VAL A 79 1.01 7.17 -9.52
CA VAL A 79 0.94 5.82 -8.99
C VAL A 79 -0.24 5.06 -9.59
N ALA A 80 -1.34 5.76 -9.81
CA ALA A 80 -2.54 5.15 -10.38
C ALA A 80 -2.20 4.39 -11.66
N GLN A 81 -1.50 5.05 -12.57
CA GLN A 81 -1.11 4.43 -13.83
C GLN A 81 -0.12 3.30 -13.60
N VAL A 82 0.71 3.45 -12.58
CA VAL A 82 1.71 2.44 -12.25
C VAL A 82 1.06 1.10 -11.92
N LEU A 83 -0.14 1.17 -11.35
CA LEU A 83 -0.87 -0.04 -10.99
C LEU A 83 -1.47 -0.72 -12.22
N ARG A 84 -2.19 0.06 -13.01
CA ARG A 84 -2.83 -0.46 -14.23
C ARG A 84 -1.77 -1.00 -15.19
N ASN A 85 -0.66 -0.28 -15.30
CA ASN A 85 0.43 -0.68 -16.19
C ASN A 85 1.10 -1.96 -15.68
N CYS A 86 1.46 -1.95 -14.40
CA CYS A 86 2.12 -3.10 -13.78
C CYS A 86 1.59 -4.41 -14.38
N GLY A 87 0.28 -4.52 -14.47
CA GLY A 87 -0.34 -5.72 -15.03
C GLY A 87 -1.30 -6.37 -14.06
N ASN A 88 -1.97 -7.43 -14.52
CA ASN A 88 -2.95 -8.14 -13.69
C ASN A 88 -2.40 -8.33 -12.27
N SER A 89 -1.25 -9.00 -12.18
CA SER A 89 -0.64 -9.26 -10.87
C SER A 89 0.05 -8.01 -10.34
N VAL A 90 -0.33 -7.58 -9.15
CA VAL A 90 0.25 -6.39 -8.53
C VAL A 90 0.90 -6.74 -7.20
N ARG A 91 2.20 -6.47 -7.08
CA ARG A 91 2.94 -6.76 -5.86
C ARG A 91 3.21 -5.47 -5.09
N MET A 92 2.39 -5.18 -4.09
CA MET A 92 2.54 -3.99 -3.28
C MET A 92 3.17 -4.33 -1.93
N LEU A 93 4.12 -3.49 -1.50
CA LEU A 93 4.80 -3.71 -0.22
C LEU A 93 4.23 -2.78 0.85
N VAL A 94 3.29 -3.31 1.63
CA VAL A 94 2.67 -2.53 2.71
C VAL A 94 3.32 -2.84 4.06
N ALA A 95 3.37 -1.84 4.93
CA ALA A 95 3.96 -2.01 6.25
C ALA A 95 3.17 -1.23 7.30
N ARG A 96 3.28 -1.66 8.55
CA ARG A 96 2.57 -1.01 9.64
C ARG A 96 3.33 -1.18 10.96
N ASP A 97 2.75 -0.69 12.05
CA ASP A 97 3.37 -0.79 13.36
C ASP A 97 4.83 -0.36 13.30
N PRO A 98 5.07 0.85 12.80
CA PRO A 98 6.43 1.41 12.67
C PRO A 98 7.04 1.75 14.03
N ALA A 99 8.37 1.73 14.09
CA ALA A 99 9.08 2.04 15.33
C ALA A 99 8.52 3.30 15.98
N GLY A 100 8.11 3.19 17.23
CA GLY A 100 7.57 4.33 17.95
C GLY A 100 6.30 4.85 17.33
N ASP A 101 6.01 6.13 17.55
CA ASP A 101 4.81 6.75 17.00
C ASP A 101 3.56 5.98 17.42
N ILE A 102 3.52 5.58 18.69
CA ILE A 102 2.38 4.83 19.21
C ILE A 102 1.19 5.75 19.48
N SER A 103 -0.01 5.20 19.36
CA SER A 103 -1.23 5.97 19.58
C SER A 103 -1.88 5.59 20.91
N VAL A 104 -2.70 6.50 21.44
CA VAL A 104 -3.39 6.25 22.71
C VAL A 104 -4.41 7.34 22.98
N THR A 105 -5.56 6.94 23.54
CA THR A 105 -6.62 7.88 23.86
C THR A 105 -7.03 7.77 25.32
N SER A 106 -7.86 8.71 25.77
CA SER A 106 -8.33 8.71 27.15
C SER A 106 -9.71 8.05 27.27
N GLY A 107 -10.65 8.54 26.47
CA GLY A 107 -11.99 7.99 26.49
C GLY A 107 -12.36 7.29 25.20
N PRO A 108 -13.61 6.82 25.10
CA PRO A 108 -14.11 6.12 23.92
C PRO A 108 -14.27 7.06 22.72
N SER A 109 -13.67 6.68 21.59
CA SER A 109 -13.73 7.49 20.38
C SER A 109 -15.18 7.66 19.92
N SER A 110 -15.66 8.90 19.96
CA SER A 110 -17.04 9.19 19.55
C SER A 110 -17.05 10.13 18.34
N GLY A 111 -17.17 9.55 17.15
CA GLY A 111 -17.19 10.34 15.93
C GLY A 111 -18.24 11.44 16.00
N GLY A 1 23.37 -18.45 -0.28
CA GLY A 1 23.36 -17.04 0.09
C GLY A 1 22.29 -16.72 1.11
N SER A 2 22.48 -15.63 1.83
CA SER A 2 21.53 -15.21 2.86
C SER A 2 20.09 -15.40 2.38
N SER A 3 19.35 -16.26 3.06
CA SER A 3 17.96 -16.52 2.70
C SER A 3 17.00 -15.79 3.63
N GLY A 4 16.07 -15.05 3.04
CA GLY A 4 15.10 -14.31 3.83
C GLY A 4 14.06 -13.61 2.97
N SER A 5 13.25 -12.77 3.60
CA SER A 5 12.21 -12.04 2.89
C SER A 5 12.81 -11.18 1.77
N SER A 6 11.95 -10.68 0.90
CA SER A 6 12.38 -9.86 -0.22
C SER A 6 11.98 -8.40 -0.02
N GLY A 7 12.94 -7.56 0.36
CA GLY A 7 12.65 -6.16 0.59
C GLY A 7 13.71 -5.48 1.44
N PRO A 8 14.80 -5.05 0.80
CA PRO A 8 15.91 -4.39 1.49
C PRO A 8 15.53 -2.99 1.98
N GLU A 9 14.28 -2.61 1.76
CA GLU A 9 13.79 -1.30 2.18
C GLU A 9 12.92 -1.42 3.43
N THR A 10 13.36 -2.26 4.37
CA THR A 10 12.62 -2.46 5.62
C THR A 10 13.10 -1.50 6.70
N VAL A 11 12.63 -0.26 6.64
CA VAL A 11 13.01 0.75 7.61
C VAL A 11 12.31 0.52 8.94
N CYS A 12 12.61 1.37 9.92
CA CYS A 12 12.00 1.25 11.24
C CYS A 12 10.53 0.90 11.14
N TRP A 13 10.20 -0.35 11.43
CA TRP A 13 8.82 -0.82 11.36
C TRP A 13 8.62 -2.05 12.24
N GLY A 14 7.37 -2.51 12.34
CA GLY A 14 7.07 -3.68 13.14
C GLY A 14 6.75 -4.89 12.30
N HIS A 15 6.30 -4.65 11.06
CA HIS A 15 5.94 -5.74 10.16
C HIS A 15 5.88 -5.24 8.72
N VAL A 16 6.71 -5.81 7.86
CA VAL A 16 6.74 -5.43 6.46
C VAL A 16 6.41 -6.61 5.55
N GLU A 17 5.23 -6.57 4.93
CA GLU A 17 4.80 -7.64 4.05
C GLU A 17 4.43 -7.09 2.68
N GLU A 18 4.28 -7.99 1.70
CA GLU A 18 3.93 -7.60 0.35
C GLU A 18 2.60 -8.20 -0.07
N VAL A 19 1.63 -7.34 -0.38
CA VAL A 19 0.31 -7.80 -0.81
C VAL A 19 0.28 -8.12 -2.30
N GLU A 20 -0.28 -9.27 -2.64
CA GLU A 20 -0.36 -9.70 -4.03
C GLU A 20 -1.82 -9.73 -4.49
N LEU A 21 -2.18 -8.79 -5.36
CA LEU A 21 -3.53 -8.70 -5.89
C LEU A 21 -3.54 -8.79 -7.41
N ILE A 22 -4.38 -9.66 -7.95
CA ILE A 22 -4.49 -9.84 -9.39
C ILE A 22 -5.72 -9.13 -9.94
N ASN A 23 -5.55 -8.45 -11.08
CA ASN A 23 -6.64 -7.73 -11.71
C ASN A 23 -7.59 -8.70 -12.42
N ASP A 24 -8.88 -8.57 -12.14
CA ASP A 24 -9.89 -9.42 -12.75
C ASP A 24 -10.53 -8.75 -13.95
N GLY A 25 -10.91 -7.48 -13.77
CA GLY A 25 -11.53 -6.72 -14.84
C GLY A 25 -11.93 -5.32 -14.41
N SER A 26 -12.45 -5.20 -13.20
CA SER A 26 -12.87 -3.91 -12.68
C SER A 26 -11.75 -3.25 -11.87
N GLY A 27 -10.53 -3.33 -12.40
CA GLY A 27 -9.40 -2.74 -11.72
C GLY A 27 -8.99 -3.52 -10.49
N LEU A 28 -8.79 -2.81 -9.38
CA LEU A 28 -8.39 -3.44 -8.13
C LEU A 28 -9.47 -3.28 -7.07
N GLY A 29 -10.01 -2.08 -6.96
CA GLY A 29 -11.06 -1.82 -5.99
C GLY A 29 -10.62 -0.83 -4.92
N PHE A 30 -9.69 -1.26 -4.06
CA PHE A 30 -9.19 -0.42 -2.99
C PHE A 30 -8.65 0.90 -3.54
N GLY A 31 -9.12 2.01 -2.97
CA GLY A 31 -8.68 3.31 -3.42
C GLY A 31 -7.35 3.72 -2.80
N ILE A 32 -6.70 4.71 -3.40
CA ILE A 32 -5.42 5.18 -2.90
C ILE A 32 -5.47 6.68 -2.60
N VAL A 33 -4.56 7.14 -1.75
CA VAL A 33 -4.49 8.55 -1.39
C VAL A 33 -3.06 8.99 -1.10
N GLY A 34 -2.62 10.04 -1.78
CA GLY A 34 -1.27 10.53 -1.58
C GLY A 34 -0.88 10.61 -0.12
N GLY A 35 0.27 10.03 0.23
CA GLY A 35 0.73 10.05 1.61
C GLY A 35 0.88 11.45 2.16
N LYS A 36 1.04 11.56 3.47
CA LYS A 36 1.20 12.86 4.12
C LYS A 36 2.53 13.50 3.73
N THR A 37 3.60 12.73 3.87
CA THR A 37 4.94 13.22 3.54
C THR A 37 5.52 12.48 2.34
N SER A 38 5.12 11.23 2.18
CA SER A 38 5.61 10.41 1.07
C SER A 38 4.85 9.09 1.01
N GLY A 39 5.00 8.37 -0.11
CA GLY A 39 4.34 7.10 -0.28
C GLY A 39 2.85 7.24 -0.51
N VAL A 40 2.17 6.11 -0.69
CA VAL A 40 0.73 6.12 -0.93
C VAL A 40 -0.02 5.42 0.20
N VAL A 41 -1.30 5.76 0.37
CA VAL A 41 -2.12 5.16 1.41
C VAL A 41 -3.43 4.65 0.83
N VAL A 42 -4.04 3.68 1.51
CA VAL A 42 -5.30 3.10 1.07
C VAL A 42 -6.48 3.78 1.76
N ARG A 43 -7.17 4.65 1.03
CA ARG A 43 -8.32 5.36 1.57
C ARG A 43 -9.40 4.39 2.01
N THR A 44 -9.82 3.52 1.09
CA THR A 44 -10.85 2.54 1.38
C THR A 44 -10.63 1.24 0.60
N ILE A 45 -11.29 0.17 1.03
CA ILE A 45 -11.15 -1.12 0.38
C ILE A 45 -12.51 -1.74 0.10
N VAL A 46 -12.98 -1.61 -1.13
CA VAL A 46 -14.27 -2.17 -1.53
C VAL A 46 -14.55 -3.49 -0.82
N PRO A 47 -15.76 -3.63 -0.28
CA PRO A 47 -16.18 -4.84 0.44
C PRO A 47 -16.33 -6.04 -0.50
N GLY A 48 -15.96 -7.21 -0.01
CA GLY A 48 -16.07 -8.42 -0.81
C GLY A 48 -15.64 -8.20 -2.25
N GLY A 49 -14.53 -7.47 -2.42
CA GLY A 49 -14.03 -7.20 -3.76
C GLY A 49 -12.83 -8.05 -4.11
N LEU A 50 -11.66 -7.43 -4.19
CA LEU A 50 -10.43 -8.14 -4.51
C LEU A 50 -9.53 -8.26 -3.29
N ALA A 51 -9.28 -7.12 -2.63
CA ALA A 51 -8.43 -7.09 -1.45
C ALA A 51 -9.15 -7.71 -0.25
N ASP A 52 -10.42 -7.35 -0.07
CA ASP A 52 -11.22 -7.86 1.03
C ASP A 52 -11.30 -9.38 0.98
N ARG A 53 -11.71 -9.91 -0.16
CA ARG A 53 -11.84 -11.35 -0.33
C ARG A 53 -10.57 -12.07 0.11
N ASP A 54 -9.43 -11.39 -0.06
CA ASP A 54 -8.15 -11.97 0.33
C ASP A 54 -7.94 -11.86 1.84
N GLY A 55 -8.23 -10.69 2.39
CA GLY A 55 -8.07 -10.47 3.81
C GLY A 55 -6.61 -10.28 4.21
N ARG A 56 -5.82 -9.72 3.29
CA ARG A 56 -4.41 -9.49 3.56
C ARG A 56 -4.11 -8.00 3.70
N LEU A 57 -4.64 -7.21 2.78
CA LEU A 57 -4.44 -5.76 2.80
C LEU A 57 -5.47 -5.09 3.68
N GLN A 58 -5.03 -4.09 4.45
CA GLN A 58 -5.92 -3.35 5.34
C GLN A 58 -6.00 -1.89 4.94
N THR A 59 -7.04 -1.21 5.40
CA THR A 59 -7.24 0.20 5.09
C THR A 59 -6.08 1.05 5.60
N GLY A 60 -5.64 2.00 4.78
CA GLY A 60 -4.53 2.86 5.17
C GLY A 60 -3.21 2.13 5.19
N ASP A 61 -3.04 1.19 4.27
CA ASP A 61 -1.81 0.41 4.18
C ASP A 61 -0.73 1.19 3.44
N HIS A 62 0.25 1.69 4.18
CA HIS A 62 1.35 2.45 3.60
C HIS A 62 2.03 1.66 2.49
N ILE A 63 1.78 2.07 1.25
CA ILE A 63 2.37 1.40 0.10
C ILE A 63 3.76 1.95 -0.22
N LEU A 64 4.78 1.13 0.02
CA LEU A 64 6.16 1.54 -0.23
C LEU A 64 6.53 1.29 -1.68
N LYS A 65 6.46 0.03 -2.10
CA LYS A 65 6.80 -0.34 -3.48
C LYS A 65 5.56 -0.82 -4.23
N ILE A 66 5.64 -0.83 -5.56
CA ILE A 66 4.53 -1.27 -6.39
C ILE A 66 5.03 -1.90 -7.69
N GLY A 67 4.91 -3.21 -7.78
CA GLY A 67 5.35 -3.91 -8.96
C GLY A 67 6.77 -3.55 -9.36
N GLY A 68 7.65 -3.44 -8.38
CA GLY A 68 9.03 -3.09 -8.66
C GLY A 68 9.19 -1.63 -9.06
N THR A 69 8.36 -0.77 -8.49
CA THR A 69 8.41 0.65 -8.79
C THR A 69 8.79 1.47 -7.55
N ASN A 70 9.39 2.63 -7.77
CA ASN A 70 9.80 3.50 -6.68
C ASN A 70 8.78 4.62 -6.46
N VAL A 71 7.65 4.27 -5.85
CA VAL A 71 6.60 5.24 -5.57
C VAL A 71 6.88 6.02 -4.29
N GLN A 72 7.83 5.51 -3.50
CA GLN A 72 8.19 6.15 -2.24
C GLN A 72 8.70 7.57 -2.48
N GLY A 73 7.77 8.51 -2.66
CA GLY A 73 8.14 9.88 -2.89
C GLY A 73 7.19 10.60 -3.83
N MET A 74 6.73 9.88 -4.85
CA MET A 74 5.80 10.46 -5.83
C MET A 74 4.39 10.48 -5.27
N THR A 75 3.50 11.19 -5.97
CA THR A 75 2.10 11.29 -5.54
C THR A 75 1.23 10.27 -6.27
N SER A 76 0.02 10.07 -5.76
CA SER A 76 -0.91 9.13 -6.37
C SER A 76 -1.12 9.43 -7.84
N GLU A 77 -1.32 10.70 -8.16
CA GLU A 77 -1.53 11.14 -9.54
C GLU A 77 -0.59 10.40 -10.48
N GLN A 78 0.60 10.06 -9.98
CA GLN A 78 1.59 9.36 -10.78
C GLN A 78 1.56 7.86 -10.50
N VAL A 79 1.02 7.49 -9.34
CA VAL A 79 0.93 6.09 -8.95
C VAL A 79 -0.18 5.37 -9.72
N ALA A 80 -1.29 6.07 -9.92
CA ALA A 80 -2.43 5.51 -10.64
C ALA A 80 -1.96 4.69 -11.83
N GLN A 81 -1.04 5.24 -12.61
CA GLN A 81 -0.51 4.55 -13.78
C GLN A 81 0.42 3.42 -13.37
N VAL A 82 1.11 3.59 -12.25
CA VAL A 82 2.03 2.59 -11.75
C VAL A 82 1.30 1.27 -11.45
N LEU A 83 0.06 1.39 -10.99
CA LEU A 83 -0.75 0.21 -10.66
C LEU A 83 -1.18 -0.51 -11.93
N ARG A 84 -1.78 0.22 -12.86
CA ARG A 84 -2.24 -0.35 -14.11
C ARG A 84 -1.08 -0.97 -14.89
N ASN A 85 0.09 -0.37 -14.78
CA ASN A 85 1.29 -0.86 -15.46
C ASN A 85 1.65 -2.25 -14.98
N CYS A 86 1.59 -2.46 -13.67
CA CYS A 86 1.91 -3.75 -13.08
C CYS A 86 1.44 -4.89 -13.98
N GLY A 87 0.23 -4.77 -14.50
CA GLY A 87 -0.32 -5.79 -15.37
C GLY A 87 -1.29 -6.71 -14.64
N ASN A 88 -1.24 -7.99 -14.96
CA ASN A 88 -2.13 -8.97 -14.35
C ASN A 88 -1.92 -9.01 -12.83
N SER A 89 -0.72 -9.41 -12.41
CA SER A 89 -0.38 -9.50 -11.00
C SER A 89 0.12 -8.16 -10.47
N VAL A 90 -0.51 -7.66 -9.41
CA VAL A 90 -0.12 -6.39 -8.82
C VAL A 90 0.57 -6.61 -7.47
N ARG A 91 1.84 -6.22 -7.41
CA ARG A 91 2.62 -6.36 -6.18
C ARG A 91 2.76 -5.03 -5.46
N MET A 92 2.57 -5.05 -4.14
CA MET A 92 2.68 -3.84 -3.34
C MET A 92 3.24 -4.15 -1.96
N LEU A 93 4.32 -3.45 -1.59
CA LEU A 93 4.95 -3.66 -0.29
C LEU A 93 4.33 -2.74 0.77
N VAL A 94 3.38 -3.27 1.52
CA VAL A 94 2.72 -2.50 2.57
C VAL A 94 3.31 -2.83 3.94
N ALA A 95 3.28 -1.84 4.84
CA ALA A 95 3.80 -2.02 6.18
C ALA A 95 2.77 -1.62 7.23
N ARG A 96 2.83 -2.27 8.39
CA ARG A 96 1.89 -1.97 9.47
C ARG A 96 2.57 -2.16 10.84
N ASP A 97 1.85 -1.83 11.90
CA ASP A 97 2.37 -1.97 13.25
C ASP A 97 3.71 -1.26 13.38
N PRO A 98 3.75 0.03 13.02
CA PRO A 98 4.96 0.85 13.10
C PRO A 98 5.37 1.15 14.53
N ALA A 99 6.66 1.37 14.74
CA ALA A 99 7.18 1.67 16.06
C ALA A 99 6.30 2.69 16.78
N GLY A 100 6.06 3.81 16.12
CA GLY A 100 5.24 4.86 16.71
C GLY A 100 3.83 4.39 17.01
N ASP A 101 3.15 5.08 17.91
CA ASP A 101 1.78 4.72 18.28
C ASP A 101 0.98 5.96 18.67
N ILE A 102 -0.11 6.20 17.96
CA ILE A 102 -0.96 7.35 18.23
C ILE A 102 -1.82 7.12 19.46
N SER A 103 -2.47 8.19 19.94
CA SER A 103 -3.32 8.10 21.11
C SER A 103 -4.79 8.28 20.73
N VAL A 104 -5.11 9.43 20.15
CA VAL A 104 -6.48 9.73 19.73
C VAL A 104 -7.19 8.47 19.27
N THR A 105 -8.39 8.24 19.80
CA THR A 105 -9.17 7.07 19.44
C THR A 105 -10.10 7.38 18.27
N SER A 106 -9.88 6.71 17.15
CA SER A 106 -10.71 6.91 15.96
C SER A 106 -11.57 5.69 15.68
N GLY A 107 -12.58 5.87 14.84
CA GLY A 107 -13.46 4.77 14.50
C GLY A 107 -14.56 5.18 13.54
N PRO A 108 -15.66 4.41 13.52
CA PRO A 108 -16.81 4.69 12.66
C PRO A 108 -17.58 5.93 13.08
N SER A 109 -17.18 7.08 12.53
CA SER A 109 -17.82 8.35 12.87
C SER A 109 -19.33 8.26 12.64
N SER A 110 -20.09 8.28 13.73
CA SER A 110 -21.54 8.20 13.65
C SER A 110 -22.18 9.47 14.21
N GLY A 111 -22.65 10.33 13.30
CA GLY A 111 -23.28 11.57 13.71
C GLY A 111 -24.56 11.34 14.49
N GLY A 1 29.34 12.78 -7.84
CA GLY A 1 28.93 11.41 -8.10
C GLY A 1 28.04 10.85 -7.01
N SER A 2 27.22 9.87 -7.35
CA SER A 2 26.31 9.25 -6.39
C SER A 2 26.95 8.03 -5.74
N SER A 3 27.77 8.27 -4.73
CA SER A 3 28.45 7.18 -4.03
C SER A 3 27.65 6.74 -2.81
N GLY A 4 27.57 5.43 -2.61
CA GLY A 4 26.83 4.89 -1.48
C GLY A 4 25.46 5.51 -1.34
N SER A 5 24.61 5.30 -2.35
CA SER A 5 23.26 5.85 -2.35
C SER A 5 22.25 4.78 -1.94
N SER A 6 21.39 5.12 -0.97
CA SER A 6 20.38 4.19 -0.49
C SER A 6 18.98 4.65 -0.90
N GLY A 7 18.05 3.71 -0.97
CA GLY A 7 16.68 4.04 -1.34
C GLY A 7 15.69 3.01 -0.86
N PRO A 8 15.35 2.04 -1.73
CA PRO A 8 14.40 0.97 -1.41
C PRO A 8 14.96 -0.01 -0.40
N GLU A 9 14.82 0.33 0.88
CA GLU A 9 15.31 -0.53 1.96
C GLU A 9 14.40 -0.46 3.17
N THR A 10 13.80 -1.59 3.54
CA THR A 10 12.90 -1.65 4.68
C THR A 10 13.50 -0.94 5.89
N VAL A 11 12.82 0.09 6.37
CA VAL A 11 13.28 0.85 7.52
C VAL A 11 12.50 0.47 8.78
N CYS A 12 12.86 1.10 9.89
CA CYS A 12 12.20 0.83 11.16
C CYS A 12 10.68 0.73 10.98
N TRP A 13 10.15 -0.47 11.16
CA TRP A 13 8.72 -0.71 11.01
C TRP A 13 8.28 -1.94 11.79
N GLY A 14 7.01 -1.96 12.20
CA GLY A 14 6.49 -3.09 12.95
C GLY A 14 6.45 -4.36 12.14
N HIS A 15 6.12 -4.23 10.85
CA HIS A 15 6.04 -5.38 9.96
C HIS A 15 5.95 -4.93 8.50
N VAL A 16 6.45 -5.78 7.60
CA VAL A 16 6.43 -5.46 6.18
C VAL A 16 6.10 -6.71 5.35
N GLU A 17 4.95 -6.68 4.70
CA GLU A 17 4.51 -7.81 3.88
C GLU A 17 4.15 -7.34 2.47
N GLU A 18 4.20 -8.26 1.51
CA GLU A 18 3.87 -7.95 0.12
C GLU A 18 2.53 -8.55 -0.27
N VAL A 19 1.57 -7.69 -0.60
CA VAL A 19 0.24 -8.13 -1.00
C VAL A 19 0.15 -8.33 -2.51
N GLU A 20 -0.23 -9.54 -2.91
CA GLU A 20 -0.36 -9.87 -4.32
C GLU A 20 -1.83 -9.94 -4.74
N LEU A 21 -2.25 -8.97 -5.55
CA LEU A 21 -3.63 -8.92 -6.03
C LEU A 21 -3.68 -8.99 -7.55
N ILE A 22 -4.21 -10.10 -8.06
CA ILE A 22 -4.32 -10.29 -9.51
C ILE A 22 -5.61 -9.66 -10.05
N ASN A 23 -5.45 -8.74 -11.00
CA ASN A 23 -6.61 -8.06 -11.59
C ASN A 23 -7.35 -9.00 -12.54
N ASP A 24 -8.60 -9.30 -12.20
CA ASP A 24 -9.43 -10.18 -13.01
C ASP A 24 -10.04 -9.42 -14.18
N GLY A 25 -10.74 -8.33 -13.87
CA GLY A 25 -11.37 -7.54 -14.90
C GLY A 25 -11.80 -6.17 -14.41
N SER A 26 -12.64 -6.15 -13.38
CA SER A 26 -13.13 -4.90 -12.81
C SER A 26 -11.97 -4.01 -12.37
N GLY A 27 -11.16 -4.52 -11.45
CA GLY A 27 -10.02 -3.77 -10.96
C GLY A 27 -9.65 -4.12 -9.54
N LEU A 28 -8.79 -3.31 -8.93
CA LEU A 28 -8.35 -3.56 -7.56
C LEU A 28 -9.50 -3.30 -6.57
N GLY A 29 -10.18 -2.18 -6.75
CA GLY A 29 -11.29 -1.85 -5.87
C GLY A 29 -10.90 -0.83 -4.82
N PHE A 30 -9.90 -1.17 -4.00
CA PHE A 30 -9.44 -0.29 -2.95
C PHE A 30 -8.96 1.05 -3.52
N GLY A 31 -9.34 2.14 -2.85
CA GLY A 31 -8.95 3.45 -3.31
C GLY A 31 -7.59 3.87 -2.79
N ILE A 32 -7.05 4.96 -3.32
CA ILE A 32 -5.75 5.46 -2.90
C ILE A 32 -5.83 6.93 -2.49
N VAL A 33 -4.88 7.36 -1.67
CA VAL A 33 -4.84 8.74 -1.20
C VAL A 33 -3.40 9.19 -0.94
N GLY A 34 -3.02 10.30 -1.56
CA GLY A 34 -1.68 10.82 -1.39
C GLY A 34 -1.27 10.89 0.06
N GLY A 35 -0.16 10.23 0.40
CA GLY A 35 0.32 10.22 1.76
C GLY A 35 0.43 11.62 2.35
N LYS A 36 0.51 11.71 3.67
CA LYS A 36 0.62 12.99 4.35
C LYS A 36 1.99 13.62 4.10
N THR A 37 3.04 12.83 4.25
CA THR A 37 4.40 13.30 4.04
C THR A 37 5.01 12.70 2.78
N SER A 38 4.68 11.44 2.51
CA SER A 38 5.20 10.74 1.33
C SER A 38 4.56 9.38 1.18
N GLY A 39 4.64 8.82 -0.02
CA GLY A 39 4.05 7.52 -0.28
C GLY A 39 2.56 7.58 -0.50
N VAL A 40 1.96 6.44 -0.81
CA VAL A 40 0.52 6.37 -1.05
C VAL A 40 -0.18 5.60 0.06
N VAL A 41 -1.48 5.88 0.25
CA VAL A 41 -2.26 5.22 1.27
C VAL A 41 -3.57 4.69 0.70
N VAL A 42 -4.17 3.73 1.40
CA VAL A 42 -5.42 3.13 0.97
C VAL A 42 -6.61 3.77 1.68
N ARG A 43 -7.29 4.69 0.99
CA ARG A 43 -8.44 5.36 1.56
C ARG A 43 -9.48 4.36 2.05
N THR A 44 -9.84 3.41 1.19
CA THR A 44 -10.81 2.39 1.54
C THR A 44 -10.66 1.15 0.66
N ILE A 45 -11.14 0.02 1.15
CA ILE A 45 -11.06 -1.23 0.42
C ILE A 45 -12.45 -1.82 0.16
N VAL A 46 -12.93 -1.68 -1.07
CA VAL A 46 -14.24 -2.19 -1.43
C VAL A 46 -14.53 -3.51 -0.73
N PRO A 47 -15.78 -3.67 -0.26
CA PRO A 47 -16.21 -4.90 0.44
C PRO A 47 -16.31 -6.09 -0.50
N GLY A 48 -15.83 -7.24 -0.04
CA GLY A 48 -15.88 -8.45 -0.84
C GLY A 48 -15.41 -8.20 -2.26
N GLY A 49 -14.33 -7.45 -2.41
CA GLY A 49 -13.80 -7.16 -3.74
C GLY A 49 -12.59 -8.02 -4.08
N LEU A 50 -11.45 -7.37 -4.25
CA LEU A 50 -10.22 -8.08 -4.59
C LEU A 50 -9.28 -8.13 -3.39
N ALA A 51 -9.13 -7.02 -2.71
CA ALA A 51 -8.27 -6.93 -1.53
C ALA A 51 -8.96 -7.50 -0.30
N ASP A 52 -10.18 -7.02 -0.05
CA ASP A 52 -10.95 -7.47 1.10
C ASP A 52 -11.07 -8.98 1.12
N ARG A 53 -11.70 -9.53 0.08
CA ARG A 53 -11.87 -10.98 -0.01
C ARG A 53 -10.62 -11.72 0.45
N ASP A 54 -9.53 -11.54 -0.28
CA ASP A 54 -8.27 -12.20 0.06
C ASP A 54 -8.03 -12.15 1.57
N GLY A 55 -8.16 -10.97 2.15
CA GLY A 55 -7.96 -10.82 3.58
C GLY A 55 -6.50 -10.69 3.95
N ARG A 56 -5.73 -10.04 3.09
CA ARG A 56 -4.29 -9.85 3.32
C ARG A 56 -3.96 -8.38 3.50
N LEU A 57 -4.55 -7.54 2.65
CA LEU A 57 -4.31 -6.09 2.71
C LEU A 57 -5.28 -5.43 3.67
N GLN A 58 -4.82 -4.34 4.30
CA GLN A 58 -5.66 -3.61 5.25
C GLN A 58 -5.84 -2.16 4.80
N THR A 59 -6.90 -1.52 5.29
CA THR A 59 -7.19 -0.14 4.94
C THR A 59 -6.08 0.79 5.41
N GLY A 60 -5.81 1.83 4.62
CA GLY A 60 -4.77 2.78 4.97
C GLY A 60 -3.39 2.14 5.02
N ASP A 61 -3.10 1.29 4.04
CA ASP A 61 -1.81 0.61 3.98
C ASP A 61 -0.76 1.53 3.38
N HIS A 62 0.27 1.82 4.17
CA HIS A 62 1.36 2.68 3.71
C HIS A 62 2.15 2.02 2.58
N ILE A 63 1.73 2.27 1.35
CA ILE A 63 2.39 1.69 0.18
C ILE A 63 3.78 2.30 -0.01
N LEU A 64 4.77 1.43 -0.22
CA LEU A 64 6.14 1.87 -0.42
C LEU A 64 6.65 1.45 -1.79
N LYS A 65 6.35 0.21 -2.17
CA LYS A 65 6.79 -0.33 -3.46
C LYS A 65 5.63 -1.00 -4.18
N ILE A 66 5.76 -1.13 -5.49
CA ILE A 66 4.72 -1.76 -6.30
C ILE A 66 5.31 -2.42 -7.55
N GLY A 67 5.39 -3.75 -7.54
CA GLY A 67 5.93 -4.47 -8.68
C GLY A 67 7.24 -3.86 -9.17
N GLY A 68 8.06 -3.39 -8.23
CA GLY A 68 9.32 -2.79 -8.60
C GLY A 68 9.21 -1.32 -8.94
N THR A 69 8.26 -0.64 -8.30
CA THR A 69 8.05 0.78 -8.54
C THR A 69 8.31 1.60 -7.28
N ASN A 70 8.99 2.72 -7.45
CA ASN A 70 9.31 3.60 -6.33
C ASN A 70 8.19 4.59 -6.08
N VAL A 71 7.13 4.13 -5.43
CA VAL A 71 5.98 4.97 -5.12
C VAL A 71 6.16 5.67 -3.77
N GLN A 72 7.41 5.89 -3.39
CA GLN A 72 7.71 6.55 -2.13
C GLN A 72 8.08 8.01 -2.35
N GLY A 73 8.83 8.28 -3.42
CA GLY A 73 9.24 9.63 -3.72
C GLY A 73 8.23 10.36 -4.58
N MET A 74 7.31 9.61 -5.19
CA MET A 74 6.28 10.20 -6.04
C MET A 74 4.93 10.22 -5.33
N THR A 75 3.97 10.94 -5.90
CA THR A 75 2.65 11.04 -5.32
C THR A 75 1.70 10.02 -5.93
N SER A 76 0.61 9.72 -5.22
CA SER A 76 -0.37 8.75 -5.69
C SER A 76 -0.81 9.08 -7.11
N GLU A 77 -0.93 10.37 -7.40
CA GLU A 77 -1.34 10.81 -8.73
C GLU A 77 -0.52 10.13 -9.82
N GLN A 78 0.77 9.98 -9.56
CA GLN A 78 1.67 9.34 -10.52
C GLN A 78 1.66 7.83 -10.35
N VAL A 79 1.11 7.36 -9.24
CA VAL A 79 1.03 5.93 -8.96
C VAL A 79 -0.13 5.29 -9.70
N ALA A 80 -1.26 5.99 -9.76
CA ALA A 80 -2.44 5.49 -10.44
C ALA A 80 -2.06 4.73 -11.71
N GLN A 81 -1.21 5.34 -12.53
CA GLN A 81 -0.77 4.72 -13.77
C GLN A 81 0.10 3.50 -13.49
N VAL A 82 0.93 3.59 -12.46
CA VAL A 82 1.81 2.49 -12.09
C VAL A 82 1.02 1.19 -11.92
N LEU A 83 -0.02 1.24 -11.11
CA LEU A 83 -0.86 0.07 -10.86
C LEU A 83 -1.41 -0.50 -12.16
N ARG A 84 -1.76 0.40 -13.08
CA ARG A 84 -2.31 -0.02 -14.38
C ARG A 84 -1.21 -0.64 -15.24
N ASN A 85 -0.02 -0.06 -15.19
CA ASN A 85 1.10 -0.56 -15.98
C ASN A 85 1.48 -1.98 -15.55
N CYS A 86 1.55 -2.20 -14.24
CA CYS A 86 1.90 -3.51 -13.71
C CYS A 86 1.34 -4.62 -14.58
N GLY A 87 0.01 -4.62 -14.75
CA GLY A 87 -0.63 -5.63 -15.56
C GLY A 87 -1.71 -6.39 -14.79
N ASN A 88 -1.45 -7.67 -14.54
CA ASN A 88 -2.39 -8.51 -13.82
C ASN A 88 -1.98 -8.67 -12.36
N SER A 89 -0.83 -9.30 -12.13
CA SER A 89 -0.32 -9.52 -10.79
C SER A 89 0.29 -8.24 -10.22
N VAL A 90 -0.34 -7.70 -9.19
CA VAL A 90 0.14 -6.48 -8.55
C VAL A 90 0.67 -6.76 -7.15
N ARG A 91 1.99 -6.66 -6.99
CA ARG A 91 2.61 -6.90 -5.70
C ARG A 91 3.06 -5.58 -5.05
N MET A 92 2.34 -5.18 -4.01
CA MET A 92 2.66 -3.94 -3.31
C MET A 92 3.19 -4.23 -1.91
N LEU A 93 4.16 -3.43 -1.47
CA LEU A 93 4.76 -3.61 -0.15
C LEU A 93 4.12 -2.67 0.86
N VAL A 94 3.21 -3.21 1.67
CA VAL A 94 2.53 -2.42 2.69
C VAL A 94 3.12 -2.66 4.07
N ALA A 95 3.19 -1.61 4.87
CA ALA A 95 3.73 -1.70 6.22
C ALA A 95 2.75 -1.16 7.25
N ARG A 96 2.80 -1.71 8.46
CA ARG A 96 1.92 -1.28 9.53
C ARG A 96 2.61 -1.39 10.89
N ASP A 97 1.97 -0.87 11.93
CA ASP A 97 2.51 -0.91 13.27
C ASP A 97 3.87 -0.21 13.33
N PRO A 98 3.90 1.05 12.88
CA PRO A 98 5.13 1.86 12.87
C PRO A 98 5.59 2.23 14.27
N ALA A 99 6.83 1.85 14.60
CA ALA A 99 7.39 2.16 15.91
C ALA A 99 6.99 3.55 16.38
N GLY A 100 6.88 3.73 17.68
CA GLY A 100 6.51 5.02 18.23
C GLY A 100 5.32 4.94 19.17
N ASP A 101 4.83 6.09 19.60
CA ASP A 101 3.68 6.14 20.51
C ASP A 101 2.47 6.73 19.82
N ILE A 102 2.24 6.32 18.58
CA ILE A 102 1.09 6.81 17.81
C ILE A 102 -0.21 6.61 18.56
N SER A 103 -1.27 7.25 18.09
CA SER A 103 -2.58 7.15 18.72
C SER A 103 -3.54 6.33 17.87
N VAL A 104 -3.71 5.06 18.25
CA VAL A 104 -4.61 4.17 17.51
C VAL A 104 -5.93 4.86 17.19
N THR A 105 -6.53 4.47 16.06
CA THR A 105 -7.80 5.05 15.64
C THR A 105 -8.96 4.49 16.44
N SER A 106 -9.04 3.16 16.51
CA SER A 106 -10.10 2.49 17.24
C SER A 106 -11.46 3.09 16.90
N GLY A 107 -11.67 3.36 15.62
CA GLY A 107 -12.93 3.92 15.18
C GLY A 107 -13.35 3.43 13.80
N PRO A 108 -14.66 3.32 13.59
CA PRO A 108 -15.22 2.86 12.31
C PRO A 108 -15.01 3.87 11.18
N SER A 109 -14.77 3.37 9.98
CA SER A 109 -14.55 4.23 8.83
C SER A 109 -15.53 3.90 7.70
N SER A 110 -16.70 4.54 7.75
CA SER A 110 -17.73 4.31 6.74
C SER A 110 -17.98 5.58 5.93
N GLY A 111 -17.98 5.44 4.61
CA GLY A 111 -18.22 6.57 3.74
C GLY A 111 -16.93 7.20 3.24
N GLY A 1 25.14 -0.57 -11.04
CA GLY A 1 24.14 -1.25 -11.84
C GLY A 1 22.72 -0.89 -11.43
N SER A 2 21.77 -1.77 -11.73
CA SER A 2 20.38 -1.53 -11.39
C SER A 2 20.09 -1.93 -9.95
N SER A 3 18.95 -1.47 -9.44
CA SER A 3 18.55 -1.77 -8.06
C SER A 3 18.44 -3.28 -7.85
N GLY A 4 19.28 -3.80 -6.96
CA GLY A 4 19.27 -5.23 -6.68
C GLY A 4 17.94 -5.69 -6.12
N SER A 5 17.26 -6.55 -6.86
CA SER A 5 15.96 -7.07 -6.44
C SER A 5 16.07 -7.77 -5.09
N SER A 6 15.21 -7.40 -4.15
CA SER A 6 15.21 -7.99 -2.82
C SER A 6 13.80 -8.11 -2.28
N GLY A 7 13.68 -8.71 -1.08
CA GLY A 7 12.37 -8.87 -0.47
C GLY A 7 12.04 -7.76 0.50
N PRO A 8 11.08 -8.03 1.41
CA PRO A 8 10.65 -7.05 2.41
C PRO A 8 11.72 -6.81 3.47
N GLU A 9 11.80 -5.57 3.95
CA GLU A 9 12.78 -5.21 4.97
C GLU A 9 12.11 -4.48 6.13
N THR A 10 11.89 -5.22 7.22
CA THR A 10 11.25 -4.63 8.41
C THR A 10 12.25 -3.84 9.23
N VAL A 11 13.07 -3.03 8.56
CA VAL A 11 14.06 -2.21 9.24
C VAL A 11 13.50 -1.59 10.50
N CYS A 12 12.60 -0.63 10.33
CA CYS A 12 11.98 0.05 11.46
C CYS A 12 10.47 -0.17 11.48
N TRP A 13 10.06 -1.38 11.07
CA TRP A 13 8.64 -1.72 11.04
C TRP A 13 8.36 -2.94 11.91
N GLY A 14 7.08 -3.25 12.08
CA GLY A 14 6.70 -4.40 12.89
C GLY A 14 6.04 -5.50 12.07
N HIS A 15 5.20 -5.10 11.12
CA HIS A 15 4.50 -6.04 10.26
C HIS A 15 4.63 -5.65 8.80
N VAL A 16 5.49 -6.35 8.06
CA VAL A 16 5.69 -6.07 6.64
C VAL A 16 5.37 -7.29 5.79
N GLU A 17 4.48 -7.11 4.82
CA GLU A 17 4.08 -8.19 3.93
C GLU A 17 3.69 -7.66 2.56
N GLU A 18 4.09 -8.37 1.51
CA GLU A 18 3.78 -7.97 0.14
C GLU A 18 2.45 -8.53 -0.30
N VAL A 19 1.48 -7.64 -0.57
CA VAL A 19 0.15 -8.07 -1.00
C VAL A 19 0.10 -8.20 -2.52
N GLU A 20 -0.62 -9.22 -2.98
CA GLU A 20 -0.76 -9.47 -4.42
C GLU A 20 -2.23 -9.44 -4.83
N LEU A 21 -2.53 -8.65 -5.86
CA LEU A 21 -3.89 -8.54 -6.35
C LEU A 21 -3.93 -8.59 -7.88
N ILE A 22 -4.66 -9.55 -8.43
CA ILE A 22 -4.78 -9.71 -9.87
C ILE A 22 -6.02 -8.99 -10.40
N ASN A 23 -5.82 -8.10 -11.36
CA ASN A 23 -6.92 -7.36 -11.95
C ASN A 23 -7.86 -8.29 -12.71
N ASP A 24 -9.07 -8.47 -12.18
CA ASP A 24 -10.06 -9.34 -12.82
C ASP A 24 -11.31 -8.55 -13.18
N GLY A 25 -11.12 -7.36 -13.76
CA GLY A 25 -12.24 -6.53 -14.15
C GLY A 25 -11.86 -5.08 -14.27
N SER A 26 -10.71 -4.81 -14.86
CA SER A 26 -10.22 -3.44 -15.04
C SER A 26 -10.55 -2.59 -13.82
N GLY A 27 -10.57 -3.23 -12.65
CA GLY A 27 -10.88 -2.51 -11.42
C GLY A 27 -10.31 -3.20 -10.21
N LEU A 28 -9.51 -2.48 -9.43
CA LEU A 28 -8.91 -3.03 -8.22
C LEU A 28 -9.91 -3.03 -7.07
N GLY A 29 -10.62 -1.93 -6.91
CA GLY A 29 -11.60 -1.83 -5.84
C GLY A 29 -11.16 -0.89 -4.73
N PHE A 30 -9.98 -1.15 -4.18
CA PHE A 30 -9.44 -0.32 -3.11
C PHE A 30 -8.92 1.01 -3.64
N GLY A 31 -9.21 2.09 -2.93
CA GLY A 31 -8.78 3.40 -3.36
C GLY A 31 -7.44 3.79 -2.75
N ILE A 32 -6.79 4.78 -3.35
CA ILE A 32 -5.49 5.24 -2.86
C ILE A 32 -5.55 6.72 -2.47
N VAL A 33 -4.61 7.13 -1.62
CA VAL A 33 -4.55 8.52 -1.18
C VAL A 33 -3.12 8.93 -0.85
N GLY A 34 -2.66 10.01 -1.48
CA GLY A 34 -1.32 10.49 -1.25
C GLY A 34 -1.15 11.13 0.11
N GLY A 35 -0.54 10.40 1.04
CA GLY A 35 -0.33 10.91 2.38
C GLY A 35 0.54 12.15 2.40
N LYS A 36 0.62 12.79 3.56
CA LYS A 36 1.44 13.99 3.71
C LYS A 36 2.91 13.65 3.86
N THR A 37 3.22 12.83 4.86
CA THR A 37 4.60 12.42 5.11
C THR A 37 4.80 10.95 4.77
N SER A 38 4.14 10.48 3.72
CA SER A 38 4.24 9.09 3.30
C SER A 38 3.87 8.93 1.83
N GLY A 39 4.40 7.89 1.20
CA GLY A 39 4.11 7.65 -0.20
C GLY A 39 2.61 7.58 -0.48
N VAL A 40 2.11 6.37 -0.71
CA VAL A 40 0.70 6.17 -0.99
C VAL A 40 0.02 5.40 0.13
N VAL A 41 -1.27 5.69 0.34
CA VAL A 41 -2.04 5.02 1.39
C VAL A 41 -3.37 4.52 0.85
N VAL A 42 -3.93 3.52 1.52
CA VAL A 42 -5.21 2.94 1.10
C VAL A 42 -6.36 3.57 1.87
N ARG A 43 -7.04 4.51 1.23
CA ARG A 43 -8.18 5.19 1.86
C ARG A 43 -9.23 4.19 2.32
N THR A 44 -9.70 3.37 1.39
CA THR A 44 -10.72 2.37 1.70
C THR A 44 -10.49 1.09 0.90
N ILE A 45 -11.27 0.06 1.19
CA ILE A 45 -11.15 -1.22 0.50
C ILE A 45 -12.51 -1.89 0.38
N VAL A 46 -13.02 -1.98 -0.85
CA VAL A 46 -14.31 -2.62 -1.09
C VAL A 46 -14.38 -4.00 -0.46
N PRO A 47 -15.44 -4.22 0.34
CA PRO A 47 -15.64 -5.51 1.03
C PRO A 47 -15.99 -6.63 0.06
N GLY A 48 -15.54 -7.84 0.38
CA GLY A 48 -15.80 -8.98 -0.47
C GLY A 48 -15.61 -8.68 -1.94
N GLY A 49 -14.51 -8.00 -2.26
CA GLY A 49 -14.23 -7.66 -3.64
C GLY A 49 -12.97 -8.31 -4.16
N LEU A 50 -11.91 -7.53 -4.32
CA LEU A 50 -10.64 -8.06 -4.82
C LEU A 50 -9.63 -8.16 -3.69
N ALA A 51 -9.42 -7.06 -2.98
CA ALA A 51 -8.47 -7.03 -1.87
C ALA A 51 -9.05 -7.70 -0.63
N ASP A 52 -10.28 -7.32 -0.29
CA ASP A 52 -10.94 -7.89 0.88
C ASP A 52 -10.99 -9.41 0.80
N ARG A 53 -11.56 -9.93 -0.28
CA ARG A 53 -11.66 -11.37 -0.48
C ARG A 53 -10.45 -12.09 0.10
N ASP A 54 -9.26 -11.62 -0.28
CA ASP A 54 -8.02 -12.22 0.20
C ASP A 54 -7.92 -12.12 1.72
N GLY A 55 -8.16 -10.91 2.24
CA GLY A 55 -8.08 -10.70 3.67
C GLY A 55 -6.66 -10.50 4.16
N ARG A 56 -5.85 -9.83 3.36
CA ARG A 56 -4.45 -9.57 3.71
C ARG A 56 -4.19 -8.08 3.83
N LEU A 57 -4.62 -7.32 2.82
CA LEU A 57 -4.43 -5.88 2.81
C LEU A 57 -5.41 -5.19 3.76
N GLN A 58 -4.93 -4.18 4.47
CA GLN A 58 -5.77 -3.43 5.41
C GLN A 58 -5.95 -2.00 4.94
N THR A 59 -6.98 -1.34 5.49
CA THR A 59 -7.26 0.05 5.13
C THR A 59 -6.21 0.99 5.70
N GLY A 60 -5.65 1.83 4.83
CA GLY A 60 -4.62 2.76 5.26
C GLY A 60 -3.25 2.14 5.34
N ASP A 61 -2.92 1.31 4.36
CA ASP A 61 -1.62 0.65 4.31
C ASP A 61 -0.57 1.54 3.67
N HIS A 62 0.51 1.80 4.39
CA HIS A 62 1.59 2.64 3.89
C HIS A 62 2.36 1.92 2.78
N ILE A 63 1.91 2.11 1.54
CA ILE A 63 2.56 1.48 0.40
C ILE A 63 3.99 2.00 0.23
N LEU A 64 4.96 1.14 0.50
CA LEU A 64 6.36 1.50 0.37
C LEU A 64 6.79 1.53 -1.09
N LYS A 65 6.51 0.44 -1.81
CA LYS A 65 6.85 0.34 -3.22
C LYS A 65 5.95 -0.66 -3.93
N ILE A 66 5.71 -0.43 -5.22
CA ILE A 66 4.87 -1.31 -6.01
C ILE A 66 5.70 -2.11 -7.01
N GLY A 67 5.73 -3.42 -6.85
CA GLY A 67 6.48 -4.28 -7.75
C GLY A 67 7.84 -3.69 -8.10
N GLY A 68 8.58 -3.28 -7.08
CA GLY A 68 9.90 -2.70 -7.29
C GLY A 68 9.83 -1.33 -7.94
N THR A 69 8.83 -0.55 -7.56
CA THR A 69 8.66 0.79 -8.11
C THR A 69 8.79 1.86 -7.03
N ASN A 70 9.26 3.03 -7.42
CA ASN A 70 9.43 4.13 -6.48
C ASN A 70 8.19 5.03 -6.45
N VAL A 71 7.33 4.79 -5.46
CA VAL A 71 6.10 5.57 -5.32
C VAL A 71 6.26 6.64 -4.24
N GLN A 72 6.92 6.28 -3.15
CA GLN A 72 7.14 7.21 -2.05
C GLN A 72 7.70 8.53 -2.56
N GLY A 73 8.67 8.46 -3.46
CA GLY A 73 9.27 9.66 -4.01
C GLY A 73 8.30 10.46 -4.87
N MET A 74 7.36 9.75 -5.49
CA MET A 74 6.37 10.41 -6.35
C MET A 74 5.01 10.47 -5.65
N THR A 75 4.02 11.01 -6.35
CA THR A 75 2.67 11.13 -5.79
C THR A 75 1.75 10.04 -6.33
N SER A 76 0.80 9.62 -5.51
CA SER A 76 -0.13 8.58 -5.90
C SER A 76 -0.63 8.79 -7.33
N GLU A 77 -0.90 10.05 -7.67
CA GLU A 77 -1.38 10.38 -9.01
C GLU A 77 -0.54 9.68 -10.08
N GLN A 78 0.77 9.67 -9.89
CA GLN A 78 1.67 9.03 -10.82
C GLN A 78 1.70 7.52 -10.63
N VAL A 79 1.23 7.08 -9.46
CA VAL A 79 1.19 5.65 -9.15
C VAL A 79 0.05 4.96 -9.88
N ALA A 80 -1.06 5.67 -10.04
CA ALA A 80 -2.23 5.13 -10.72
C ALA A 80 -1.83 4.40 -11.99
N GLN A 81 -1.09 5.09 -12.86
CA GLN A 81 -0.64 4.50 -14.13
C GLN A 81 0.30 3.32 -13.87
N VAL A 82 1.13 3.45 -12.85
CA VAL A 82 2.07 2.39 -12.50
C VAL A 82 1.36 1.08 -12.22
N LEU A 83 0.13 1.18 -11.70
CA LEU A 83 -0.65 -0.01 -11.39
C LEU A 83 -1.25 -0.61 -12.65
N ARG A 84 -2.04 0.18 -13.37
CA ARG A 84 -2.67 -0.27 -14.60
C ARG A 84 -1.64 -0.81 -15.58
N ASN A 85 -0.54 -0.08 -15.73
CA ASN A 85 0.53 -0.48 -16.64
C ASN A 85 1.09 -1.84 -16.25
N CYS A 86 1.53 -1.96 -15.00
CA CYS A 86 2.09 -3.22 -14.50
C CYS A 86 1.38 -4.41 -15.13
N GLY A 87 0.05 -4.36 -15.16
CA GLY A 87 -0.72 -5.44 -15.74
C GLY A 87 -1.79 -5.95 -14.79
N ASN A 88 -1.99 -7.26 -14.78
CA ASN A 88 -3.00 -7.87 -13.92
C ASN A 88 -2.43 -8.14 -12.52
N SER A 89 -1.37 -8.92 -12.46
CA SER A 89 -0.73 -9.25 -11.19
C SER A 89 -0.02 -8.04 -10.61
N VAL A 90 -0.55 -7.54 -9.48
CA VAL A 90 0.04 -6.38 -8.82
C VAL A 90 0.52 -6.74 -7.42
N ARG A 91 1.81 -6.51 -7.17
CA ARG A 91 2.39 -6.80 -5.86
C ARG A 91 2.84 -5.51 -5.16
N MET A 92 2.15 -5.17 -4.07
CA MET A 92 2.48 -3.98 -3.32
C MET A 92 3.05 -4.33 -1.95
N LEU A 93 4.01 -3.54 -1.48
CA LEU A 93 4.64 -3.78 -0.19
C LEU A 93 4.07 -2.85 0.87
N VAL A 94 3.11 -3.35 1.65
CA VAL A 94 2.48 -2.56 2.69
C VAL A 94 3.12 -2.85 4.05
N ALA A 95 3.24 -1.80 4.87
CA ALA A 95 3.84 -1.94 6.20
C ALA A 95 3.28 -0.90 7.16
N ARG A 96 3.03 -1.32 8.39
CA ARG A 96 2.49 -0.43 9.41
C ARG A 96 3.12 -0.70 10.77
N ASP A 97 2.75 0.10 11.76
CA ASP A 97 3.28 -0.06 13.11
C ASP A 97 4.76 0.33 13.17
N PRO A 98 5.07 1.55 12.69
CA PRO A 98 6.43 2.07 12.67
C PRO A 98 6.96 2.37 14.08
N ALA A 99 8.12 3.02 14.15
CA ALA A 99 8.72 3.37 15.42
C ALA A 99 8.10 4.63 16.00
N GLY A 100 7.13 4.45 16.89
CA GLY A 100 6.46 5.59 17.51
C GLY A 100 5.38 6.17 16.63
N ASP A 101 4.38 6.79 17.25
CA ASP A 101 3.29 7.39 16.50
C ASP A 101 3.16 8.88 16.83
N ILE A 102 3.22 9.71 15.79
CA ILE A 102 3.11 11.15 15.97
C ILE A 102 1.69 11.65 15.67
N SER A 103 1.02 10.97 14.75
CA SER A 103 -0.33 11.33 14.37
C SER A 103 -1.28 11.23 15.57
N VAL A 104 -2.23 12.15 15.65
CA VAL A 104 -3.19 12.17 16.75
C VAL A 104 -4.05 10.90 16.74
N THR A 105 -4.08 10.22 17.87
CA THR A 105 -4.87 8.99 18.00
C THR A 105 -5.71 9.00 19.27
N SER A 106 -6.96 8.58 19.14
CA SER A 106 -7.87 8.55 20.29
C SER A 106 -7.18 7.94 21.51
N GLY A 107 -7.21 8.68 22.62
CA GLY A 107 -6.60 8.22 23.84
C GLY A 107 -7.54 8.22 25.01
N PRO A 108 -7.29 7.35 26.00
CA PRO A 108 -8.12 7.24 27.20
C PRO A 108 -8.00 8.45 28.11
N SER A 109 -9.02 9.30 28.10
CA SER A 109 -9.02 10.51 28.92
C SER A 109 -10.44 10.86 29.36
N SER A 110 -10.55 11.57 30.48
CA SER A 110 -11.85 11.96 31.01
C SER A 110 -12.64 12.72 29.95
N GLY A 111 -13.79 12.15 29.55
CA GLY A 111 -14.63 12.79 28.56
C GLY A 111 -15.97 13.21 29.11
N GLY A 1 8.12 -19.52 11.82
CA GLY A 1 8.45 -18.93 10.53
C GLY A 1 9.46 -19.76 9.76
N SER A 2 10.42 -19.08 9.14
CA SER A 2 11.45 -19.77 8.36
C SER A 2 10.83 -20.86 7.50
N SER A 3 9.68 -20.55 6.89
CA SER A 3 8.98 -21.51 6.03
C SER A 3 9.32 -21.28 4.56
N GLY A 4 10.34 -21.97 4.08
CA GLY A 4 10.75 -21.82 2.69
C GLY A 4 11.48 -20.51 2.44
N SER A 5 11.27 -19.94 1.26
CA SER A 5 11.91 -18.68 0.90
C SER A 5 11.01 -17.49 1.22
N SER A 6 11.37 -16.75 2.26
CA SER A 6 10.60 -15.59 2.68
C SER A 6 11.49 -14.58 3.40
N GLY A 7 11.59 -13.37 2.82
CA GLY A 7 12.40 -12.34 3.43
C GLY A 7 12.01 -10.95 2.95
N PRO A 8 10.98 -10.37 3.60
CA PRO A 8 10.49 -9.04 3.25
C PRO A 8 11.48 -7.93 3.64
N GLU A 9 11.07 -6.69 3.42
CA GLU A 9 11.92 -5.54 3.74
C GLU A 9 11.50 -4.91 5.06
N THR A 10 12.05 -5.42 6.15
CA THR A 10 11.73 -4.91 7.48
C THR A 10 12.90 -4.10 8.05
N VAL A 11 12.88 -2.80 7.80
CA VAL A 11 13.93 -1.90 8.29
C VAL A 11 13.55 -1.28 9.63
N CYS A 12 12.53 -0.42 9.60
CA CYS A 12 12.07 0.25 10.81
C CYS A 12 10.56 0.09 10.98
N TRP A 13 10.05 -1.09 10.67
CA TRP A 13 8.62 -1.36 10.77
C TRP A 13 8.36 -2.51 11.74
N GLY A 14 7.07 -2.77 12.01
CA GLY A 14 6.71 -3.83 12.92
C GLY A 14 6.09 -5.02 12.21
N HIS A 15 5.25 -4.74 11.22
CA HIS A 15 4.58 -5.79 10.45
C HIS A 15 4.66 -5.51 8.95
N VAL A 16 5.55 -6.22 8.28
CA VAL A 16 5.74 -6.04 6.83
C VAL A 16 5.30 -7.28 6.07
N GLU A 17 4.39 -7.11 5.12
CA GLU A 17 3.89 -8.22 4.31
C GLU A 17 3.50 -7.74 2.91
N GLU A 18 3.93 -8.47 1.90
CA GLU A 18 3.62 -8.12 0.52
C GLU A 18 2.27 -8.69 0.12
N VAL A 19 1.48 -7.87 -0.59
CA VAL A 19 0.15 -8.29 -1.04
C VAL A 19 0.14 -8.53 -2.54
N GLU A 20 -0.61 -9.55 -2.96
CA GLU A 20 -0.70 -9.90 -4.38
C GLU A 20 -2.16 -9.90 -4.84
N LEU A 21 -2.49 -8.98 -5.73
CA LEU A 21 -3.86 -8.87 -6.25
C LEU A 21 -3.85 -8.86 -7.77
N ILE A 22 -4.62 -9.77 -8.36
CA ILE A 22 -4.71 -9.87 -9.81
C ILE A 22 -5.98 -9.19 -10.33
N ASN A 23 -5.81 -8.22 -11.22
CA ASN A 23 -6.93 -7.49 -11.79
C ASN A 23 -7.83 -8.43 -12.60
N ASP A 24 -9.07 -8.57 -12.17
CA ASP A 24 -10.02 -9.44 -12.85
C ASP A 24 -10.76 -8.68 -13.94
N GLY A 25 -10.05 -7.80 -14.64
CA GLY A 25 -10.65 -7.02 -15.70
C GLY A 25 -11.36 -5.77 -15.17
N SER A 26 -12.11 -5.94 -14.09
CA SER A 26 -12.84 -4.82 -13.50
C SER A 26 -11.87 -3.79 -12.93
N GLY A 27 -11.10 -4.19 -11.93
CA GLY A 27 -10.14 -3.29 -11.32
C GLY A 27 -9.57 -3.84 -10.03
N LEU A 28 -9.42 -2.96 -9.04
CA LEU A 28 -8.87 -3.36 -7.74
C LEU A 28 -9.94 -3.27 -6.66
N GLY A 29 -10.63 -2.14 -6.60
CA GLY A 29 -11.67 -1.95 -5.62
C GLY A 29 -11.26 -0.99 -4.51
N PHE A 30 -10.04 -1.17 -4.00
CA PHE A 30 -9.52 -0.32 -2.93
C PHE A 30 -9.09 1.04 -3.50
N GLY A 31 -9.53 2.11 -2.84
CA GLY A 31 -9.18 3.45 -3.29
C GLY A 31 -7.84 3.90 -2.76
N ILE A 32 -7.28 4.94 -3.36
CA ILE A 32 -5.98 5.47 -2.94
C ILE A 32 -6.11 6.92 -2.46
N VAL A 33 -5.19 7.32 -1.60
CA VAL A 33 -5.20 8.68 -1.06
C VAL A 33 -3.79 9.17 -0.77
N GLY A 34 -3.43 10.32 -1.35
CA GLY A 34 -2.10 10.87 -1.15
C GLY A 34 -1.96 11.54 0.20
N GLY A 35 -1.61 10.77 1.23
CA GLY A 35 -1.45 11.32 2.56
C GLY A 35 -0.34 12.37 2.62
N LYS A 36 -0.38 13.20 3.65
CA LYS A 36 0.62 14.25 3.83
C LYS A 36 2.01 13.71 3.53
N THR A 37 2.37 12.60 4.17
CA THR A 37 3.68 11.99 3.97
C THR A 37 3.75 11.25 2.65
N SER A 38 4.96 10.96 2.21
CA SER A 38 5.16 10.25 0.94
C SER A 38 4.55 8.86 1.00
N GLY A 39 4.28 8.29 -0.18
CA GLY A 39 3.70 6.97 -0.24
C GLY A 39 2.18 7.01 -0.33
N VAL A 40 1.62 6.23 -1.25
CA VAL A 40 0.17 6.19 -1.43
C VAL A 40 -0.49 5.38 -0.32
N VAL A 41 -1.58 5.92 0.22
CA VAL A 41 -2.31 5.25 1.28
C VAL A 41 -3.63 4.66 0.77
N VAL A 42 -4.14 3.67 1.48
CA VAL A 42 -5.39 3.02 1.10
C VAL A 42 -6.57 3.61 1.85
N ARG A 43 -7.35 4.45 1.18
CA ARG A 43 -8.50 5.08 1.79
C ARG A 43 -9.49 4.03 2.30
N THR A 44 -10.03 3.24 1.39
CA THR A 44 -10.99 2.21 1.75
C THR A 44 -10.80 0.96 0.89
N ILE A 45 -11.37 -0.15 1.33
CA ILE A 45 -11.26 -1.41 0.60
C ILE A 45 -12.61 -2.09 0.48
N VAL A 46 -13.21 -1.99 -0.71
CA VAL A 46 -14.52 -2.61 -0.96
C VAL A 46 -14.66 -3.91 -0.19
N PRO A 47 -15.78 -4.06 0.54
CA PRO A 47 -16.07 -5.26 1.33
C PRO A 47 -16.37 -6.46 0.45
N GLY A 48 -15.82 -7.62 0.83
CA GLY A 48 -16.04 -8.84 0.06
C GLY A 48 -15.81 -8.64 -1.42
N GLY A 49 -14.73 -7.92 -1.76
CA GLY A 49 -14.42 -7.67 -3.15
C GLY A 49 -13.21 -8.45 -3.62
N LEU A 50 -12.13 -7.73 -3.94
CA LEU A 50 -10.90 -8.37 -4.40
C LEU A 50 -9.83 -8.34 -3.31
N ALA A 51 -9.69 -7.20 -2.65
CA ALA A 51 -8.72 -7.05 -1.58
C ALA A 51 -9.25 -7.59 -0.26
N ASP A 52 -10.48 -7.19 0.08
CA ASP A 52 -11.11 -7.64 1.32
C ASP A 52 -11.19 -9.16 1.37
N ARG A 53 -11.96 -9.74 0.46
CA ARG A 53 -12.14 -11.18 0.39
C ARG A 53 -10.81 -11.89 0.67
N ASP A 54 -9.77 -11.48 -0.04
CA ASP A 54 -8.45 -12.08 0.13
C ASP A 54 -8.03 -12.06 1.60
N GLY A 55 -8.22 -10.91 2.25
CA GLY A 55 -7.85 -10.79 3.64
C GLY A 55 -6.35 -10.66 3.84
N ARG A 56 -5.71 -9.93 2.94
CA ARG A 56 -4.26 -9.73 3.02
C ARG A 56 -3.92 -8.25 3.22
N LEU A 57 -4.52 -7.40 2.39
CA LEU A 57 -4.29 -5.96 2.48
C LEU A 57 -5.24 -5.31 3.47
N GLN A 58 -4.73 -4.35 4.23
CA GLN A 58 -5.54 -3.64 5.23
C GLN A 58 -5.69 -2.17 4.85
N THR A 59 -6.77 -1.55 5.35
CA THR A 59 -7.04 -0.15 5.07
C THR A 59 -5.91 0.74 5.56
N GLY A 60 -5.59 1.77 4.79
CA GLY A 60 -4.53 2.68 5.17
C GLY A 60 -3.17 2.01 5.20
N ASP A 61 -2.84 1.30 4.13
CA ASP A 61 -1.56 0.60 4.03
C ASP A 61 -0.53 1.44 3.30
N HIS A 62 0.55 1.80 3.99
CA HIS A 62 1.60 2.62 3.40
C HIS A 62 2.32 1.85 2.29
N ILE A 63 2.11 2.29 1.05
CA ILE A 63 2.74 1.64 -0.09
C ILE A 63 4.17 2.13 -0.28
N LEU A 64 5.09 1.18 -0.44
CA LEU A 64 6.51 1.51 -0.62
C LEU A 64 6.91 1.36 -2.09
N LYS A 65 6.54 0.22 -2.68
CA LYS A 65 6.85 -0.05 -4.08
C LYS A 65 5.87 -1.05 -4.68
N ILE A 66 5.60 -0.90 -5.97
CA ILE A 66 4.68 -1.80 -6.66
C ILE A 66 5.41 -2.63 -7.71
N GLY A 67 5.87 -3.81 -7.31
CA GLY A 67 6.57 -4.68 -8.23
C GLY A 67 8.05 -4.33 -8.35
N GLY A 68 8.37 -3.05 -8.22
CA GLY A 68 9.74 -2.61 -8.31
C GLY A 68 9.86 -1.15 -8.68
N THR A 69 8.88 -0.35 -8.27
CA THR A 69 8.87 1.08 -8.56
C THR A 69 8.90 1.90 -7.28
N ASN A 70 9.44 3.11 -7.38
CA ASN A 70 9.53 4.00 -6.22
C ASN A 70 8.30 4.91 -6.15
N VAL A 71 7.35 4.54 -5.28
CA VAL A 71 6.13 5.33 -5.12
C VAL A 71 6.15 6.10 -3.80
N GLN A 72 6.96 5.62 -2.85
CA GLN A 72 7.06 6.25 -1.55
C GLN A 72 7.91 7.52 -1.63
N GLY A 73 7.43 8.51 -2.39
CA GLY A 73 8.15 9.76 -2.53
C GLY A 73 7.49 10.68 -3.54
N MET A 74 6.79 10.11 -4.51
CA MET A 74 6.10 10.89 -5.52
C MET A 74 4.63 11.06 -5.20
N THR A 75 3.89 11.68 -6.11
CA THR A 75 2.46 11.91 -5.92
C THR A 75 1.65 10.72 -6.41
N SER A 76 0.36 10.69 -6.04
CA SER A 76 -0.52 9.60 -6.44
C SER A 76 -0.75 9.62 -7.95
N GLU A 77 -0.94 10.82 -8.50
CA GLU A 77 -1.17 10.97 -9.93
C GLU A 77 -0.15 10.17 -10.73
N GLN A 78 1.07 10.09 -10.22
CA GLN A 78 2.13 9.35 -10.89
C GLN A 78 2.08 7.87 -10.53
N VAL A 79 1.43 7.55 -9.42
CA VAL A 79 1.30 6.18 -8.97
C VAL A 79 0.19 5.45 -9.72
N ALA A 80 -0.89 6.18 -10.03
CA ALA A 80 -2.02 5.61 -10.75
C ALA A 80 -1.55 4.83 -11.98
N GLN A 81 -0.62 5.42 -12.73
CA GLN A 81 -0.09 4.77 -13.94
C GLN A 81 0.75 3.56 -13.57
N VAL A 82 1.48 3.66 -12.48
CA VAL A 82 2.33 2.56 -12.02
C VAL A 82 1.53 1.26 -11.89
N LEU A 83 0.36 1.37 -11.25
CA LEU A 83 -0.50 0.21 -11.06
C LEU A 83 -0.86 -0.44 -12.39
N ARG A 84 -1.28 0.39 -13.35
CA ARG A 84 -1.66 -0.09 -14.67
C ARG A 84 -0.48 -0.78 -15.35
N ASN A 85 0.70 -0.18 -15.24
CA ASN A 85 1.90 -0.73 -15.85
C ASN A 85 2.05 -2.22 -15.51
N CYS A 86 2.04 -2.53 -14.22
CA CYS A 86 2.18 -3.91 -13.77
C CYS A 86 1.39 -4.85 -14.68
N GLY A 87 0.11 -4.55 -14.85
CA GLY A 87 -0.74 -5.39 -15.69
C GLY A 87 -1.82 -6.10 -14.91
N ASN A 88 -1.85 -7.42 -15.00
CA ASN A 88 -2.84 -8.22 -14.29
C ASN A 88 -2.42 -8.46 -12.84
N SER A 89 -1.23 -9.03 -12.66
CA SER A 89 -0.71 -9.31 -11.33
C SER A 89 -0.06 -8.06 -10.72
N VAL A 90 -0.47 -7.73 -9.51
CA VAL A 90 0.07 -6.56 -8.81
C VAL A 90 0.66 -6.95 -7.46
N ARG A 91 1.95 -6.67 -7.28
CA ARG A 91 2.62 -6.99 -6.02
C ARG A 91 3.06 -5.71 -5.30
N MET A 92 2.28 -5.31 -4.31
CA MET A 92 2.58 -4.11 -3.53
C MET A 92 3.15 -4.47 -2.17
N LEU A 93 4.10 -3.68 -1.70
CA LEU A 93 4.73 -3.91 -0.41
C LEU A 93 4.22 -2.92 0.63
N VAL A 94 3.25 -3.35 1.43
CA VAL A 94 2.68 -2.51 2.47
C VAL A 94 3.36 -2.75 3.82
N ALA A 95 3.40 -1.71 4.65
CA ALA A 95 4.02 -1.82 5.97
C ALA A 95 3.27 -0.98 7.00
N ARG A 96 3.21 -1.47 8.23
CA ARG A 96 2.52 -0.78 9.30
C ARG A 96 3.35 -0.79 10.58
N ASP A 97 2.91 -0.02 11.57
CA ASP A 97 3.61 0.06 12.85
C ASP A 97 5.01 0.65 12.67
N PRO A 98 5.07 1.84 12.06
CA PRO A 98 6.33 2.53 11.81
C PRO A 98 6.98 3.05 13.10
N ALA A 99 8.25 3.41 13.01
CA ALA A 99 8.98 3.91 14.16
C ALA A 99 8.36 5.20 14.68
N GLY A 100 8.43 5.40 15.99
CA GLY A 100 7.87 6.59 16.60
C GLY A 100 6.62 7.07 15.88
N ASP A 101 5.46 6.56 16.31
CA ASP A 101 4.19 6.94 15.70
C ASP A 101 3.86 8.40 16.00
N ILE A 102 3.32 9.09 15.00
CA ILE A 102 2.97 10.50 15.15
C ILE A 102 1.49 10.66 15.52
N SER A 103 1.15 11.78 16.12
CA SER A 103 -0.22 12.06 16.53
C SER A 103 -1.17 11.90 15.34
N VAL A 104 -2.05 10.91 15.42
CA VAL A 104 -3.02 10.65 14.36
C VAL A 104 -4.40 11.16 14.73
N THR A 105 -4.70 12.41 14.36
CA THR A 105 -5.99 13.01 14.66
C THR A 105 -7.07 12.51 13.71
N SER A 106 -6.80 12.61 12.41
CA SER A 106 -7.76 12.18 11.41
C SER A 106 -7.73 10.65 11.25
N GLY A 107 -8.45 9.96 12.13
CA GLY A 107 -8.48 8.51 12.08
C GLY A 107 -9.46 8.00 11.05
N PRO A 108 -9.92 6.75 11.22
CA PRO A 108 -10.87 6.12 10.31
C PRO A 108 -12.26 6.73 10.39
N SER A 109 -13.06 6.52 9.36
CA SER A 109 -14.42 7.06 9.32
C SER A 109 -15.45 5.94 9.38
N SER A 110 -16.49 6.16 10.18
CA SER A 110 -17.55 5.16 10.34
C SER A 110 -18.49 5.17 9.13
N GLY A 111 -19.36 4.16 9.06
CA GLY A 111 -20.29 4.08 7.95
C GLY A 111 -19.60 4.05 6.61
N GLY A 1 29.52 1.55 -17.74
CA GLY A 1 28.32 1.87 -18.50
C GLY A 1 27.09 1.15 -17.99
N SER A 2 26.01 1.90 -17.80
CA SER A 2 24.76 1.33 -17.30
C SER A 2 25.04 0.27 -16.24
N SER A 3 25.99 0.56 -15.35
CA SER A 3 26.35 -0.37 -14.29
C SER A 3 25.85 0.12 -12.94
N GLY A 4 24.93 -0.63 -12.34
CA GLY A 4 24.38 -0.26 -11.05
C GLY A 4 23.61 -1.38 -10.39
N SER A 5 22.74 -1.04 -9.45
CA SER A 5 21.94 -2.04 -8.75
C SER A 5 20.86 -1.36 -7.91
N SER A 6 19.70 -2.01 -7.82
CA SER A 6 18.58 -1.48 -7.05
C SER A 6 18.41 -2.25 -5.74
N GLY A 7 18.55 -1.53 -4.62
CA GLY A 7 18.40 -2.17 -3.33
C GLY A 7 17.23 -1.62 -2.54
N PRO A 8 16.68 -2.43 -1.63
CA PRO A 8 15.54 -2.03 -0.79
C PRO A 8 15.91 -0.98 0.23
N GLU A 9 14.90 -0.33 0.80
CA GLU A 9 15.12 0.70 1.80
C GLU A 9 14.70 0.23 3.19
N THR A 10 15.65 0.21 4.12
CA THR A 10 15.38 -0.23 5.48
C THR A 10 14.68 0.86 6.28
N VAL A 11 13.53 0.52 6.84
CA VAL A 11 12.76 1.48 7.63
C VAL A 11 12.07 0.78 8.80
N CYS A 12 12.00 1.48 9.94
CA CYS A 12 11.36 0.92 11.13
C CYS A 12 9.88 0.65 10.88
N TRP A 13 9.53 -0.63 10.87
CA TRP A 13 8.14 -1.03 10.64
C TRP A 13 7.77 -2.23 11.49
N GLY A 14 6.52 -2.29 11.94
CA GLY A 14 6.07 -3.39 12.76
C GLY A 14 6.06 -4.71 12.00
N HIS A 15 5.60 -4.67 10.76
CA HIS A 15 5.55 -5.87 9.92
C HIS A 15 5.37 -5.50 8.45
N VAL A 16 6.44 -5.68 7.67
CA VAL A 16 6.40 -5.37 6.24
C VAL A 16 6.14 -6.61 5.42
N GLU A 17 5.00 -6.65 4.74
CA GLU A 17 4.63 -7.79 3.92
C GLU A 17 4.29 -7.34 2.50
N GLU A 18 4.34 -8.28 1.56
CA GLU A 18 4.03 -7.98 0.16
C GLU A 18 2.68 -8.59 -0.24
N VAL A 19 1.70 -7.73 -0.49
CA VAL A 19 0.37 -8.18 -0.88
C VAL A 19 0.28 -8.33 -2.40
N GLU A 20 0.06 -9.56 -2.85
CA GLU A 20 -0.06 -9.83 -4.28
C GLU A 20 -1.52 -9.99 -4.69
N LEU A 21 -2.05 -9.00 -5.41
CA LEU A 21 -3.43 -9.03 -5.86
C LEU A 21 -3.50 -9.07 -7.38
N ILE A 22 -4.31 -9.98 -7.90
CA ILE A 22 -4.48 -10.12 -9.35
C ILE A 22 -5.73 -9.39 -9.83
N ASN A 23 -5.58 -8.59 -10.89
CA ASN A 23 -6.69 -7.85 -11.45
C ASN A 23 -7.80 -8.79 -11.92
N ASP A 24 -9.04 -8.49 -11.54
CA ASP A 24 -10.18 -9.30 -11.93
C ASP A 24 -11.03 -8.59 -12.98
N GLY A 25 -10.36 -7.86 -13.87
CA GLY A 25 -11.07 -7.14 -14.92
C GLY A 25 -11.53 -5.77 -14.46
N SER A 26 -11.92 -5.68 -13.19
CA SER A 26 -12.39 -4.41 -12.64
C SER A 26 -11.42 -3.88 -11.59
N GLY A 27 -10.30 -3.33 -12.06
CA GLY A 27 -9.30 -2.79 -11.15
C GLY A 27 -8.94 -3.76 -10.04
N LEU A 28 -8.36 -3.23 -8.97
CA LEU A 28 -7.96 -4.06 -7.83
C LEU A 28 -9.06 -4.07 -6.77
N GLY A 29 -9.61 -2.90 -6.49
CA GLY A 29 -10.66 -2.81 -5.48
C GLY A 29 -10.21 -2.06 -4.24
N PHE A 30 -9.63 -0.88 -4.44
CA PHE A 30 -9.15 -0.08 -3.32
C PHE A 30 -8.65 1.28 -3.80
N GLY A 31 -9.10 2.34 -3.15
CA GLY A 31 -8.69 3.68 -3.53
C GLY A 31 -7.34 4.06 -2.95
N ILE A 32 -6.72 5.08 -3.51
CA ILE A 32 -5.41 5.54 -3.04
C ILE A 32 -5.46 7.00 -2.63
N VAL A 33 -4.62 7.37 -1.67
CA VAL A 33 -4.57 8.75 -1.19
C VAL A 33 -3.16 9.13 -0.75
N GLY A 34 -2.64 10.21 -1.32
CA GLY A 34 -1.30 10.65 -0.97
C GLY A 34 -1.21 11.17 0.45
N GLY A 35 -0.51 10.40 1.30
CA GLY A 35 -0.36 10.80 2.69
C GLY A 35 0.27 12.17 2.84
N LYS A 36 0.60 12.53 4.07
CA LYS A 36 1.22 13.82 4.35
C LYS A 36 2.74 13.72 4.30
N THR A 37 3.26 12.53 4.58
CA THR A 37 4.70 12.30 4.57
C THR A 37 5.04 11.01 3.82
N SER A 38 4.34 9.93 4.15
CA SER A 38 4.57 8.64 3.52
C SER A 38 4.21 8.70 2.04
N GLY A 39 4.48 7.61 1.32
CA GLY A 39 4.18 7.54 -0.09
C GLY A 39 2.69 7.56 -0.36
N VAL A 40 2.16 6.41 -0.78
CA VAL A 40 0.73 6.30 -1.08
C VAL A 40 0.00 5.58 0.04
N VAL A 41 -1.27 5.93 0.23
CA VAL A 41 -2.10 5.32 1.27
C VAL A 41 -3.39 4.75 0.69
N VAL A 42 -3.99 3.81 1.42
CA VAL A 42 -5.24 3.20 0.98
C VAL A 42 -6.45 3.83 1.65
N ARG A 43 -7.19 4.63 0.90
CA ARG A 43 -8.37 5.30 1.42
C ARG A 43 -9.43 4.29 1.83
N THR A 44 -9.75 3.37 0.93
CA THR A 44 -10.76 2.34 1.20
C THR A 44 -10.53 1.12 0.33
N ILE A 45 -10.98 -0.04 0.82
CA ILE A 45 -10.84 -1.29 0.07
C ILE A 45 -12.20 -1.93 -0.17
N VAL A 46 -12.67 -1.86 -1.42
CA VAL A 46 -13.95 -2.45 -1.78
C VAL A 46 -14.22 -3.73 -1.00
N PRO A 47 -15.29 -3.73 -0.19
CA PRO A 47 -15.67 -4.89 0.62
C PRO A 47 -16.18 -6.04 -0.23
N GLY A 48 -15.74 -7.25 0.11
CA GLY A 48 -16.16 -8.43 -0.63
C GLY A 48 -15.83 -8.34 -2.11
N GLY A 49 -14.59 -7.92 -2.41
CA GLY A 49 -14.18 -7.81 -3.79
C GLY A 49 -12.97 -8.66 -4.11
N LEU A 50 -11.81 -8.03 -4.23
CA LEU A 50 -10.58 -8.75 -4.53
C LEU A 50 -9.54 -8.55 -3.43
N ALA A 51 -9.46 -7.32 -2.92
CA ALA A 51 -8.51 -7.00 -1.86
C ALA A 51 -9.03 -7.45 -0.50
N ASP A 52 -10.33 -7.23 -0.27
CA ASP A 52 -10.95 -7.61 0.99
C ASP A 52 -11.17 -9.12 1.05
N ARG A 53 -11.86 -9.66 0.05
CA ARG A 53 -12.14 -11.08 -0.01
C ARG A 53 -10.93 -11.89 0.47
N ASP A 54 -9.79 -11.69 -0.19
CA ASP A 54 -8.57 -12.40 0.17
C ASP A 54 -8.25 -12.21 1.65
N GLY A 55 -8.26 -10.97 2.10
CA GLY A 55 -7.96 -10.67 3.49
C GLY A 55 -6.47 -10.58 3.76
N ARG A 56 -5.75 -9.96 2.83
CA ARG A 56 -4.29 -9.81 2.96
C ARG A 56 -3.93 -8.33 3.13
N LEU A 57 -4.50 -7.49 2.29
CA LEU A 57 -4.23 -6.05 2.34
C LEU A 57 -5.20 -5.35 3.29
N GLN A 58 -4.69 -4.38 4.03
CA GLN A 58 -5.51 -3.62 4.97
C GLN A 58 -5.68 -2.17 4.51
N THR A 59 -6.56 -1.44 5.19
CA THR A 59 -6.82 -0.05 4.85
C THR A 59 -5.62 0.82 5.19
N GLY A 60 -5.64 2.07 4.71
CA GLY A 60 -4.54 2.98 4.96
C GLY A 60 -3.20 2.28 5.03
N ASP A 61 -2.99 1.31 4.15
CA ASP A 61 -1.75 0.55 4.11
C ASP A 61 -0.66 1.35 3.39
N HIS A 62 0.26 1.92 4.17
CA HIS A 62 1.35 2.71 3.61
C HIS A 62 2.12 1.91 2.56
N ILE A 63 1.73 2.09 1.30
CA ILE A 63 2.38 1.38 0.20
C ILE A 63 3.84 1.82 0.06
N LEU A 64 4.76 0.88 0.19
CA LEU A 64 6.17 1.16 0.07
C LEU A 64 6.61 1.18 -1.39
N LYS A 65 6.26 0.11 -2.12
CA LYS A 65 6.61 0.00 -3.53
C LYS A 65 5.55 -0.79 -4.28
N ILE A 66 5.60 -0.72 -5.61
CA ILE A 66 4.64 -1.43 -6.45
C ILE A 66 5.34 -2.12 -7.61
N GLY A 67 5.55 -3.43 -7.47
CA GLY A 67 6.21 -4.19 -8.52
C GLY A 67 7.62 -3.72 -8.78
N GLY A 68 8.31 -3.31 -7.71
CA GLY A 68 9.69 -2.84 -7.85
C GLY A 68 9.76 -1.42 -8.38
N THR A 69 8.78 -0.60 -8.01
CA THR A 69 8.73 0.79 -8.45
C THR A 69 8.84 1.75 -7.28
N ASN A 70 9.37 2.93 -7.54
CA ASN A 70 9.53 3.95 -6.50
C ASN A 70 8.29 4.84 -6.42
N VAL A 71 7.33 4.45 -5.60
CA VAL A 71 6.10 5.21 -5.44
C VAL A 71 6.25 6.25 -4.31
N GLN A 72 7.00 5.89 -3.28
CA GLN A 72 7.22 6.78 -2.15
C GLN A 72 7.84 8.10 -2.61
N GLY A 73 8.79 8.00 -3.52
CA GLY A 73 9.45 9.20 -4.02
C GLY A 73 8.52 10.08 -4.83
N MET A 74 7.55 9.47 -5.49
CA MET A 74 6.59 10.21 -6.29
C MET A 74 5.25 10.34 -5.57
N THR A 75 4.28 10.99 -6.21
CA THR A 75 2.96 11.18 -5.63
C THR A 75 1.98 10.13 -6.15
N SER A 76 0.96 9.84 -5.35
CA SER A 76 -0.05 8.87 -5.72
C SER A 76 -0.66 9.19 -7.08
N GLU A 77 -0.85 10.48 -7.34
CA GLU A 77 -1.43 10.92 -8.61
C GLU A 77 -0.73 10.26 -9.78
N GLN A 78 0.59 10.09 -9.67
CA GLN A 78 1.38 9.47 -10.72
C GLN A 78 1.35 7.95 -10.60
N VAL A 79 1.11 7.46 -9.39
CA VAL A 79 1.05 6.02 -9.14
C VAL A 79 -0.19 5.41 -9.77
N ALA A 80 -1.30 6.13 -9.70
CA ALA A 80 -2.57 5.66 -10.26
C ALA A 80 -2.33 4.89 -11.56
N GLN A 81 -1.63 5.52 -12.50
CA GLN A 81 -1.34 4.89 -13.78
C GLN A 81 -0.42 3.69 -13.60
N VAL A 82 0.52 3.80 -12.67
CA VAL A 82 1.47 2.71 -12.41
C VAL A 82 0.74 1.42 -12.10
N LEU A 83 -0.22 1.49 -11.18
CA LEU A 83 -1.00 0.31 -10.79
C LEU A 83 -1.56 -0.39 -12.02
N ARG A 84 -2.21 0.36 -12.90
CA ARG A 84 -2.78 -0.20 -14.11
C ARG A 84 -1.70 -0.78 -15.01
N ASN A 85 -0.62 -0.03 -15.20
CA ASN A 85 0.48 -0.47 -16.03
C ASN A 85 1.01 -1.83 -15.57
N CYS A 86 1.25 -1.95 -14.26
CA CYS A 86 1.76 -3.19 -13.70
C CYS A 86 1.18 -4.40 -14.43
N GLY A 87 -0.14 -4.51 -14.44
CA GLY A 87 -0.78 -5.62 -15.10
C GLY A 87 -1.83 -6.29 -14.23
N ASN A 88 -1.85 -7.62 -14.26
CA ASN A 88 -2.81 -8.39 -13.47
C ASN A 88 -2.33 -8.53 -12.02
N SER A 89 -1.21 -9.22 -11.84
CA SER A 89 -0.65 -9.43 -10.51
C SER A 89 0.12 -8.20 -10.04
N VAL A 90 -0.30 -7.66 -8.91
CA VAL A 90 0.36 -6.47 -8.35
C VAL A 90 0.94 -6.77 -6.97
N ARG A 91 2.25 -6.57 -6.85
CA ARG A 91 2.94 -6.81 -5.59
C ARG A 91 3.32 -5.50 -4.91
N MET A 92 2.61 -5.15 -3.84
CA MET A 92 2.87 -3.92 -3.10
C MET A 92 3.33 -4.23 -1.68
N LEU A 93 4.36 -3.52 -1.23
CA LEU A 93 4.89 -3.71 0.11
C LEU A 93 4.15 -2.84 1.13
N VAL A 94 3.17 -3.44 1.79
CA VAL A 94 2.38 -2.71 2.79
C VAL A 94 2.86 -3.05 4.20
N ALA A 95 2.93 -2.02 5.05
CA ALA A 95 3.36 -2.20 6.43
C ALA A 95 2.32 -1.67 7.41
N ARG A 96 2.51 -1.96 8.69
CA ARG A 96 1.58 -1.51 9.72
C ARG A 96 2.28 -1.42 11.08
N ASP A 97 1.80 -0.51 11.92
CA ASP A 97 2.39 -0.31 13.24
C ASP A 97 3.73 0.40 13.15
N PRO A 98 3.73 1.57 12.50
CA PRO A 98 4.94 2.38 12.33
C PRO A 98 5.42 2.99 13.63
N ALA A 99 6.46 2.40 14.21
CA ALA A 99 7.01 2.89 15.47
C ALA A 99 7.38 4.37 15.37
N GLY A 100 7.70 4.97 16.51
CA GLY A 100 8.07 6.38 16.53
C GLY A 100 7.20 7.19 17.47
N ASP A 101 5.96 7.41 17.07
CA ASP A 101 5.02 8.18 17.89
C ASP A 101 3.61 7.60 17.81
N ILE A 102 3.06 7.27 18.96
CA ILE A 102 1.71 6.70 19.02
C ILE A 102 0.65 7.78 18.94
N SER A 103 -0.46 7.46 18.29
CA SER A 103 -1.56 8.40 18.13
C SER A 103 -2.81 7.92 18.87
N VAL A 104 -3.22 8.66 19.88
CA VAL A 104 -4.40 8.31 20.67
C VAL A 104 -5.53 9.32 20.45
N THR A 105 -6.75 8.82 20.34
CA THR A 105 -7.91 9.68 20.14
C THR A 105 -8.76 9.76 21.40
N SER A 106 -8.93 10.97 21.91
CA SER A 106 -9.71 11.20 23.12
C SER A 106 -9.35 10.17 24.19
N GLY A 107 -8.07 9.91 24.34
CA GLY A 107 -7.61 8.96 25.33
C GLY A 107 -7.98 9.36 26.75
N PRO A 108 -8.00 8.39 27.66
CA PRO A 108 -8.34 8.63 29.07
C PRO A 108 -7.26 9.42 29.80
N SER A 109 -7.63 9.98 30.95
CA SER A 109 -6.69 10.77 31.74
C SER A 109 -6.48 10.14 33.12
N SER A 110 -7.57 10.03 33.87
CA SER A 110 -7.50 9.45 35.21
C SER A 110 -6.77 8.11 35.20
N GLY A 111 -5.59 8.09 35.81
CA GLY A 111 -4.79 6.87 35.85
C GLY A 111 -3.77 6.89 36.97
N GLY A 1 23.65 1.60 -16.82
CA GLY A 1 22.54 2.12 -17.58
C GLY A 1 21.55 2.88 -16.71
N SER A 2 20.42 2.24 -16.42
CA SER A 2 19.38 2.86 -15.60
C SER A 2 19.96 3.35 -14.28
N SER A 3 19.19 4.17 -13.58
CA SER A 3 19.62 4.71 -12.29
C SER A 3 18.55 4.52 -11.23
N GLY A 4 18.85 3.70 -10.22
CA GLY A 4 17.91 3.45 -9.16
C GLY A 4 17.02 2.26 -9.45
N SER A 5 17.59 1.06 -9.41
CA SER A 5 16.83 -0.16 -9.68
C SER A 5 16.11 -0.63 -8.42
N SER A 6 15.21 -1.59 -8.60
CA SER A 6 14.44 -2.13 -7.48
C SER A 6 15.36 -2.52 -6.32
N GLY A 7 14.95 -2.17 -5.11
CA GLY A 7 15.75 -2.48 -3.95
C GLY A 7 14.92 -2.60 -2.68
N PRO A 8 14.32 -3.78 -2.47
CA PRO A 8 13.48 -4.05 -1.30
C PRO A 8 14.29 -4.11 -0.01
N GLU A 9 14.26 -3.03 0.76
CA GLU A 9 14.99 -2.96 2.02
C GLU A 9 14.06 -2.64 3.17
N THR A 10 13.32 -3.65 3.64
CA THR A 10 12.38 -3.48 4.74
C THR A 10 13.01 -2.67 5.87
N VAL A 11 12.65 -1.39 5.94
CA VAL A 11 13.17 -0.50 6.97
C VAL A 11 12.43 -0.70 8.29
N CYS A 12 12.77 0.11 9.29
CA CYS A 12 12.13 0.03 10.60
C CYS A 12 10.62 -0.07 10.46
N TRP A 13 10.08 -1.26 10.76
CA TRP A 13 8.64 -1.50 10.68
C TRP A 13 8.22 -2.59 11.65
N GLY A 14 6.91 -2.67 11.91
CA GLY A 14 6.39 -3.67 12.81
C GLY A 14 5.99 -4.94 12.10
N HIS A 15 5.54 -4.81 10.86
CA HIS A 15 5.11 -5.96 10.07
C HIS A 15 5.03 -5.59 8.59
N VAL A 16 5.98 -6.10 7.80
CA VAL A 16 6.01 -5.84 6.37
C VAL A 16 5.59 -7.06 5.57
N GLU A 17 4.57 -6.91 4.74
CA GLU A 17 4.07 -8.01 3.92
C GLU A 17 3.81 -7.55 2.49
N GLU A 18 4.02 -8.45 1.54
CA GLU A 18 3.80 -8.13 0.13
C GLU A 18 2.47 -8.68 -0.36
N VAL A 19 1.55 -7.79 -0.70
CA VAL A 19 0.24 -8.19 -1.18
C VAL A 19 0.25 -8.41 -2.69
N GLU A 20 -0.36 -9.52 -3.12
CA GLU A 20 -0.42 -9.86 -4.53
C GLU A 20 -1.86 -9.97 -5.00
N LEU A 21 -2.29 -9.00 -5.82
CA LEU A 21 -3.65 -8.99 -6.33
C LEU A 21 -3.65 -8.96 -7.86
N ILE A 22 -4.51 -9.76 -8.47
CA ILE A 22 -4.62 -9.82 -9.92
C ILE A 22 -5.85 -9.07 -10.41
N ASN A 23 -5.64 -8.15 -11.35
CA ASN A 23 -6.73 -7.36 -11.91
C ASN A 23 -7.68 -8.25 -12.69
N ASP A 24 -8.70 -8.78 -12.01
CA ASP A 24 -9.68 -9.64 -12.65
C ASP A 24 -10.40 -8.90 -13.77
N GLY A 25 -10.81 -7.67 -13.50
CA GLY A 25 -11.50 -6.88 -14.51
C GLY A 25 -10.95 -5.47 -14.62
N SER A 26 -9.64 -5.36 -14.74
CA SER A 26 -8.99 -4.07 -14.86
C SER A 26 -9.42 -3.13 -13.72
N GLY A 27 -9.50 -3.68 -12.52
CA GLY A 27 -9.91 -2.89 -11.37
C GLY A 27 -9.52 -3.53 -10.05
N LEU A 28 -8.82 -2.79 -9.21
CA LEU A 28 -8.39 -3.29 -7.91
C LEU A 28 -9.50 -3.16 -6.87
N GLY A 29 -10.10 -1.98 -6.81
CA GLY A 29 -11.17 -1.74 -5.87
C GLY A 29 -10.77 -0.78 -4.76
N PHE A 30 -9.65 -1.07 -4.11
CA PHE A 30 -9.15 -0.22 -3.03
C PHE A 30 -8.66 1.12 -3.56
N GLY A 31 -9.16 2.20 -2.98
CA GLY A 31 -8.77 3.53 -3.41
C GLY A 31 -7.43 3.95 -2.84
N ILE A 32 -6.83 4.96 -3.45
CA ILE A 32 -5.53 5.46 -3.00
C ILE A 32 -5.62 6.92 -2.58
N VAL A 33 -4.74 7.32 -1.67
CA VAL A 33 -4.71 8.70 -1.18
C VAL A 33 -3.30 9.09 -0.72
N GLY A 34 -2.82 10.22 -1.23
CA GLY A 34 -1.51 10.69 -0.85
C GLY A 34 -1.48 11.35 0.51
N GLY A 35 -0.79 10.72 1.46
CA GLY A 35 -0.71 11.27 2.80
C GLY A 35 0.04 12.59 2.84
N LYS A 36 1.16 12.61 3.56
CA LYS A 36 1.98 13.81 3.68
C LYS A 36 3.43 13.52 3.36
N THR A 37 3.94 12.41 3.89
CA THR A 37 5.32 12.02 3.66
C THR A 37 5.42 10.56 3.22
N SER A 38 4.76 9.67 3.96
CA SER A 38 4.77 8.25 3.64
C SER A 38 4.27 8.01 2.22
N GLY A 39 4.41 6.77 1.74
CA GLY A 39 3.97 6.43 0.41
C GLY A 39 2.47 6.58 0.24
N VAL A 40 1.93 5.97 -0.81
CA VAL A 40 0.49 6.03 -1.08
C VAL A 40 -0.29 5.27 -0.02
N VAL A 41 -1.35 5.89 0.49
CA VAL A 41 -2.19 5.27 1.50
C VAL A 41 -3.45 4.67 0.89
N VAL A 42 -4.10 3.79 1.64
CA VAL A 42 -5.33 3.15 1.16
C VAL A 42 -6.56 3.81 1.76
N ARG A 43 -7.21 4.67 0.98
CA ARG A 43 -8.41 5.37 1.44
C ARG A 43 -9.46 4.38 1.91
N THR A 44 -9.86 3.47 1.04
CA THR A 44 -10.86 2.46 1.37
C THR A 44 -10.66 1.19 0.56
N ILE A 45 -11.20 0.08 1.08
CA ILE A 45 -11.07 -1.21 0.39
C ILE A 45 -12.44 -1.85 0.21
N VAL A 46 -12.94 -1.82 -1.01
CA VAL A 46 -14.24 -2.41 -1.33
C VAL A 46 -14.49 -3.66 -0.49
N PRO A 47 -15.62 -3.67 0.23
CA PRO A 47 -16.00 -4.81 1.08
C PRO A 47 -16.39 -6.04 0.27
N GLY A 48 -15.68 -7.14 0.51
CA GLY A 48 -15.96 -8.38 -0.20
C GLY A 48 -15.72 -8.24 -1.70
N GLY A 49 -14.57 -7.70 -2.06
CA GLY A 49 -14.24 -7.52 -3.47
C GLY A 49 -13.00 -8.30 -3.87
N LEU A 50 -11.94 -7.59 -4.18
CA LEU A 50 -10.69 -8.23 -4.59
C LEU A 50 -9.71 -8.31 -3.42
N ALA A 51 -9.31 -7.15 -2.91
CA ALA A 51 -8.39 -7.09 -1.79
C ALA A 51 -9.02 -7.63 -0.52
N ASP A 52 -10.16 -7.08 -0.14
CA ASP A 52 -10.87 -7.52 1.05
C ASP A 52 -10.91 -9.04 1.14
N ARG A 53 -11.65 -9.66 0.22
CA ARG A 53 -11.77 -11.10 0.18
C ARG A 53 -10.46 -11.78 0.62
N ASP A 54 -9.39 -11.48 -0.11
CA ASP A 54 -8.09 -12.06 0.20
C ASP A 54 -7.82 -12.02 1.70
N GLY A 55 -8.05 -10.87 2.31
CA GLY A 55 -7.83 -10.73 3.75
C GLY A 55 -6.36 -10.58 4.09
N ARG A 56 -5.61 -9.96 3.19
CA ARG A 56 -4.17 -9.75 3.41
C ARG A 56 -3.86 -8.27 3.56
N LEU A 57 -4.45 -7.45 2.70
CA LEU A 57 -4.24 -6.01 2.73
C LEU A 57 -5.28 -5.32 3.61
N GLN A 58 -4.83 -4.33 4.39
CA GLN A 58 -5.73 -3.60 5.28
C GLN A 58 -5.85 -2.15 4.84
N THR A 59 -6.81 -1.44 5.42
CA THR A 59 -7.04 -0.04 5.09
C THR A 59 -5.87 0.83 5.53
N GLY A 60 -5.74 2.00 4.91
CA GLY A 60 -4.66 2.91 5.24
C GLY A 60 -3.32 2.20 5.33
N ASP A 61 -3.07 1.31 4.39
CA ASP A 61 -1.81 0.55 4.36
C ASP A 61 -0.72 1.36 3.68
N HIS A 62 0.29 1.77 4.46
CA HIS A 62 1.40 2.55 3.93
C HIS A 62 2.16 1.78 2.86
N ILE A 63 1.87 2.09 1.60
CA ILE A 63 2.53 1.42 0.48
C ILE A 63 3.98 1.88 0.33
N LEU A 64 4.91 0.94 0.41
CA LEU A 64 6.32 1.25 0.29
C LEU A 64 6.74 1.30 -1.18
N LYS A 65 6.29 0.32 -1.96
CA LYS A 65 6.61 0.26 -3.37
C LYS A 65 5.67 -0.69 -4.11
N ILE A 66 5.71 -0.65 -5.43
CA ILE A 66 4.86 -1.52 -6.25
C ILE A 66 5.68 -2.24 -7.32
N GLY A 67 5.92 -3.53 -7.09
CA GLY A 67 6.67 -4.32 -8.04
C GLY A 67 8.06 -3.74 -8.30
N GLY A 68 8.65 -3.14 -7.26
CA GLY A 68 9.97 -2.56 -7.40
C GLY A 68 9.93 -1.18 -8.01
N THR A 69 8.89 -0.42 -7.68
CA THR A 69 8.73 0.94 -8.20
C THR A 69 8.83 1.96 -7.09
N ASN A 70 9.39 3.13 -7.42
CA ASN A 70 9.56 4.20 -6.45
C ASN A 70 8.29 5.05 -6.36
N VAL A 71 7.32 4.58 -5.60
CA VAL A 71 6.06 5.30 -5.43
C VAL A 71 6.19 6.38 -4.36
N GLN A 72 6.81 6.05 -3.24
CA GLN A 72 7.01 6.99 -2.15
C GLN A 72 7.61 8.29 -2.65
N GLY A 73 8.56 8.17 -3.57
CA GLY A 73 9.21 9.35 -4.12
C GLY A 73 8.27 10.19 -4.96
N MET A 74 7.27 9.56 -5.55
CA MET A 74 6.29 10.26 -6.38
C MET A 74 4.94 10.35 -5.67
N THR A 75 3.99 11.02 -6.30
CA THR A 75 2.66 11.18 -5.74
C THR A 75 1.71 10.09 -6.23
N SER A 76 0.71 9.78 -5.41
CA SER A 76 -0.26 8.75 -5.77
C SER A 76 -0.81 8.97 -7.18
N GLU A 77 -1.01 10.24 -7.54
CA GLU A 77 -1.52 10.58 -8.85
C GLU A 77 -0.71 9.90 -9.95
N GLN A 78 0.61 9.86 -9.76
CA GLN A 78 1.50 9.25 -10.74
C GLN A 78 1.60 7.73 -10.50
N VAL A 79 1.08 7.28 -9.37
CA VAL A 79 1.12 5.87 -9.03
C VAL A 79 -0.06 5.12 -9.65
N ALA A 80 -1.16 5.84 -9.83
CA ALA A 80 -2.36 5.24 -10.41
C ALA A 80 -2.04 4.55 -11.73
N GLN A 81 -1.32 5.23 -12.61
CA GLN A 81 -0.94 4.67 -13.90
C GLN A 81 -0.06 3.44 -13.72
N VAL A 82 0.87 3.51 -12.76
CA VAL A 82 1.77 2.40 -12.49
C VAL A 82 1.00 1.11 -12.26
N LEU A 83 -0.07 1.19 -11.48
CA LEU A 83 -0.90 0.03 -11.18
C LEU A 83 -1.46 -0.59 -12.45
N ARG A 84 -1.95 0.26 -13.35
CA ARG A 84 -2.52 -0.21 -14.61
C ARG A 84 -1.44 -0.79 -15.51
N ASN A 85 -0.32 -0.09 -15.61
CA ASN A 85 0.80 -0.55 -16.43
C ASN A 85 1.34 -1.89 -15.93
N CYS A 86 1.47 -2.01 -14.62
CA CYS A 86 1.97 -3.24 -14.01
C CYS A 86 1.50 -4.46 -14.78
N GLY A 87 0.21 -4.47 -15.13
CA GLY A 87 -0.35 -5.59 -15.87
C GLY A 87 -1.49 -6.25 -15.13
N ASN A 88 -1.39 -7.55 -14.94
CA ASN A 88 -2.43 -8.32 -14.24
C ASN A 88 -2.09 -8.47 -12.76
N SER A 89 -0.94 -9.09 -12.49
CA SER A 89 -0.50 -9.30 -11.11
C SER A 89 0.11 -8.03 -10.53
N VAL A 90 -0.40 -7.61 -9.38
CA VAL A 90 0.10 -6.41 -8.71
C VAL A 90 0.69 -6.74 -7.34
N ARG A 91 2.00 -6.56 -7.20
CA ARG A 91 2.69 -6.84 -5.95
C ARG A 91 3.05 -5.55 -5.23
N MET A 92 2.42 -5.32 -4.08
CA MET A 92 2.68 -4.11 -3.30
C MET A 92 3.21 -4.48 -1.91
N LEU A 93 4.11 -3.64 -1.39
CA LEU A 93 4.69 -3.88 -0.07
C LEU A 93 4.06 -2.97 0.96
N VAL A 94 3.06 -3.47 1.67
CA VAL A 94 2.37 -2.69 2.70
C VAL A 94 2.95 -2.98 4.08
N ALA A 95 3.06 -1.95 4.91
CA ALA A 95 3.60 -2.08 6.26
C ALA A 95 2.77 -1.29 7.26
N ARG A 96 2.66 -1.82 8.47
CA ARG A 96 1.89 -1.17 9.52
C ARG A 96 2.66 -1.17 10.85
N ASP A 97 2.26 -0.30 11.76
CA ASP A 97 2.91 -0.20 13.07
C ASP A 97 4.29 0.42 12.93
N PRO A 98 4.34 1.62 12.33
CA PRO A 98 5.59 2.35 12.13
C PRO A 98 6.18 2.88 13.44
N ALA A 99 7.48 2.76 13.59
CA ALA A 99 8.16 3.23 14.79
C ALA A 99 7.55 4.53 15.29
N GLY A 100 7.57 5.55 14.44
CA GLY A 100 7.01 6.84 14.82
C GLY A 100 5.52 6.92 14.58
N ASP A 101 4.76 6.16 15.37
CA ASP A 101 3.30 6.14 15.24
C ASP A 101 2.71 7.50 15.58
N ILE A 102 1.51 7.76 15.07
CA ILE A 102 0.84 9.03 15.32
C ILE A 102 -0.26 8.87 16.38
N SER A 103 -0.42 9.90 17.20
CA SER A 103 -1.44 9.88 18.25
C SER A 103 -2.84 10.02 17.66
N VAL A 104 -3.69 9.05 17.95
CA VAL A 104 -5.06 9.06 17.44
C VAL A 104 -6.02 8.45 18.45
N THR A 105 -7.19 9.08 18.62
CA THR A 105 -8.19 8.59 19.55
C THR A 105 -9.53 8.36 18.85
N SER A 106 -10.02 7.13 18.92
CA SER A 106 -11.29 6.77 18.30
C SER A 106 -12.45 7.53 18.96
N GLY A 107 -13.33 8.07 18.13
CA GLY A 107 -14.47 8.81 18.64
C GLY A 107 -15.63 8.82 17.68
N PRO A 108 -15.73 9.88 16.86
CA PRO A 108 -16.81 10.03 15.88
C PRO A 108 -16.69 9.04 14.73
N SER A 109 -15.55 8.34 14.68
CA SER A 109 -15.31 7.36 13.62
C SER A 109 -15.54 5.94 14.14
N SER A 110 -15.95 5.05 13.24
CA SER A 110 -16.21 3.67 13.60
C SER A 110 -17.29 3.57 14.67
N GLY A 111 -18.34 4.38 14.51
CA GLY A 111 -19.43 4.38 15.48
C GLY A 111 -20.71 4.95 14.90
N GLY A 1 17.02 23.23 5.67
CA GLY A 1 17.73 22.88 4.45
C GLY A 1 18.19 21.43 4.44
N SER A 2 18.72 20.99 3.32
CA SER A 2 19.20 19.62 3.19
C SER A 2 20.13 19.47 1.98
N SER A 3 21.12 18.59 2.10
CA SER A 3 22.07 18.36 1.03
C SER A 3 21.45 17.53 -0.08
N GLY A 4 20.94 16.35 0.27
CA GLY A 4 20.32 15.49 -0.71
C GLY A 4 18.82 15.72 -0.84
N SER A 5 18.25 15.27 -1.95
CA SER A 5 16.82 15.45 -2.19
C SER A 5 16.01 14.37 -1.47
N SER A 6 16.43 13.12 -1.63
CA SER A 6 15.75 12.00 -0.99
C SER A 6 15.42 12.32 0.45
N GLY A 7 14.47 11.57 1.01
CA GLY A 7 14.07 11.80 2.40
C GLY A 7 14.39 10.61 3.29
N PRO A 8 13.67 10.50 4.42
CA PRO A 8 13.86 9.41 5.37
C PRO A 8 13.42 8.06 4.82
N GLU A 9 14.30 7.07 4.87
CA GLU A 9 13.99 5.74 4.38
C GLU A 9 13.15 4.97 5.40
N THR A 10 11.91 4.68 5.02
CA THR A 10 11.00 3.94 5.89
C THR A 10 11.06 2.44 5.61
N VAL A 11 12.06 1.78 6.21
CA VAL A 11 12.22 0.34 6.02
C VAL A 11 12.27 -0.38 7.37
N CYS A 12 12.10 0.38 8.44
CA CYS A 12 12.12 -0.19 9.78
C CYS A 12 10.71 -0.44 10.29
N TRP A 13 10.17 -1.61 9.93
CA TRP A 13 8.81 -1.98 10.34
C TRP A 13 8.83 -3.31 11.08
N GLY A 14 7.63 -3.79 11.43
CA GLY A 14 7.52 -5.05 12.14
C GLY A 14 6.70 -6.07 11.38
N HIS A 15 5.70 -5.60 10.66
CA HIS A 15 4.83 -6.48 9.88
C HIS A 15 4.80 -6.07 8.42
N VAL A 16 5.81 -6.50 7.67
CA VAL A 16 5.91 -6.17 6.25
C VAL A 16 5.57 -7.38 5.39
N GLU A 17 4.47 -7.27 4.63
CA GLU A 17 4.02 -8.35 3.77
C GLU A 17 3.60 -7.82 2.40
N GLU A 18 4.14 -8.43 1.34
CA GLU A 18 3.81 -8.01 -0.02
C GLU A 18 2.47 -8.57 -0.46
N VAL A 19 1.49 -7.68 -0.63
CA VAL A 19 0.15 -8.09 -1.05
C VAL A 19 0.04 -8.16 -2.57
N GLU A 20 -0.40 -9.29 -3.07
CA GLU A 20 -0.55 -9.48 -4.51
C GLU A 20 -2.03 -9.52 -4.91
N LEU A 21 -2.48 -8.47 -5.57
CA LEU A 21 -3.87 -8.38 -6.01
C LEU A 21 -3.98 -8.52 -7.52
N ILE A 22 -4.68 -9.55 -7.97
CA ILE A 22 -4.85 -9.81 -9.39
C ILE A 22 -6.10 -9.10 -9.92
N ASN A 23 -5.91 -8.28 -10.95
CA ASN A 23 -7.01 -7.53 -11.55
C ASN A 23 -7.84 -8.44 -12.45
N ASP A 24 -9.04 -8.80 -11.98
CA ASP A 24 -9.93 -9.66 -12.74
C ASP A 24 -10.75 -8.84 -13.73
N GLY A 25 -11.45 -7.84 -13.23
CA GLY A 25 -12.27 -7.00 -14.08
C GLY A 25 -12.71 -5.72 -13.39
N SER A 26 -13.39 -5.86 -12.27
CA SER A 26 -13.87 -4.70 -11.51
C SER A 26 -12.72 -3.79 -11.11
N GLY A 27 -11.78 -4.35 -10.36
CA GLY A 27 -10.62 -3.57 -9.92
C GLY A 27 -9.97 -4.16 -8.68
N LEU A 28 -8.75 -3.70 -8.40
CA LEU A 28 -8.01 -4.19 -7.23
C LEU A 28 -8.90 -4.21 -5.99
N GLY A 29 -9.96 -3.40 -6.01
CA GLY A 29 -10.86 -3.35 -4.88
C GLY A 29 -10.32 -2.51 -3.74
N PHE A 30 -9.65 -1.42 -4.08
CA PHE A 30 -9.08 -0.52 -3.08
C PHE A 30 -8.55 0.75 -3.73
N GLY A 31 -8.85 1.89 -3.11
CA GLY A 31 -8.39 3.17 -3.64
C GLY A 31 -7.10 3.63 -2.99
N ILE A 32 -6.41 4.55 -3.66
CA ILE A 32 -5.15 5.08 -3.15
C ILE A 32 -5.29 6.54 -2.75
N VAL A 33 -4.47 6.97 -1.80
CA VAL A 33 -4.50 8.35 -1.32
C VAL A 33 -3.11 8.81 -0.91
N GLY A 34 -2.68 9.94 -1.46
CA GLY A 34 -1.38 10.48 -1.13
C GLY A 34 -1.31 11.03 0.28
N GLY A 35 -0.66 10.28 1.17
CA GLY A 35 -0.55 10.71 2.56
C GLY A 35 0.15 12.06 2.68
N LYS A 36 0.39 12.48 3.92
CA LYS A 36 1.05 13.75 4.18
C LYS A 36 2.55 13.65 3.91
N THR A 37 3.17 12.60 4.44
CA THR A 37 4.61 12.40 4.26
C THR A 37 4.89 11.05 3.60
N SER A 38 4.49 9.98 4.28
CA SER A 38 4.71 8.63 3.77
C SER A 38 4.33 8.54 2.30
N GLY A 39 4.70 7.43 1.66
CA GLY A 39 4.39 7.25 0.25
C GLY A 39 2.90 7.26 -0.02
N VAL A 40 2.41 6.21 -0.67
CA VAL A 40 0.99 6.10 -0.98
C VAL A 40 0.23 5.34 0.09
N VAL A 41 -1.06 5.62 0.22
CA VAL A 41 -1.89 4.96 1.22
C VAL A 41 -3.16 4.40 0.58
N VAL A 42 -3.83 3.49 1.30
CA VAL A 42 -5.05 2.88 0.81
C VAL A 42 -6.28 3.57 1.39
N ARG A 43 -6.90 4.43 0.60
CA ARG A 43 -8.09 5.15 1.05
C ARG A 43 -9.14 4.19 1.60
N THR A 44 -9.66 3.33 0.74
CA THR A 44 -10.67 2.36 1.14
C THR A 44 -10.45 1.02 0.44
N ILE A 45 -11.28 0.04 0.81
CA ILE A 45 -11.17 -1.29 0.21
C ILE A 45 -12.55 -1.87 -0.08
N VAL A 46 -12.92 -1.89 -1.35
CA VAL A 46 -14.22 -2.42 -1.76
C VAL A 46 -14.56 -3.67 -0.97
N PRO A 47 -15.79 -3.71 -0.42
CA PRO A 47 -16.28 -4.85 0.36
C PRO A 47 -16.53 -6.08 -0.51
N GLY A 48 -16.09 -7.24 -0.01
CA GLY A 48 -16.28 -8.47 -0.75
C GLY A 48 -15.86 -8.35 -2.20
N GLY A 49 -14.76 -7.64 -2.45
CA GLY A 49 -14.29 -7.46 -3.80
C GLY A 49 -13.13 -8.38 -4.14
N LEU A 50 -11.92 -7.86 -4.06
CA LEU A 50 -10.72 -8.64 -4.36
C LEU A 50 -9.74 -8.62 -3.20
N ALA A 51 -9.60 -7.46 -2.57
CA ALA A 51 -8.70 -7.31 -1.44
C ALA A 51 -9.35 -7.80 -0.15
N ASP A 52 -10.43 -7.13 0.25
CA ASP A 52 -11.14 -7.49 1.48
C ASP A 52 -11.29 -9.01 1.57
N ARG A 53 -11.35 -9.67 0.43
CA ARG A 53 -11.50 -11.13 0.39
C ARG A 53 -10.21 -11.81 0.81
N ASP A 54 -9.08 -11.25 0.38
CA ASP A 54 -7.77 -11.81 0.71
C ASP A 54 -7.55 -11.80 2.22
N GLY A 55 -7.55 -10.61 2.81
CA GLY A 55 -7.34 -10.49 4.25
C GLY A 55 -5.88 -10.24 4.60
N ARG A 56 -5.10 -9.79 3.63
CA ARG A 56 -3.69 -9.53 3.85
C ARG A 56 -3.40 -8.03 3.84
N LEU A 57 -4.32 -7.27 3.27
CA LEU A 57 -4.18 -5.81 3.19
C LEU A 57 -5.28 -5.12 3.98
N GLN A 58 -4.90 -4.07 4.71
CA GLN A 58 -5.86 -3.32 5.51
C GLN A 58 -6.01 -1.89 4.99
N THR A 59 -7.15 -1.27 5.27
CA THR A 59 -7.40 0.09 4.84
C THR A 59 -6.39 1.07 5.41
N GLY A 60 -5.88 1.96 4.57
CA GLY A 60 -4.90 2.93 5.02
C GLY A 60 -3.54 2.32 5.28
N ASP A 61 -3.08 1.51 4.33
CA ASP A 61 -1.78 0.85 4.45
C ASP A 61 -0.68 1.67 3.79
N HIS A 62 0.39 1.95 4.53
CA HIS A 62 1.50 2.73 4.02
C HIS A 62 2.27 1.94 2.97
N ILE A 63 2.01 2.23 1.70
CA ILE A 63 2.68 1.54 0.60
C ILE A 63 4.14 1.99 0.49
N LEU A 64 5.01 1.03 0.20
CA LEU A 64 6.44 1.33 0.07
C LEU A 64 6.87 1.30 -1.40
N LYS A 65 6.42 0.28 -2.11
CA LYS A 65 6.74 0.13 -3.53
C LYS A 65 5.68 -0.69 -4.25
N ILE A 66 5.71 -0.64 -5.59
CA ILE A 66 4.75 -1.39 -6.39
C ILE A 66 5.45 -2.09 -7.55
N GLY A 67 5.36 -3.42 -7.57
CA GLY A 67 5.98 -4.20 -8.63
C GLY A 67 7.38 -3.72 -8.95
N GLY A 68 8.09 -3.24 -7.93
CA GLY A 68 9.45 -2.75 -8.13
C GLY A 68 9.48 -1.32 -8.59
N THR A 69 8.50 -0.53 -8.15
CA THR A 69 8.42 0.88 -8.53
C THR A 69 8.61 1.78 -7.31
N ASN A 70 9.39 2.84 -7.48
CA ASN A 70 9.65 3.78 -6.40
C ASN A 70 8.56 4.86 -6.35
N VAL A 71 7.52 4.59 -5.57
CA VAL A 71 6.41 5.53 -5.42
C VAL A 71 6.60 6.42 -4.21
N GLN A 72 7.30 5.91 -3.20
CA GLN A 72 7.57 6.65 -1.98
C GLN A 72 8.32 7.93 -2.28
N GLY A 73 7.61 8.95 -2.76
CA GLY A 73 8.23 10.21 -3.08
C GLY A 73 7.45 11.01 -4.10
N MET A 74 6.72 10.30 -4.96
CA MET A 74 5.92 10.95 -5.99
C MET A 74 4.47 11.10 -5.55
N THR A 75 3.64 11.69 -6.41
CA THR A 75 2.23 11.89 -6.10
C THR A 75 1.40 10.69 -6.53
N SER A 76 0.24 10.51 -5.89
CA SER A 76 -0.65 9.40 -6.21
C SER A 76 -1.07 9.45 -7.68
N GLU A 77 -1.22 10.65 -8.21
CA GLU A 77 -1.63 10.84 -9.59
C GLU A 77 -0.70 10.08 -10.54
N GLN A 78 0.60 10.08 -10.21
CA GLN A 78 1.59 9.40 -11.03
C GLN A 78 1.67 7.93 -10.66
N VAL A 79 1.06 7.57 -9.54
CA VAL A 79 1.07 6.18 -9.07
C VAL A 79 -0.03 5.37 -9.74
N ALA A 80 -1.11 6.04 -10.10
CA ALA A 80 -2.24 5.38 -10.76
C ALA A 80 -1.79 4.63 -12.00
N GLN A 81 -1.05 5.30 -12.86
CA GLN A 81 -0.55 4.69 -14.09
C GLN A 81 0.33 3.48 -13.77
N VAL A 82 1.11 3.58 -12.71
CA VAL A 82 2.00 2.50 -12.30
C VAL A 82 1.21 1.23 -11.99
N LEU A 83 0.16 1.38 -11.19
CA LEU A 83 -0.69 0.25 -10.81
C LEU A 83 -1.21 -0.47 -12.05
N ARG A 84 -1.57 0.29 -13.08
CA ARG A 84 -2.08 -0.28 -14.32
C ARG A 84 -0.96 -0.94 -15.11
N ASN A 85 0.16 -0.25 -15.24
CA ASN A 85 1.30 -0.76 -15.98
C ASN A 85 1.70 -2.14 -15.46
N CYS A 86 1.67 -2.30 -14.14
CA CYS A 86 2.04 -3.57 -13.52
C CYS A 86 1.55 -4.75 -14.35
N GLY A 87 0.24 -4.80 -14.58
CA GLY A 87 -0.33 -5.89 -15.36
C GLY A 87 -1.48 -6.57 -14.65
N ASN A 88 -1.47 -7.89 -14.64
CA ASN A 88 -2.52 -8.67 -14.00
C ASN A 88 -2.32 -8.70 -12.48
N SER A 89 -1.23 -9.33 -12.05
CA SER A 89 -0.94 -9.42 -10.62
C SER A 89 -0.20 -8.18 -10.14
N VAL A 90 -0.82 -7.45 -9.22
CA VAL A 90 -0.23 -6.24 -8.67
C VAL A 90 0.37 -6.50 -7.30
N ARG A 91 1.68 -6.32 -7.18
CA ARG A 91 2.38 -6.54 -5.92
C ARG A 91 2.80 -5.20 -5.29
N MET A 92 2.52 -5.05 -4.01
CA MET A 92 2.86 -3.82 -3.29
C MET A 92 3.38 -4.14 -1.89
N LEU A 93 4.24 -3.27 -1.38
CA LEU A 93 4.81 -3.45 -0.06
C LEU A 93 4.10 -2.59 0.98
N VAL A 94 3.30 -3.21 1.83
CA VAL A 94 2.56 -2.50 2.86
C VAL A 94 3.07 -2.86 4.26
N ALA A 95 2.98 -1.90 5.18
CA ALA A 95 3.44 -2.12 6.54
C ALA A 95 2.31 -1.86 7.54
N ARG A 96 2.46 -2.39 8.74
CA ARG A 96 1.46 -2.22 9.79
C ARG A 96 2.10 -1.77 11.09
N ASP A 97 3.30 -2.27 11.37
CA ASP A 97 4.02 -1.91 12.58
C ASP A 97 5.20 -0.99 12.27
N PRO A 98 4.92 0.32 12.17
CA PRO A 98 5.93 1.32 11.87
C PRO A 98 6.92 1.52 13.02
N ALA A 99 7.66 2.62 12.98
CA ALA A 99 8.64 2.92 14.02
C ALA A 99 8.41 4.32 14.59
N GLY A 100 8.63 4.45 15.90
CA GLY A 100 8.44 5.74 16.54
C GLY A 100 8.47 5.64 18.05
N ASP A 101 7.41 6.12 18.70
CA ASP A 101 7.32 6.08 20.16
C ASP A 101 6.06 5.33 20.60
N ILE A 102 6.26 4.23 21.32
CA ILE A 102 5.15 3.43 21.81
C ILE A 102 4.73 3.86 23.21
N SER A 103 3.42 3.87 23.45
CA SER A 103 2.88 4.27 24.75
C SER A 103 3.47 3.40 25.86
N VAL A 104 4.59 3.86 26.43
CA VAL A 104 5.24 3.14 27.50
C VAL A 104 5.08 3.86 28.83
N THR A 105 5.01 3.09 29.92
CA THR A 105 4.86 3.66 31.26
C THR A 105 4.92 2.58 32.33
N SER A 106 5.45 2.94 33.49
CA SER A 106 5.57 1.99 34.60
C SER A 106 4.55 2.30 35.68
N GLY A 107 3.89 3.45 35.56
CA GLY A 107 2.89 3.85 36.54
C GLY A 107 3.48 4.70 37.64
N PRO A 108 2.69 5.66 38.15
CA PRO A 108 3.10 6.56 39.23
C PRO A 108 3.26 5.84 40.55
N SER A 109 3.86 6.52 41.53
CA SER A 109 4.08 5.94 42.85
C SER A 109 2.77 5.91 43.64
N SER A 110 2.78 5.18 44.75
CA SER A 110 1.59 5.05 45.59
C SER A 110 1.96 4.53 46.97
N GLY A 111 1.04 4.66 47.92
CA GLY A 111 1.28 4.19 49.27
C GLY A 111 2.02 5.21 50.12
N GLY A 1 12.85 -18.94 4.11
CA GLY A 1 11.55 -18.99 3.46
C GLY A 1 11.60 -18.51 2.02
N SER A 2 11.62 -17.19 1.84
CA SER A 2 11.66 -16.60 0.50
C SER A 2 12.33 -15.23 0.54
N SER A 3 13.47 -15.12 -0.13
CA SER A 3 14.21 -13.86 -0.17
C SER A 3 13.54 -12.88 -1.13
N GLY A 4 13.28 -13.34 -2.35
CA GLY A 4 12.66 -12.49 -3.35
C GLY A 4 13.43 -12.44 -4.64
N SER A 5 13.24 -11.38 -5.41
CA SER A 5 13.93 -11.21 -6.68
C SER A 5 14.54 -9.82 -6.80
N SER A 6 13.69 -8.80 -6.62
CA SER A 6 14.15 -7.41 -6.71
C SER A 6 15.09 -7.07 -5.56
N GLY A 7 14.65 -7.36 -4.34
CA GLY A 7 15.46 -7.07 -3.17
C GLY A 7 14.82 -6.06 -2.24
N PRO A 8 13.81 -6.50 -1.49
CA PRO A 8 13.09 -5.63 -0.54
C PRO A 8 13.95 -5.24 0.65
N GLU A 9 13.43 -4.32 1.46
CA GLU A 9 14.16 -3.85 2.65
C GLU A 9 13.22 -3.74 3.84
N THR A 10 13.49 -4.51 4.88
CA THR A 10 12.68 -4.50 6.09
C THR A 10 13.28 -3.57 7.14
N VAL A 11 12.81 -2.34 7.19
CA VAL A 11 13.29 -1.36 8.16
C VAL A 11 12.38 -1.28 9.37
N CYS A 12 12.68 -0.35 10.27
CA CYS A 12 11.88 -0.18 11.48
C CYS A 12 10.39 -0.32 11.18
N TRP A 13 9.83 -1.47 11.57
CA TRP A 13 8.41 -1.73 11.33
C TRP A 13 7.91 -2.83 12.25
N GLY A 14 6.59 -2.95 12.36
CA GLY A 14 6.01 -3.98 13.21
C GLY A 14 5.64 -5.23 12.45
N HIS A 15 5.27 -5.06 11.18
CA HIS A 15 4.89 -6.19 10.34
C HIS A 15 4.94 -5.81 8.87
N VAL A 16 5.86 -6.43 8.13
CA VAL A 16 6.01 -6.15 6.70
C VAL A 16 5.60 -7.36 5.86
N GLU A 17 4.69 -7.14 4.94
CA GLU A 17 4.21 -8.21 4.07
C GLU A 17 3.80 -7.66 2.71
N GLU A 18 4.19 -8.36 1.65
CA GLU A 18 3.87 -7.95 0.29
C GLU A 18 2.50 -8.49 -0.13
N VAL A 19 1.57 -7.57 -0.39
CA VAL A 19 0.22 -7.96 -0.79
C VAL A 19 0.15 -8.16 -2.31
N GLU A 20 -0.19 -9.39 -2.71
CA GLU A 20 -0.30 -9.71 -4.13
C GLU A 20 -1.76 -9.80 -4.57
N LEU A 21 -2.19 -8.85 -5.38
CA LEU A 21 -3.56 -8.81 -5.86
C LEU A 21 -3.61 -8.90 -7.38
N ILE A 22 -4.50 -9.74 -7.90
CA ILE A 22 -4.64 -9.91 -9.34
C ILE A 22 -5.73 -8.99 -9.89
N ASN A 23 -5.45 -8.38 -11.04
CA ASN A 23 -6.40 -7.48 -11.68
C ASN A 23 -7.31 -8.24 -12.64
N ASP A 24 -8.58 -8.37 -12.28
CA ASP A 24 -9.55 -9.08 -13.11
C ASP A 24 -9.94 -8.23 -14.31
N GLY A 25 -10.33 -6.98 -14.06
CA GLY A 25 -10.73 -6.09 -15.12
C GLY A 25 -11.34 -4.79 -14.62
N SER A 26 -12.21 -4.91 -13.62
CA SER A 26 -12.86 -3.75 -13.04
C SER A 26 -11.85 -2.83 -12.37
N GLY A 27 -10.91 -3.42 -11.64
CA GLY A 27 -9.90 -2.64 -10.94
C GLY A 27 -9.57 -3.19 -9.58
N LEU A 28 -8.43 -2.79 -9.03
CA LEU A 28 -8.00 -3.25 -7.72
C LEU A 28 -9.16 -3.21 -6.73
N GLY A 29 -9.88 -2.10 -6.72
CA GLY A 29 -11.01 -1.95 -5.81
C GLY A 29 -10.70 -1.03 -4.65
N PHE A 30 -9.52 -1.20 -4.05
CA PHE A 30 -9.12 -0.37 -2.92
C PHE A 30 -8.71 1.02 -3.38
N GLY A 31 -9.29 2.04 -2.75
CA GLY A 31 -8.98 3.41 -3.11
C GLY A 31 -7.64 3.87 -2.55
N ILE A 32 -6.99 4.77 -3.26
CA ILE A 32 -5.69 5.29 -2.84
C ILE A 32 -5.78 6.77 -2.47
N VAL A 33 -4.85 7.23 -1.64
CA VAL A 33 -4.81 8.62 -1.22
C VAL A 33 -3.39 9.07 -0.90
N GLY A 34 -2.96 10.15 -1.55
CA GLY A 34 -1.62 10.67 -1.33
C GLY A 34 -1.39 11.08 0.11
N GLY A 35 -0.35 10.52 0.73
CA GLY A 35 -0.05 10.85 2.11
C GLY A 35 0.68 12.16 2.24
N LYS A 36 0.35 12.92 3.29
CA LYS A 36 0.99 14.21 3.53
C LYS A 36 2.50 14.09 3.50
N THR A 37 3.04 13.23 4.36
CA THR A 37 4.48 13.01 4.44
C THR A 37 4.85 11.63 3.92
N SER A 38 3.88 10.72 3.91
CA SER A 38 4.11 9.36 3.46
C SER A 38 3.68 9.19 2.00
N GLY A 39 4.11 8.09 1.38
CA GLY A 39 3.77 7.84 0.00
C GLY A 39 2.28 7.73 -0.22
N VAL A 40 1.86 6.63 -0.86
CA VAL A 40 0.45 6.40 -1.12
C VAL A 40 -0.20 5.62 0.01
N VAL A 41 -1.46 5.96 0.30
CA VAL A 41 -2.21 5.29 1.37
C VAL A 41 -3.50 4.70 0.84
N VAL A 42 -4.02 3.69 1.55
CA VAL A 42 -5.26 3.04 1.16
C VAL A 42 -6.46 3.67 1.85
N ARG A 43 -7.16 4.55 1.15
CA ARG A 43 -8.33 5.22 1.71
C ARG A 43 -9.38 4.21 2.16
N THR A 44 -9.77 3.33 1.25
CA THR A 44 -10.77 2.30 1.56
C THR A 44 -10.54 1.05 0.73
N ILE A 45 -11.17 -0.05 1.14
CA ILE A 45 -11.05 -1.31 0.42
C ILE A 45 -12.41 -1.96 0.19
N VAL A 46 -12.95 -1.78 -1.01
CA VAL A 46 -14.25 -2.35 -1.35
C VAL A 46 -14.46 -3.69 -0.66
N PRO A 47 -15.59 -3.83 0.04
CA PRO A 47 -15.94 -5.06 0.76
C PRO A 47 -16.28 -6.21 -0.20
N GLY A 48 -15.83 -7.41 0.14
CA GLY A 48 -16.10 -8.56 -0.68
C GLY A 48 -15.79 -8.31 -2.15
N GLY A 49 -14.61 -7.76 -2.42
CA GLY A 49 -14.22 -7.48 -3.78
C GLY A 49 -12.98 -8.25 -4.20
N LEU A 50 -11.83 -7.57 -4.24
CA LEU A 50 -10.59 -8.19 -4.63
C LEU A 50 -9.64 -8.31 -3.44
N ALA A 51 -9.39 -7.18 -2.78
CA ALA A 51 -8.50 -7.16 -1.62
C ALA A 51 -9.18 -7.77 -0.39
N ASP A 52 -10.29 -7.16 0.02
CA ASP A 52 -11.04 -7.65 1.18
C ASP A 52 -11.12 -9.17 1.17
N ARG A 53 -11.77 -9.72 0.16
CA ARG A 53 -11.92 -11.16 0.03
C ARG A 53 -10.65 -11.88 0.48
N ASP A 54 -9.52 -11.44 -0.05
CA ASP A 54 -8.23 -12.04 0.29
C ASP A 54 -7.95 -11.92 1.79
N GLY A 55 -8.15 -10.73 2.33
CA GLY A 55 -7.92 -10.51 3.74
C GLY A 55 -6.45 -10.36 4.08
N ARG A 56 -5.69 -9.75 3.17
CA ARG A 56 -4.27 -9.54 3.36
C ARG A 56 -3.95 -8.07 3.54
N LEU A 57 -4.53 -7.23 2.69
CA LEU A 57 -4.31 -5.80 2.76
C LEU A 57 -5.33 -5.12 3.67
N GLN A 58 -4.85 -4.21 4.50
CA GLN A 58 -5.72 -3.48 5.43
C GLN A 58 -5.91 -2.04 4.98
N THR A 59 -6.73 -1.31 5.74
CA THR A 59 -7.00 0.10 5.43
C THR A 59 -5.84 0.99 5.86
N GLY A 60 -5.46 1.93 4.99
CA GLY A 60 -4.37 2.83 5.30
C GLY A 60 -3.02 2.13 5.31
N ASP A 61 -2.74 1.37 4.26
CA ASP A 61 -1.48 0.65 4.15
C ASP A 61 -0.44 1.47 3.39
N HIS A 62 0.60 1.89 4.10
CA HIS A 62 1.66 2.69 3.51
C HIS A 62 2.39 1.90 2.41
N ILE A 63 2.03 2.17 1.16
CA ILE A 63 2.65 1.47 0.03
C ILE A 63 4.07 1.96 -0.20
N LEU A 64 5.00 1.03 -0.39
CA LEU A 64 6.39 1.37 -0.62
C LEU A 64 6.74 1.26 -2.10
N LYS A 65 6.47 0.10 -2.68
CA LYS A 65 6.76 -0.13 -4.09
C LYS A 65 5.68 -1.00 -4.73
N ILE A 66 5.55 -0.92 -6.05
CA ILE A 66 4.55 -1.70 -6.78
C ILE A 66 5.16 -2.37 -8.00
N GLY A 67 5.66 -3.59 -7.81
CA GLY A 67 6.26 -4.32 -8.91
C GLY A 67 7.70 -3.89 -9.17
N GLY A 68 8.32 -3.28 -8.17
CA GLY A 68 9.69 -2.83 -8.32
C GLY A 68 9.79 -1.37 -8.67
N THR A 69 8.76 -0.61 -8.31
CA THR A 69 8.73 0.82 -8.59
C THR A 69 8.69 1.65 -7.30
N ASN A 70 9.40 2.76 -7.30
CA ASN A 70 9.45 3.63 -6.12
C ASN A 70 8.29 4.62 -6.14
N VAL A 71 7.23 4.30 -5.41
CA VAL A 71 6.05 5.16 -5.34
C VAL A 71 6.03 5.95 -4.04
N GLN A 72 6.76 5.46 -3.04
CA GLN A 72 6.82 6.12 -1.74
C GLN A 72 7.63 7.40 -1.81
N GLY A 73 6.96 8.48 -2.20
CA GLY A 73 7.62 9.77 -2.31
C GLY A 73 7.03 10.63 -3.40
N MET A 74 6.64 10.02 -4.51
CA MET A 74 6.05 10.75 -5.63
C MET A 74 4.59 11.06 -5.37
N THR A 75 3.92 11.63 -6.36
CA THR A 75 2.51 11.98 -6.24
C THR A 75 1.62 10.85 -6.76
N SER A 76 0.51 10.61 -6.07
CA SER A 76 -0.42 9.55 -6.47
C SER A 76 -0.72 9.62 -7.96
N GLU A 77 -0.99 10.83 -8.45
CA GLU A 77 -1.29 11.02 -9.86
C GLU A 77 -0.35 10.20 -10.74
N GLN A 78 0.89 10.07 -10.31
CA GLN A 78 1.89 9.31 -11.05
C GLN A 78 1.74 7.82 -10.79
N VAL A 79 1.36 7.48 -9.57
CA VAL A 79 1.18 6.08 -9.18
C VAL A 79 0.03 5.45 -9.95
N ALA A 80 -1.06 6.18 -10.10
CA ALA A 80 -2.23 5.70 -10.83
C ALA A 80 -1.81 4.92 -12.07
N GLN A 81 -0.93 5.50 -12.87
CA GLN A 81 -0.45 4.86 -14.08
C GLN A 81 0.49 3.70 -13.75
N VAL A 82 1.15 3.78 -12.61
CA VAL A 82 2.07 2.75 -12.18
C VAL A 82 1.34 1.42 -11.93
N LEU A 83 0.15 1.52 -11.37
CA LEU A 83 -0.66 0.34 -11.08
C LEU A 83 -1.15 -0.32 -12.36
N ARG A 84 -1.87 0.45 -13.17
CA ARG A 84 -2.40 -0.06 -14.44
C ARG A 84 -1.29 -0.70 -15.28
N ASN A 85 -0.08 -0.15 -15.16
CA ASN A 85 1.05 -0.67 -15.90
C ASN A 85 1.35 -2.11 -15.52
N CYS A 86 1.50 -2.36 -14.23
CA CYS A 86 1.78 -3.71 -13.74
C CYS A 86 1.08 -4.75 -14.59
N GLY A 87 -0.24 -4.68 -14.65
CA GLY A 87 -1.00 -5.63 -15.44
C GLY A 87 -1.98 -6.42 -14.60
N ASN A 88 -1.77 -7.73 -14.52
CA ASN A 88 -2.65 -8.60 -13.73
C ASN A 88 -2.17 -8.69 -12.29
N SER A 89 -1.06 -9.39 -12.09
CA SER A 89 -0.49 -9.56 -10.75
C SER A 89 0.22 -8.28 -10.29
N VAL A 90 -0.12 -7.83 -9.09
CA VAL A 90 0.48 -6.62 -8.53
C VAL A 90 1.00 -6.87 -7.12
N ARG A 91 2.32 -6.75 -6.96
CA ARG A 91 2.95 -6.97 -5.65
C ARG A 91 3.33 -5.64 -5.02
N MET A 92 2.59 -5.25 -3.98
CA MET A 92 2.86 -4.00 -3.29
C MET A 92 3.40 -4.25 -1.89
N LEU A 93 4.48 -3.57 -1.53
CA LEU A 93 5.09 -3.72 -0.22
C LEU A 93 4.47 -2.78 0.79
N VAL A 94 3.50 -3.28 1.56
CA VAL A 94 2.83 -2.48 2.57
C VAL A 94 3.39 -2.75 3.95
N ALA A 95 3.60 -1.68 4.72
CA ALA A 95 4.14 -1.81 6.07
C ALA A 95 3.21 -1.16 7.10
N ARG A 96 2.84 -1.92 8.12
CA ARG A 96 1.95 -1.42 9.16
C ARG A 96 2.58 -1.61 10.54
N ASP A 97 1.94 -1.04 11.56
CA ASP A 97 2.42 -1.16 12.92
C ASP A 97 3.77 -0.46 13.08
N PRO A 98 3.81 0.83 12.71
CA PRO A 98 5.04 1.65 12.79
C PRO A 98 5.41 1.95 14.24
N ALA A 99 6.64 1.60 14.60
CA ALA A 99 7.14 1.84 15.96
C ALA A 99 6.59 3.16 16.51
N GLY A 100 5.75 3.06 17.53
CA GLY A 100 5.16 4.26 18.13
C GLY A 100 3.72 4.06 18.54
N ASP A 101 3.48 4.01 19.84
CA ASP A 101 2.13 3.82 20.36
C ASP A 101 1.32 5.12 20.31
N ILE A 102 0.34 5.17 19.43
CA ILE A 102 -0.49 6.36 19.28
C ILE A 102 -1.86 6.16 19.93
N SER A 103 -2.63 7.24 20.03
CA SER A 103 -3.95 7.19 20.64
C SER A 103 -5.02 7.66 19.65
N VAL A 104 -5.44 6.76 18.78
CA VAL A 104 -6.45 7.08 17.78
C VAL A 104 -7.70 7.67 18.44
N THR A 105 -8.30 8.65 17.77
CA THR A 105 -9.49 9.31 18.28
C THR A 105 -10.62 9.27 17.26
N SER A 106 -11.81 8.88 17.71
CA SER A 106 -12.97 8.80 16.83
C SER A 106 -13.60 10.18 16.64
N GLY A 107 -14.04 10.78 17.74
CA GLY A 107 -14.65 12.10 17.66
C GLY A 107 -15.73 12.29 18.71
N PRO A 108 -16.04 13.56 19.00
CA PRO A 108 -17.06 13.91 20.01
C PRO A 108 -18.47 13.57 19.53
N SER A 109 -19.38 13.40 20.48
CA SER A 109 -20.76 13.06 20.17
C SER A 109 -21.55 14.31 19.76
N SER A 110 -21.96 14.35 18.50
CA SER A 110 -22.71 15.49 17.97
C SER A 110 -23.84 15.88 18.92
N GLY A 111 -24.68 14.91 19.26
CA GLY A 111 -25.78 15.17 20.17
C GLY A 111 -27.14 14.98 19.50
N GLY A 1 18.67 -19.07 -16.51
CA GLY A 1 17.90 -18.10 -15.76
C GLY A 1 18.54 -17.73 -14.44
N SER A 2 17.87 -16.89 -13.67
CA SER A 2 18.38 -16.45 -12.38
C SER A 2 17.38 -16.73 -11.26
N SER A 3 17.68 -17.71 -10.43
CA SER A 3 16.79 -18.07 -9.33
C SER A 3 16.18 -16.83 -8.69
N GLY A 4 14.87 -16.87 -8.47
CA GLY A 4 14.19 -15.74 -7.87
C GLY A 4 14.56 -15.55 -6.40
N SER A 5 15.18 -14.41 -6.10
CA SER A 5 15.60 -14.11 -4.74
C SER A 5 14.60 -13.17 -4.06
N SER A 6 13.53 -13.74 -3.52
CA SER A 6 12.50 -12.95 -2.85
C SER A 6 12.77 -12.88 -1.34
N GLY A 7 12.15 -11.91 -0.68
CA GLY A 7 12.33 -11.75 0.76
C GLY A 7 11.83 -10.42 1.27
N PRO A 8 11.33 -10.41 2.51
CA PRO A 8 10.82 -9.18 3.14
C PRO A 8 11.92 -8.18 3.45
N GLU A 9 11.52 -6.98 3.85
CA GLU A 9 12.47 -5.93 4.18
C GLU A 9 12.57 -5.72 5.69
N THR A 10 11.42 -5.43 6.31
CA THR A 10 11.36 -5.20 7.75
C THR A 10 12.52 -4.33 8.22
N VAL A 11 12.71 -3.20 7.56
CA VAL A 11 13.79 -2.28 7.90
C VAL A 11 13.57 -1.68 9.30
N CYS A 12 12.47 -0.94 9.45
CA CYS A 12 12.15 -0.31 10.72
C CYS A 12 10.67 -0.50 11.06
N TRP A 13 10.16 -1.69 10.76
CA TRP A 13 8.75 -2.00 11.03
C TRP A 13 8.63 -3.23 11.92
N GLY A 14 7.40 -3.67 12.17
CA GLY A 14 7.17 -4.83 13.00
C GLY A 14 6.43 -5.93 12.27
N HIS A 15 5.44 -5.53 11.47
CA HIS A 15 4.65 -6.50 10.71
C HIS A 15 4.61 -6.14 9.24
N VAL A 16 5.54 -6.69 8.47
CA VAL A 16 5.62 -6.42 7.04
C VAL A 16 5.18 -7.64 6.23
N GLU A 17 4.48 -7.38 5.13
CA GLU A 17 4.00 -8.46 4.26
C GLU A 17 3.62 -7.92 2.89
N GLU A 18 4.04 -8.64 1.84
CA GLU A 18 3.75 -8.22 0.47
C GLU A 18 2.37 -8.72 0.04
N VAL A 19 1.55 -7.79 -0.43
CA VAL A 19 0.20 -8.13 -0.87
C VAL A 19 0.14 -8.27 -2.39
N GLU A 20 -0.28 -9.45 -2.85
CA GLU A 20 -0.38 -9.72 -4.28
C GLU A 20 -1.83 -9.80 -4.72
N LEU A 21 -2.25 -8.85 -5.55
CA LEU A 21 -3.63 -8.81 -6.04
C LEU A 21 -3.66 -8.82 -7.57
N ILE A 22 -4.30 -9.84 -8.14
CA ILE A 22 -4.40 -9.96 -9.58
C ILE A 22 -5.77 -9.51 -10.07
N ASN A 23 -5.80 -8.37 -10.75
CA ASN A 23 -7.06 -7.84 -11.28
C ASN A 23 -7.91 -8.95 -11.89
N ASP A 24 -9.04 -9.24 -11.26
CA ASP A 24 -9.94 -10.28 -11.74
C ASP A 24 -10.72 -9.81 -12.95
N GLY A 25 -11.19 -8.56 -12.90
CA GLY A 25 -11.94 -8.00 -14.01
C GLY A 25 -12.46 -6.61 -13.72
N SER A 26 -13.12 -6.44 -12.58
CA SER A 26 -13.66 -5.15 -12.19
C SER A 26 -12.54 -4.19 -11.80
N GLY A 27 -11.81 -4.53 -10.75
CA GLY A 27 -10.73 -3.69 -10.29
C GLY A 27 -10.08 -4.21 -9.02
N LEU A 28 -8.98 -3.58 -8.61
CA LEU A 28 -8.27 -3.99 -7.41
C LEU A 28 -9.21 -4.13 -6.23
N GLY A 29 -10.07 -3.13 -6.04
CA GLY A 29 -11.02 -3.16 -4.94
C GLY A 29 -10.57 -2.34 -3.76
N PHE A 30 -9.99 -1.17 -4.02
CA PHE A 30 -9.51 -0.29 -2.97
C PHE A 30 -9.01 1.03 -3.55
N GLY A 31 -9.34 2.13 -2.86
CA GLY A 31 -8.92 3.44 -3.33
C GLY A 31 -7.57 3.85 -2.76
N ILE A 32 -7.03 4.95 -3.28
CA ILE A 32 -5.73 5.44 -2.83
C ILE A 32 -5.85 6.86 -2.28
N VAL A 33 -4.84 7.29 -1.52
CA VAL A 33 -4.83 8.62 -0.95
C VAL A 33 -3.40 9.08 -0.66
N GLY A 34 -3.09 10.31 -1.05
CA GLY A 34 -1.75 10.85 -0.81
C GLY A 34 -1.60 11.45 0.57
N GLY A 35 -0.81 10.79 1.41
CA GLY A 35 -0.59 11.28 2.76
C GLY A 35 0.12 12.62 2.78
N LYS A 36 1.25 12.67 3.48
CA LYS A 36 2.04 13.89 3.59
C LYS A 36 3.50 13.63 3.25
N THR A 37 4.07 12.59 3.86
CA THR A 37 5.46 12.24 3.62
C THR A 37 5.58 10.83 3.03
N SER A 38 4.72 9.93 3.49
CA SER A 38 4.73 8.55 3.01
C SER A 38 4.26 8.49 1.57
N GLY A 39 4.52 7.35 0.92
CA GLY A 39 4.12 7.17 -0.47
C GLY A 39 2.63 7.29 -0.66
N VAL A 40 1.98 6.20 -1.03
CA VAL A 40 0.55 6.19 -1.25
C VAL A 40 -0.17 5.37 -0.18
N VAL A 41 -1.30 5.88 0.29
CA VAL A 41 -2.08 5.20 1.32
C VAL A 41 -3.43 4.75 0.76
N VAL A 42 -4.11 3.88 1.51
CA VAL A 42 -5.41 3.37 1.11
C VAL A 42 -6.54 4.14 1.78
N ARG A 43 -7.54 4.55 1.00
CA ARG A 43 -8.67 5.30 1.54
C ARG A 43 -9.78 4.35 1.98
N THR A 44 -10.01 3.30 1.19
CA THR A 44 -11.05 2.32 1.50
C THR A 44 -10.81 1.01 0.76
N ILE A 45 -11.41 -0.06 1.26
CA ILE A 45 -11.26 -1.37 0.64
C ILE A 45 -12.63 -2.03 0.42
N VAL A 46 -13.11 -1.98 -0.81
CA VAL A 46 -14.40 -2.57 -1.15
C VAL A 46 -14.63 -3.86 -0.38
N PRO A 47 -15.76 -3.91 0.35
CA PRO A 47 -16.13 -5.09 1.16
C PRO A 47 -16.51 -6.29 0.30
N GLY A 48 -16.02 -7.46 0.69
CA GLY A 48 -16.33 -8.67 -0.06
C GLY A 48 -16.05 -8.52 -1.55
N GLY A 49 -14.85 -8.03 -1.87
CA GLY A 49 -14.49 -7.84 -3.27
C GLY A 49 -13.27 -8.67 -3.66
N LEU A 50 -12.15 -7.99 -3.88
CA LEU A 50 -10.92 -8.68 -4.27
C LEU A 50 -9.88 -8.61 -3.15
N ALA A 51 -9.63 -7.40 -2.67
CA ALA A 51 -8.66 -7.19 -1.59
C ALA A 51 -9.20 -7.71 -0.26
N ASP A 52 -10.47 -7.45 -0.02
CA ASP A 52 -11.12 -7.88 1.22
C ASP A 52 -11.22 -9.41 1.27
N ARG A 53 -12.02 -9.98 0.38
CA ARG A 53 -12.21 -11.42 0.33
C ARG A 53 -10.89 -12.15 0.59
N ASP A 54 -9.83 -11.70 -0.08
CA ASP A 54 -8.51 -12.32 0.08
C ASP A 54 -8.02 -12.17 1.52
N GLY A 55 -8.25 -10.99 2.10
CA GLY A 55 -7.81 -10.74 3.46
C GLY A 55 -6.31 -10.65 3.58
N ARG A 56 -5.68 -9.91 2.67
CA ARG A 56 -4.23 -9.76 2.68
C ARG A 56 -3.85 -8.30 2.92
N LEU A 57 -4.50 -7.40 2.20
CA LEU A 57 -4.22 -5.97 2.33
C LEU A 57 -5.11 -5.34 3.40
N GLN A 58 -4.57 -4.34 4.08
CA GLN A 58 -5.31 -3.65 5.14
C GLN A 58 -5.59 -2.20 4.75
N THR A 59 -6.61 -1.61 5.37
CA THR A 59 -6.98 -0.22 5.09
C THR A 59 -5.86 0.73 5.48
N GLY A 60 -5.84 1.89 4.84
CA GLY A 60 -4.81 2.88 5.14
C GLY A 60 -3.42 2.28 5.25
N ASP A 61 -2.99 1.61 4.19
CA ASP A 61 -1.68 0.97 4.17
C ASP A 61 -0.64 1.89 3.53
N HIS A 62 0.46 2.10 4.24
CA HIS A 62 1.54 2.95 3.74
C HIS A 62 2.35 2.24 2.67
N ILE A 63 1.91 2.35 1.42
CA ILE A 63 2.59 1.71 0.30
C ILE A 63 3.99 2.29 0.12
N LEU A 64 4.99 1.41 0.16
CA LEU A 64 6.38 1.83 0.00
C LEU A 64 6.80 1.78 -1.47
N LYS A 65 6.40 0.72 -2.15
CA LYS A 65 6.72 0.55 -3.57
C LYS A 65 5.81 -0.47 -4.23
N ILE A 66 5.70 -0.40 -5.55
CA ILE A 66 4.85 -1.31 -6.30
C ILE A 66 5.65 -2.06 -7.36
N GLY A 67 6.08 -3.28 -7.02
CA GLY A 67 6.84 -4.09 -7.94
C GLY A 67 8.22 -3.50 -8.22
N GLY A 68 8.89 -3.06 -7.16
CA GLY A 68 10.21 -2.49 -7.32
C GLY A 68 10.18 -1.14 -8.01
N THR A 69 9.13 -0.36 -7.76
CA THR A 69 8.98 0.95 -8.37
C THR A 69 9.04 2.05 -7.31
N ASN A 70 9.77 3.12 -7.63
CA ASN A 70 9.91 4.25 -6.72
C ASN A 70 8.65 5.10 -6.71
N VAL A 71 7.69 4.72 -5.88
CA VAL A 71 6.43 5.46 -5.77
C VAL A 71 6.50 6.50 -4.65
N GLN A 72 7.11 6.11 -3.53
CA GLN A 72 7.23 7.01 -2.39
C GLN A 72 7.77 8.37 -2.81
N GLY A 73 8.70 8.35 -3.76
CA GLY A 73 9.29 9.59 -4.24
C GLY A 73 8.31 10.42 -5.06
N MET A 74 7.32 9.75 -5.64
CA MET A 74 6.32 10.43 -6.45
C MET A 74 4.97 10.46 -5.74
N THR A 75 3.98 11.10 -6.35
CA THR A 75 2.66 11.21 -5.77
C THR A 75 1.74 10.09 -6.27
N SER A 76 0.67 9.84 -5.53
CA SER A 76 -0.28 8.80 -5.89
C SER A 76 -0.77 8.98 -7.32
N GLU A 77 -1.06 10.23 -7.69
CA GLU A 77 -1.54 10.54 -9.02
C GLU A 77 -0.69 9.83 -10.08
N GLN A 78 0.62 9.78 -9.86
CA GLN A 78 1.54 9.14 -10.79
C GLN A 78 1.54 7.62 -10.58
N VAL A 79 1.24 7.19 -9.36
CA VAL A 79 1.20 5.77 -9.05
C VAL A 79 0.07 5.07 -9.77
N ALA A 80 -0.98 5.82 -10.08
CA ALA A 80 -2.14 5.27 -10.78
C ALA A 80 -1.73 4.63 -12.11
N GLN A 81 -0.98 5.38 -12.91
CA GLN A 81 -0.53 4.88 -14.20
C GLN A 81 0.41 3.69 -14.03
N VAL A 82 1.13 3.66 -12.91
CA VAL A 82 2.06 2.58 -12.63
C VAL A 82 1.34 1.25 -12.49
N LEU A 83 0.22 1.26 -11.78
CA LEU A 83 -0.58 0.06 -11.57
C LEU A 83 -1.17 -0.43 -12.88
N ARG A 84 -1.40 0.50 -13.80
CA ARG A 84 -1.97 0.15 -15.10
C ARG A 84 -0.92 -0.51 -16.00
N ASN A 85 0.34 -0.39 -15.61
CA ASN A 85 1.43 -0.96 -16.38
C ASN A 85 1.68 -2.41 -15.95
N CYS A 86 2.03 -2.60 -14.69
CA CYS A 86 2.30 -3.94 -14.16
C CYS A 86 1.24 -4.93 -14.65
N GLY A 87 0.02 -4.44 -14.84
CA GLY A 87 -1.05 -5.30 -15.29
C GLY A 87 -1.89 -5.83 -14.15
N ASN A 88 -2.62 -6.92 -14.40
CA ASN A 88 -3.48 -7.52 -13.38
C ASN A 88 -2.68 -7.84 -12.13
N SER A 89 -1.57 -8.56 -12.30
CA SER A 89 -0.72 -8.93 -11.18
C SER A 89 -0.02 -7.71 -10.59
N VAL A 90 -0.41 -7.33 -9.38
CA VAL A 90 0.18 -6.18 -8.71
C VAL A 90 0.80 -6.59 -7.37
N ARG A 91 2.07 -6.23 -7.19
CA ARG A 91 2.79 -6.56 -5.96
C ARG A 91 3.16 -5.28 -5.20
N MET A 92 2.34 -4.92 -4.22
CA MET A 92 2.59 -3.73 -3.43
C MET A 92 3.14 -4.10 -2.05
N LEU A 93 4.14 -3.35 -1.60
CA LEU A 93 4.76 -3.61 -0.29
C LEU A 93 4.13 -2.71 0.78
N VAL A 94 3.15 -3.26 1.49
CA VAL A 94 2.48 -2.52 2.55
C VAL A 94 3.05 -2.87 3.92
N ALA A 95 3.24 -1.85 4.75
CA ALA A 95 3.79 -2.06 6.09
C ALA A 95 2.97 -1.29 7.13
N ARG A 96 3.00 -1.78 8.37
CA ARG A 96 2.26 -1.14 9.45
C ARG A 96 2.98 -1.35 10.78
N ASP A 97 2.37 -0.86 11.86
CA ASP A 97 2.94 -0.99 13.20
C ASP A 97 4.35 -0.40 13.22
N PRO A 98 4.49 0.86 12.81
CA PRO A 98 5.78 1.56 12.78
C PRO A 98 6.30 1.86 14.18
N ALA A 99 7.58 2.17 14.28
CA ALA A 99 8.21 2.47 15.55
C ALA A 99 7.61 3.74 16.17
N GLY A 100 7.49 4.79 15.36
CA GLY A 100 6.93 6.03 15.85
C GLY A 100 7.84 7.22 15.58
N ASP A 101 7.33 8.21 14.87
CA ASP A 101 8.10 9.40 14.55
C ASP A 101 7.50 10.64 15.21
N ILE A 102 8.35 11.56 15.63
CA ILE A 102 7.90 12.78 16.27
C ILE A 102 7.85 13.94 15.28
N SER A 103 6.67 14.19 14.73
CA SER A 103 6.49 15.28 13.77
C SER A 103 6.04 16.56 14.47
N VAL A 104 7.01 17.31 14.99
CA VAL A 104 6.72 18.55 15.69
C VAL A 104 5.36 18.48 16.39
N THR A 105 5.16 17.43 17.17
CA THR A 105 3.91 17.25 17.90
C THR A 105 3.64 18.42 18.84
N SER A 106 2.67 19.25 18.48
CA SER A 106 2.32 20.42 19.29
C SER A 106 0.90 20.89 18.98
N GLY A 107 0.20 21.32 20.02
CA GLY A 107 -1.17 21.79 19.83
C GLY A 107 -1.71 22.48 21.07
N PRO A 108 -2.96 22.97 20.98
CA PRO A 108 -3.62 23.65 22.09
C PRO A 108 -3.96 22.72 23.24
N SER A 109 -3.76 21.41 23.03
CA SER A 109 -4.05 20.42 24.04
C SER A 109 -2.78 20.07 24.83
N SER A 110 -2.97 19.53 26.03
CA SER A 110 -1.84 19.15 26.88
C SER A 110 -1.02 18.05 26.23
N GLY A 111 -1.69 17.01 25.76
CA GLY A 111 -1.01 15.90 25.13
C GLY A 111 -1.58 14.56 25.51
N GLY A 1 31.19 -10.43 -7.50
CA GLY A 1 30.51 -9.59 -6.54
C GLY A 1 30.75 -10.05 -5.11
N SER A 2 30.82 -9.08 -4.19
CA SER A 2 31.05 -9.40 -2.78
C SER A 2 29.96 -10.31 -2.24
N SER A 3 30.34 -11.19 -1.32
CA SER A 3 29.40 -12.14 -0.73
C SER A 3 28.25 -11.40 -0.05
N GLY A 4 27.02 -11.82 -0.35
CA GLY A 4 25.86 -11.19 0.25
C GLY A 4 25.09 -10.35 -0.74
N SER A 5 24.19 -11.00 -1.50
CA SER A 5 23.38 -10.31 -2.49
C SER A 5 22.41 -9.34 -1.82
N SER A 6 22.19 -8.20 -2.46
CA SER A 6 21.27 -7.19 -1.93
C SER A 6 20.15 -6.91 -2.92
N GLY A 7 18.92 -6.81 -2.40
CA GLY A 7 17.78 -6.53 -3.25
C GLY A 7 16.81 -5.56 -2.63
N PRO A 8 15.92 -6.07 -1.76
CA PRO A 8 14.92 -5.24 -1.07
C PRO A 8 15.54 -4.32 -0.03
N GLU A 9 14.70 -3.59 0.69
CA GLU A 9 15.17 -2.67 1.71
C GLU A 9 14.66 -3.08 3.09
N THR A 10 15.44 -2.77 4.12
CA THR A 10 15.07 -3.11 5.48
C THR A 10 14.91 -1.85 6.35
N VAL A 11 13.68 -1.38 6.48
CA VAL A 11 13.40 -0.19 7.27
C VAL A 11 12.70 -0.55 8.57
N CYS A 12 12.98 0.21 9.63
CA CYS A 12 12.38 -0.03 10.93
C CYS A 12 10.86 -0.06 10.83
N TRP A 13 10.28 -1.24 10.99
CA TRP A 13 8.84 -1.40 10.92
C TRP A 13 8.36 -2.49 11.88
N GLY A 14 7.08 -2.43 12.25
CA GLY A 14 6.53 -3.41 13.16
C GLY A 14 6.09 -4.68 12.45
N HIS A 15 5.65 -4.54 11.21
CA HIS A 15 5.20 -5.68 10.42
C HIS A 15 5.18 -5.35 8.93
N VAL A 16 5.89 -6.15 8.14
CA VAL A 16 5.96 -5.93 6.70
C VAL A 16 5.52 -7.18 5.95
N GLU A 17 4.52 -7.03 5.09
CA GLU A 17 4.01 -8.14 4.30
C GLU A 17 3.64 -7.69 2.89
N GLU A 18 3.85 -8.58 1.92
CA GLU A 18 3.54 -8.26 0.53
C GLU A 18 2.15 -8.79 0.15
N VAL A 19 1.47 -8.07 -0.73
CA VAL A 19 0.14 -8.46 -1.18
C VAL A 19 0.08 -8.56 -2.69
N GLU A 20 -0.36 -9.72 -3.19
CA GLU A 20 -0.46 -9.94 -4.63
C GLU A 20 -1.93 -10.05 -5.05
N LEU A 21 -2.42 -9.03 -5.74
CA LEU A 21 -3.80 -9.01 -6.21
C LEU A 21 -3.87 -9.05 -7.74
N ILE A 22 -4.59 -10.02 -8.26
CA ILE A 22 -4.75 -10.17 -9.70
C ILE A 22 -6.01 -9.48 -10.21
N ASN A 23 -5.92 -8.84 -11.37
CA ASN A 23 -7.05 -8.15 -11.96
C ASN A 23 -7.70 -8.99 -13.06
N ASP A 24 -8.88 -9.54 -12.76
CA ASP A 24 -9.60 -10.35 -13.72
C ASP A 24 -10.81 -9.61 -14.28
N GLY A 25 -10.62 -8.32 -14.58
CA GLY A 25 -11.70 -7.52 -15.12
C GLY A 25 -12.36 -6.65 -14.06
N SER A 26 -12.87 -7.29 -13.01
CA SER A 26 -13.51 -6.56 -11.92
C SER A 26 -12.69 -5.34 -11.50
N GLY A 27 -11.44 -5.59 -11.13
CA GLY A 27 -10.57 -4.51 -10.72
C GLY A 27 -10.04 -4.69 -9.30
N LEU A 28 -9.22 -3.76 -8.85
CA LEU A 28 -8.65 -3.83 -7.52
C LEU A 28 -9.70 -3.55 -6.45
N GLY A 29 -10.45 -2.47 -6.63
CA GLY A 29 -11.50 -2.12 -5.68
C GLY A 29 -11.03 -1.10 -4.66
N PHE A 30 -10.06 -1.48 -3.84
CA PHE A 30 -9.54 -0.59 -2.81
C PHE A 30 -9.07 0.72 -3.43
N GLY A 31 -9.35 1.84 -2.74
CA GLY A 31 -8.96 3.13 -3.23
C GLY A 31 -7.63 3.59 -2.67
N ILE A 32 -6.96 4.50 -3.37
CA ILE A 32 -5.67 5.01 -2.92
C ILE A 32 -5.75 6.50 -2.60
N VAL A 33 -4.77 7.00 -1.87
CA VAL A 33 -4.73 8.41 -1.49
C VAL A 33 -3.30 8.85 -1.21
N GLY A 34 -2.88 9.93 -1.87
CA GLY A 34 -1.54 10.45 -1.67
C GLY A 34 -1.41 11.25 -0.39
N GLY A 35 -1.47 10.55 0.75
CA GLY A 35 -1.36 11.22 2.03
C GLY A 35 -0.10 12.06 2.15
N LYS A 36 0.10 12.66 3.31
CA LYS A 36 1.27 13.50 3.54
C LYS A 36 2.56 12.70 3.37
N THR A 37 2.70 11.65 4.15
CA THR A 37 3.88 10.79 4.08
C THR A 37 4.27 10.51 2.63
N SER A 38 5.55 10.21 2.41
CA SER A 38 6.06 9.93 1.08
C SER A 38 5.61 8.55 0.62
N GLY A 39 4.59 8.52 -0.24
CA GLY A 39 4.09 7.26 -0.75
C GLY A 39 2.59 7.30 -1.00
N VAL A 40 1.96 6.13 -0.99
CA VAL A 40 0.53 6.03 -1.23
C VAL A 40 -0.18 5.34 -0.06
N VAL A 41 -1.42 5.71 0.18
CA VAL A 41 -2.21 5.13 1.26
C VAL A 41 -3.51 4.55 0.74
N VAL A 42 -4.12 3.68 1.55
CA VAL A 42 -5.38 3.05 1.17
C VAL A 42 -6.57 3.71 1.86
N ARG A 43 -7.27 4.55 1.12
CA ARG A 43 -8.43 5.26 1.66
C ARG A 43 -9.48 4.27 2.17
N THR A 44 -9.73 3.22 1.40
CA THR A 44 -10.71 2.20 1.77
C THR A 44 -10.50 0.93 0.97
N ILE A 45 -11.25 -0.11 1.32
CA ILE A 45 -11.14 -1.39 0.64
C ILE A 45 -12.53 -2.01 0.40
N VAL A 46 -12.93 -2.06 -0.86
CA VAL A 46 -14.23 -2.61 -1.23
C VAL A 46 -14.61 -3.77 -0.30
N PRO A 47 -15.86 -3.74 0.18
CA PRO A 47 -16.37 -4.78 1.08
C PRO A 47 -16.57 -6.12 0.38
N GLY A 48 -15.66 -7.06 0.63
CA GLY A 48 -15.76 -8.36 0.01
C GLY A 48 -15.49 -8.32 -1.49
N GLY A 49 -14.45 -7.59 -1.87
CA GLY A 49 -14.11 -7.47 -3.28
C GLY A 49 -12.91 -8.32 -3.66
N LEU A 50 -11.79 -7.67 -3.91
CA LEU A 50 -10.56 -8.37 -4.29
C LEU A 50 -9.57 -8.40 -3.13
N ALA A 51 -9.40 -7.25 -2.49
CA ALA A 51 -8.48 -7.14 -1.35
C ALA A 51 -9.12 -7.67 -0.08
N ASP A 52 -10.35 -7.24 0.18
CA ASP A 52 -11.07 -7.68 1.38
C ASP A 52 -11.23 -9.19 1.39
N ARG A 53 -11.93 -9.71 0.39
CA ARG A 53 -12.17 -11.15 0.28
C ARG A 53 -10.92 -11.93 0.69
N ASP A 54 -9.79 -11.56 0.12
CA ASP A 54 -8.51 -12.22 0.42
C ASP A 54 -8.19 -12.11 1.91
N GLY A 55 -8.25 -10.89 2.44
CA GLY A 55 -7.95 -10.68 3.83
C GLY A 55 -6.46 -10.53 4.10
N ARG A 56 -5.76 -9.89 3.18
CA ARG A 56 -4.32 -9.69 3.31
C ARG A 56 -3.98 -8.20 3.46
N LEU A 57 -4.53 -7.40 2.55
CA LEU A 57 -4.29 -5.96 2.57
C LEU A 57 -5.25 -5.26 3.53
N GLN A 58 -4.71 -4.36 4.36
CA GLN A 58 -5.52 -3.62 5.32
C GLN A 58 -5.74 -2.18 4.85
N THR A 59 -6.60 -1.46 5.58
CA THR A 59 -6.89 -0.08 5.23
C THR A 59 -5.73 0.84 5.60
N GLY A 60 -5.75 2.05 5.05
CA GLY A 60 -4.69 3.00 5.33
C GLY A 60 -3.33 2.35 5.41
N ASP A 61 -3.02 1.49 4.45
CA ASP A 61 -1.74 0.80 4.41
C ASP A 61 -0.70 1.61 3.66
N HIS A 62 0.41 1.90 4.34
CA HIS A 62 1.50 2.67 3.74
C HIS A 62 2.23 1.86 2.68
N ILE A 63 2.00 2.20 1.42
CA ILE A 63 2.65 1.50 0.31
C ILE A 63 4.08 1.98 0.13
N LEU A 64 5.04 1.05 0.23
CA LEU A 64 6.44 1.38 0.06
C LEU A 64 6.82 1.42 -1.41
N LYS A 65 6.43 0.38 -2.15
CA LYS A 65 6.74 0.29 -3.57
C LYS A 65 5.69 -0.55 -4.30
N ILE A 66 5.62 -0.39 -5.61
CA ILE A 66 4.66 -1.14 -6.42
C ILE A 66 5.34 -1.75 -7.64
N GLY A 67 5.48 -3.07 -7.63
CA GLY A 67 6.11 -3.76 -8.75
C GLY A 67 7.48 -3.21 -9.06
N GLY A 68 8.36 -3.21 -8.07
CA GLY A 68 9.71 -2.69 -8.26
C GLY A 68 9.71 -1.26 -8.74
N THR A 69 8.75 -0.47 -8.27
CA THR A 69 8.65 0.93 -8.65
C THR A 69 8.83 1.85 -7.44
N ASN A 70 9.56 2.94 -7.64
CA ASN A 70 9.81 3.90 -6.56
C ASN A 70 8.66 4.89 -6.44
N VAL A 71 7.62 4.49 -5.72
CA VAL A 71 6.45 5.34 -5.52
C VAL A 71 6.62 6.22 -4.28
N GLN A 72 7.38 5.73 -3.31
CA GLN A 72 7.63 6.46 -2.08
C GLN A 72 8.31 7.80 -2.37
N GLY A 73 7.52 8.87 -2.43
CA GLY A 73 8.06 10.18 -2.69
C GLY A 73 7.25 10.95 -3.73
N MET A 74 6.76 10.23 -4.72
CA MET A 74 5.96 10.85 -5.78
C MET A 74 4.51 10.99 -5.36
N THR A 75 3.66 11.45 -6.28
CA THR A 75 2.24 11.64 -6.00
C THR A 75 1.41 10.49 -6.57
N SER A 76 0.27 10.23 -5.94
CA SER A 76 -0.61 9.15 -6.39
C SER A 76 -0.89 9.28 -7.89
N GLU A 77 -1.20 10.50 -8.32
CA GLU A 77 -1.50 10.75 -9.72
C GLU A 77 -0.53 10.00 -10.64
N GLN A 78 0.75 10.02 -10.27
CA GLN A 78 1.78 9.34 -11.06
C GLN A 78 1.78 7.85 -10.76
N VAL A 79 1.27 7.47 -9.59
CA VAL A 79 1.21 6.07 -9.19
C VAL A 79 0.13 5.33 -9.96
N ALA A 80 -1.01 5.98 -10.15
CA ALA A 80 -2.13 5.38 -10.87
C ALA A 80 -1.64 4.59 -12.08
N GLN A 81 -0.74 5.19 -12.85
CA GLN A 81 -0.19 4.55 -14.04
C GLN A 81 0.72 3.38 -13.66
N VAL A 82 1.49 3.57 -12.59
CA VAL A 82 2.41 2.53 -12.11
C VAL A 82 1.68 1.20 -11.95
N LEU A 83 0.53 1.23 -11.29
CA LEU A 83 -0.26 0.02 -11.08
C LEU A 83 -0.61 -0.66 -12.40
N ARG A 84 -1.07 0.13 -13.36
CA ARG A 84 -1.43 -0.38 -14.68
C ARG A 84 -0.22 -0.95 -15.39
N ASN A 85 0.92 -0.27 -15.25
CA ASN A 85 2.15 -0.70 -15.89
C ASN A 85 2.49 -2.13 -15.49
N CYS A 86 1.87 -2.61 -14.41
CA CYS A 86 2.12 -3.96 -13.93
C CYS A 86 1.05 -4.92 -14.46
N GLY A 87 0.44 -4.57 -15.59
CA GLY A 87 -0.58 -5.41 -16.18
C GLY A 87 -1.65 -5.81 -15.18
N ASN A 88 -2.00 -7.09 -15.17
CA ASN A 88 -3.02 -7.60 -14.26
C ASN A 88 -2.43 -7.87 -12.88
N SER A 89 -1.47 -8.77 -12.82
CA SER A 89 -0.82 -9.12 -11.55
C SER A 89 -0.28 -7.88 -10.87
N VAL A 90 -0.75 -7.63 -9.64
CA VAL A 90 -0.31 -6.47 -8.88
C VAL A 90 0.51 -6.90 -7.67
N ARG A 91 1.66 -6.28 -7.49
CA ARG A 91 2.55 -6.59 -6.37
C ARG A 91 2.89 -5.33 -5.58
N MET A 92 2.27 -5.18 -4.41
CA MET A 92 2.52 -4.02 -3.56
C MET A 92 3.07 -4.45 -2.21
N LEU A 93 3.87 -3.58 -1.60
CA LEU A 93 4.48 -3.87 -0.30
C LEU A 93 3.95 -2.92 0.76
N VAL A 94 3.04 -3.41 1.60
CA VAL A 94 2.45 -2.61 2.66
C VAL A 94 3.10 -2.92 4.00
N ALA A 95 3.00 -1.97 4.94
CA ALA A 95 3.58 -2.15 6.26
C ALA A 95 2.78 -1.38 7.31
N ARG A 96 2.85 -1.85 8.56
CA ARG A 96 2.13 -1.20 9.65
C ARG A 96 2.89 -1.35 10.97
N ASP A 97 2.37 -0.73 12.02
CA ASP A 97 3.00 -0.79 13.33
C ASP A 97 4.40 -0.17 13.30
N PRO A 98 4.47 1.09 12.84
CA PRO A 98 5.74 1.82 12.75
C PRO A 98 6.31 2.18 14.11
N ALA A 99 7.63 2.16 14.22
CA ALA A 99 8.30 2.48 15.47
C ALA A 99 8.22 3.97 15.76
N GLY A 100 7.08 4.41 16.30
CA GLY A 100 6.90 5.82 16.61
C GLY A 100 6.44 6.04 18.04
N ASP A 101 5.13 5.97 18.26
CA ASP A 101 4.57 6.15 19.59
C ASP A 101 4.84 7.57 20.10
N ILE A 102 4.68 8.55 19.22
CA ILE A 102 4.91 9.95 19.58
C ILE A 102 3.60 10.73 19.62
N SER A 103 2.76 10.52 18.60
CA SER A 103 1.48 11.20 18.52
C SER A 103 0.36 10.22 18.18
N VAL A 104 -0.88 10.67 18.36
CA VAL A 104 -2.04 9.82 18.08
C VAL A 104 -2.84 10.38 16.91
N THR A 105 -3.32 9.48 16.05
CA THR A 105 -4.10 9.88 14.89
C THR A 105 -5.57 10.09 15.26
N SER A 106 -6.03 11.33 15.18
CA SER A 106 -7.41 11.67 15.51
C SER A 106 -8.32 11.46 14.32
N GLY A 107 -9.58 11.13 14.58
CA GLY A 107 -10.54 10.91 13.51
C GLY A 107 -11.53 9.82 13.85
N PRO A 108 -11.21 8.57 13.48
CA PRO A 108 -12.08 7.42 13.74
C PRO A 108 -12.14 7.06 15.22
N SER A 109 -13.35 6.84 15.72
CA SER A 109 -13.56 6.49 17.12
C SER A 109 -13.70 4.99 17.30
N SER A 110 -14.64 4.40 16.56
CA SER A 110 -14.87 2.96 16.64
C SER A 110 -15.34 2.42 15.30
N GLY A 111 -14.61 1.45 14.77
CA GLY A 111 -14.97 0.86 13.49
C GLY A 111 -14.89 -0.66 13.50
N GLY A 1 16.40 -14.82 -12.22
CA GLY A 1 16.24 -16.18 -12.74
C GLY A 1 15.35 -17.04 -11.88
N SER A 2 15.32 -18.33 -12.17
CA SER A 2 14.49 -19.27 -11.42
C SER A 2 14.49 -18.92 -9.93
N SER A 3 15.69 -18.72 -9.38
CA SER A 3 15.84 -18.38 -7.97
C SER A 3 14.73 -17.44 -7.52
N GLY A 4 14.23 -17.67 -6.31
CA GLY A 4 13.16 -16.84 -5.78
C GLY A 4 13.68 -15.52 -5.22
N SER A 5 12.77 -14.65 -4.80
CA SER A 5 13.14 -13.35 -4.26
C SER A 5 13.32 -13.43 -2.74
N SER A 6 14.34 -12.74 -2.24
CA SER A 6 14.63 -12.74 -0.81
C SER A 6 13.37 -12.44 -0.01
N GLY A 7 12.65 -11.40 -0.40
CA GLY A 7 11.43 -11.02 0.29
C GLY A 7 11.32 -9.52 0.49
N PRO A 8 10.56 -9.11 1.53
CA PRO A 8 10.36 -7.70 1.84
C PRO A 8 11.61 -7.04 2.38
N GLU A 9 11.50 -5.78 2.79
CA GLU A 9 12.63 -5.03 3.32
C GLU A 9 12.26 -4.39 4.66
N THR A 10 12.75 -4.97 5.75
CA THR A 10 12.47 -4.46 7.09
C THR A 10 13.59 -3.54 7.55
N VAL A 11 13.44 -2.24 7.30
CA VAL A 11 14.44 -1.26 7.70
C VAL A 11 14.11 -0.67 9.06
N CYS A 12 12.99 0.04 9.13
CA CYS A 12 12.56 0.67 10.38
C CYS A 12 11.08 0.40 10.65
N TRP A 13 10.66 -0.83 10.38
CA TRP A 13 9.27 -1.21 10.58
C TRP A 13 9.17 -2.41 11.53
N GLY A 14 7.95 -2.69 12.00
CA GLY A 14 7.75 -3.81 12.90
C GLY A 14 7.11 -5.00 12.20
N HIS A 15 6.12 -4.73 11.36
CA HIS A 15 5.42 -5.79 10.63
C HIS A 15 5.32 -5.44 9.15
N VAL A 16 6.23 -5.96 8.34
CA VAL A 16 6.23 -5.71 6.91
C VAL A 16 5.76 -6.93 6.14
N GLU A 17 4.62 -6.79 5.46
CA GLU A 17 4.06 -7.89 4.68
C GLU A 17 3.93 -7.50 3.21
N GLU A 18 3.80 -8.49 2.35
CA GLU A 18 3.68 -8.26 0.91
C GLU A 18 2.29 -8.68 0.42
N VAL A 19 1.65 -7.79 -0.34
CA VAL A 19 0.32 -8.07 -0.88
C VAL A 19 0.39 -8.38 -2.37
N GLU A 20 -0.27 -9.46 -2.78
CA GLU A 20 -0.29 -9.85 -4.18
C GLU A 20 -1.71 -10.15 -4.65
N LEU A 21 -2.25 -9.27 -5.48
CA LEU A 21 -3.60 -9.45 -6.00
C LEU A 21 -3.61 -9.36 -7.53
N ILE A 22 -4.32 -10.30 -8.16
CA ILE A 22 -4.40 -10.33 -9.61
C ILE A 22 -5.75 -9.80 -10.09
N ASN A 23 -5.72 -8.82 -10.99
CA ASN A 23 -6.94 -8.23 -11.52
C ASN A 23 -7.73 -9.25 -12.34
N ASP A 24 -8.81 -9.76 -11.75
CA ASP A 24 -9.65 -10.74 -12.42
C ASP A 24 -10.49 -10.08 -13.51
N GLY A 25 -11.27 -9.07 -13.12
CA GLY A 25 -12.12 -8.37 -14.06
C GLY A 25 -12.67 -7.08 -13.51
N SER A 26 -13.16 -7.13 -12.26
CA SER A 26 -13.73 -5.95 -11.62
C SER A 26 -12.66 -4.89 -11.38
N GLY A 27 -11.51 -5.32 -10.89
CA GLY A 27 -10.42 -4.40 -10.62
C GLY A 27 -9.80 -4.61 -9.25
N LEU A 28 -9.04 -3.61 -8.80
CA LEU A 28 -8.38 -3.69 -7.49
C LEU A 28 -9.39 -3.49 -6.36
N GLY A 29 -10.30 -2.52 -6.55
CA GLY A 29 -11.30 -2.24 -5.55
C GLY A 29 -10.84 -1.21 -4.53
N PHE A 30 -9.77 -1.53 -3.81
CA PHE A 30 -9.24 -0.62 -2.81
C PHE A 30 -8.82 0.70 -3.44
N GLY A 31 -9.20 1.80 -2.79
CA GLY A 31 -8.87 3.12 -3.31
C GLY A 31 -7.52 3.62 -2.80
N ILE A 32 -7.08 4.75 -3.33
CA ILE A 32 -5.80 5.33 -2.92
C ILE A 32 -5.97 6.77 -2.49
N VAL A 33 -5.07 7.24 -1.63
CA VAL A 33 -5.12 8.60 -1.13
C VAL A 33 -3.72 9.10 -0.77
N GLY A 34 -3.33 10.23 -1.36
CA GLY A 34 -2.03 10.80 -1.08
C GLY A 34 -1.94 11.42 0.30
N GLY A 35 -1.36 10.68 1.24
CA GLY A 35 -1.22 11.17 2.59
C GLY A 35 -0.56 12.54 2.65
N LYS A 36 0.70 12.57 3.05
CA LYS A 36 1.44 13.83 3.14
C LYS A 36 2.43 13.96 1.99
N THR A 37 1.93 14.36 0.83
CA THR A 37 2.78 14.53 -0.35
C THR A 37 3.94 13.54 -0.35
N SER A 38 3.63 12.28 -0.04
CA SER A 38 4.64 11.24 0.00
C SER A 38 4.01 9.86 0.23
N GLY A 39 4.30 8.93 -0.67
CA GLY A 39 3.75 7.60 -0.56
C GLY A 39 2.24 7.58 -0.72
N VAL A 40 1.72 6.46 -1.22
CA VAL A 40 0.28 6.31 -1.42
C VAL A 40 -0.35 5.53 -0.27
N VAL A 41 -1.56 5.94 0.11
CA VAL A 41 -2.28 5.28 1.20
C VAL A 41 -3.60 4.69 0.70
N VAL A 42 -4.06 3.65 1.38
CA VAL A 42 -5.32 3.00 1.02
C VAL A 42 -6.50 3.62 1.75
N ARG A 43 -7.26 4.44 1.03
CA ARG A 43 -8.43 5.10 1.63
C ARG A 43 -9.42 4.07 2.16
N THR A 44 -9.88 3.19 1.28
CA THR A 44 -10.84 2.16 1.66
C THR A 44 -10.62 0.88 0.86
N ILE A 45 -11.26 -0.20 1.30
CA ILE A 45 -11.13 -1.49 0.62
C ILE A 45 -12.50 -2.08 0.33
N VAL A 46 -13.02 -1.79 -0.86
CA VAL A 46 -14.32 -2.30 -1.27
C VAL A 46 -14.56 -3.71 -0.73
N PRO A 47 -15.64 -3.86 0.06
CA PRO A 47 -16.00 -5.14 0.66
C PRO A 47 -16.48 -6.15 -0.37
N GLY A 48 -15.79 -7.28 -0.47
CA GLY A 48 -16.16 -8.30 -1.42
C GLY A 48 -15.63 -8.02 -2.82
N GLY A 49 -14.44 -7.46 -2.90
CA GLY A 49 -13.85 -7.14 -4.20
C GLY A 49 -12.63 -7.99 -4.50
N LEU A 50 -11.45 -7.40 -4.36
CA LEU A 50 -10.20 -8.11 -4.62
C LEU A 50 -9.43 -8.36 -3.32
N ALA A 51 -9.09 -7.28 -2.63
CA ALA A 51 -8.36 -7.38 -1.38
C ALA A 51 -9.24 -7.95 -0.27
N ASP A 52 -10.33 -7.26 0.04
CA ASP A 52 -11.25 -7.69 1.08
C ASP A 52 -11.50 -9.20 0.98
N ARG A 53 -11.62 -9.69 -0.25
CA ARG A 53 -11.87 -11.10 -0.48
C ARG A 53 -10.89 -11.96 0.32
N ASP A 54 -9.61 -11.61 0.25
CA ASP A 54 -8.58 -12.35 0.97
C ASP A 54 -8.41 -11.81 2.38
N GLY A 55 -7.87 -10.60 2.49
CA GLY A 55 -7.67 -10.00 3.79
C GLY A 55 -6.21 -9.73 4.09
N ARG A 56 -5.38 -9.74 3.05
CA ARG A 56 -3.96 -9.50 3.20
C ARG A 56 -3.65 -8.02 3.35
N LEU A 57 -4.31 -7.20 2.55
CA LEU A 57 -4.12 -5.75 2.59
C LEU A 57 -5.11 -5.10 3.55
N GLN A 58 -4.60 -4.21 4.40
CA GLN A 58 -5.44 -3.52 5.37
C GLN A 58 -5.68 -2.07 4.95
N THR A 59 -6.65 -1.43 5.57
CA THR A 59 -6.99 -0.05 5.27
C THR A 59 -5.87 0.90 5.70
N GLY A 60 -5.71 1.99 4.97
CA GLY A 60 -4.68 2.96 5.29
C GLY A 60 -3.30 2.33 5.39
N ASP A 61 -2.88 1.66 4.32
CA ASP A 61 -1.58 1.00 4.30
C ASP A 61 -0.58 1.83 3.50
N HIS A 62 0.62 2.00 4.06
CA HIS A 62 1.66 2.77 3.39
C HIS A 62 2.37 1.94 2.33
N ILE A 63 2.14 2.29 1.07
CA ILE A 63 2.75 1.58 -0.05
C ILE A 63 4.20 2.01 -0.26
N LEU A 64 5.10 1.03 -0.33
CA LEU A 64 6.51 1.31 -0.53
C LEU A 64 6.88 1.19 -2.01
N LYS A 65 6.41 0.13 -2.65
CA LYS A 65 6.69 -0.09 -4.07
C LYS A 65 5.66 -1.03 -4.69
N ILE A 66 5.41 -0.86 -5.98
CA ILE A 66 4.44 -1.69 -6.68
C ILE A 66 5.05 -2.28 -7.95
N GLY A 67 5.55 -3.52 -7.82
CA GLY A 67 6.15 -4.19 -8.96
C GLY A 67 7.53 -3.65 -9.29
N GLY A 68 8.20 -3.09 -8.28
CA GLY A 68 9.52 -2.55 -8.48
C GLY A 68 9.51 -1.06 -8.79
N THR A 69 8.52 -0.36 -8.23
CA THR A 69 8.39 1.08 -8.45
C THR A 69 8.53 1.84 -7.15
N ASN A 70 9.04 3.07 -7.24
CA ASN A 70 9.24 3.91 -6.07
C ASN A 70 8.04 4.84 -5.87
N VAL A 71 7.04 4.35 -5.13
CA VAL A 71 5.85 5.12 -4.85
C VAL A 71 5.99 5.92 -3.55
N GLN A 72 6.81 5.40 -2.65
CA GLN A 72 7.04 6.07 -1.36
C GLN A 72 7.96 7.27 -1.52
N GLY A 73 7.63 8.15 -2.47
CA GLY A 73 8.43 9.32 -2.71
C GLY A 73 7.76 10.32 -3.63
N MET A 74 6.94 9.81 -4.55
CA MET A 74 6.23 10.66 -5.50
C MET A 74 4.76 10.79 -5.11
N THR A 75 3.99 11.47 -5.95
CA THR A 75 2.57 11.67 -5.70
C THR A 75 1.74 10.49 -6.20
N SER A 76 0.51 10.41 -5.73
CA SER A 76 -0.38 9.32 -6.14
C SER A 76 -0.72 9.41 -7.62
N GLU A 77 -0.84 10.63 -8.13
CA GLU A 77 -1.16 10.85 -9.53
C GLU A 77 -0.16 10.11 -10.42
N GLN A 78 1.06 9.95 -9.94
CA GLN A 78 2.09 9.26 -10.69
C GLN A 78 2.09 7.77 -10.39
N VAL A 79 1.39 7.39 -9.34
CA VAL A 79 1.31 5.98 -8.93
C VAL A 79 0.15 5.28 -9.64
N ALA A 80 -0.96 6.02 -9.81
CA ALA A 80 -2.14 5.46 -10.47
C ALA A 80 -1.75 4.72 -11.75
N GLN A 81 -0.86 5.31 -12.53
CA GLN A 81 -0.41 4.70 -13.77
C GLN A 81 0.43 3.45 -13.50
N VAL A 82 1.20 3.49 -12.42
CA VAL A 82 2.05 2.36 -12.06
C VAL A 82 1.22 1.08 -11.90
N LEU A 83 0.04 1.22 -11.34
CA LEU A 83 -0.85 0.08 -11.12
C LEU A 83 -1.34 -0.48 -12.46
N ARG A 84 -1.99 0.37 -13.25
CA ARG A 84 -2.51 -0.03 -14.54
C ARG A 84 -1.40 -0.62 -15.41
N ASN A 85 -0.21 -0.05 -15.29
CA ASN A 85 0.94 -0.51 -16.07
C ASN A 85 1.31 -1.95 -15.70
N CYS A 86 1.52 -2.17 -14.40
CA CYS A 86 1.88 -3.50 -13.91
C CYS A 86 1.19 -4.59 -14.73
N GLY A 87 -0.13 -4.52 -14.81
CA GLY A 87 -0.88 -5.50 -15.56
C GLY A 87 -1.88 -6.25 -14.70
N ASN A 88 -1.95 -7.57 -14.88
CA ASN A 88 -2.87 -8.39 -14.12
C ASN A 88 -2.36 -8.61 -12.70
N SER A 89 -1.18 -9.22 -12.58
CA SER A 89 -0.58 -9.48 -11.28
C SER A 89 -0.05 -8.19 -10.65
N VAL A 90 -0.55 -7.87 -9.47
CA VAL A 90 -0.12 -6.67 -8.76
C VAL A 90 0.59 -7.02 -7.45
N ARG A 91 1.87 -6.67 -7.36
CA ARG A 91 2.65 -6.95 -6.16
C ARG A 91 2.98 -5.67 -5.41
N MET A 92 2.22 -5.40 -4.36
CA MET A 92 2.41 -4.19 -3.55
C MET A 92 2.99 -4.55 -2.18
N LEU A 93 3.91 -3.73 -1.70
CA LEU A 93 4.53 -3.95 -0.40
C LEU A 93 4.01 -2.95 0.64
N VAL A 94 3.03 -3.37 1.42
CA VAL A 94 2.45 -2.52 2.45
C VAL A 94 3.13 -2.74 3.80
N ALA A 95 3.22 -1.68 4.59
CA ALA A 95 3.86 -1.76 5.90
C ALA A 95 2.99 -1.10 6.97
N ARG A 96 3.16 -1.53 8.21
CA ARG A 96 2.39 -0.97 9.32
C ARG A 96 3.23 -0.91 10.59
N ASP A 97 2.66 -0.34 11.65
CA ASP A 97 3.36 -0.22 12.92
C ASP A 97 4.68 0.53 12.75
N PRO A 98 4.60 1.73 12.17
CA PRO A 98 5.78 2.58 11.95
C PRO A 98 6.37 3.12 13.24
N ALA A 99 7.66 3.41 13.22
CA ALA A 99 8.35 3.94 14.40
C ALA A 99 7.82 5.32 14.75
N GLY A 100 7.29 5.45 15.96
CA GLY A 100 6.76 6.74 16.41
C GLY A 100 5.65 6.57 17.43
N ASP A 101 5.26 7.68 18.06
CA ASP A 101 4.21 7.66 19.06
C ASP A 101 3.51 9.02 19.14
N ILE A 102 2.20 8.99 19.37
CA ILE A 102 1.42 10.22 19.47
C ILE A 102 1.02 10.49 20.92
N SER A 103 0.67 11.75 21.19
CA SER A 103 0.27 12.14 22.54
C SER A 103 -1.25 12.18 22.66
N VAL A 104 -1.89 12.98 21.80
CA VAL A 104 -3.33 13.11 21.82
C VAL A 104 -3.98 12.12 20.85
N THR A 105 -5.03 11.45 21.30
CA THR A 105 -5.74 10.48 20.49
C THR A 105 -6.82 11.15 19.64
N SER A 106 -6.85 10.82 18.36
CA SER A 106 -7.84 11.39 17.44
C SER A 106 -8.97 10.39 17.16
N GLY A 107 -10.15 10.67 17.72
CA GLY A 107 -11.28 9.79 17.51
C GLY A 107 -12.13 9.66 18.75
N PRO A 108 -12.85 10.74 19.10
CA PRO A 108 -13.73 10.76 20.28
C PRO A 108 -14.97 9.88 20.10
N SER A 109 -15.59 9.97 18.92
CA SER A 109 -16.78 9.19 18.64
C SER A 109 -16.82 8.79 17.17
N SER A 110 -17.46 7.66 16.87
CA SER A 110 -17.56 7.17 15.51
C SER A 110 -19.03 7.13 15.06
N GLY A 111 -19.25 7.44 13.78
CA GLY A 111 -20.60 7.43 13.25
C GLY A 111 -21.09 8.83 12.92
N GLY A 1 21.63 -10.10 -18.22
CA GLY A 1 21.30 -10.56 -16.89
C GLY A 1 19.83 -10.90 -16.73
N SER A 2 19.38 -11.89 -17.50
CA SER A 2 17.99 -12.32 -17.45
C SER A 2 17.45 -12.27 -16.02
N SER A 3 18.08 -13.06 -15.15
CA SER A 3 17.66 -13.12 -13.74
C SER A 3 17.57 -11.73 -13.15
N GLY A 4 16.70 -11.56 -12.15
CA GLY A 4 16.53 -10.28 -11.51
C GLY A 4 15.54 -10.32 -10.37
N SER A 5 15.96 -9.85 -9.20
CA SER A 5 15.11 -9.84 -8.02
C SER A 5 15.02 -8.45 -7.41
N SER A 6 13.82 -8.06 -6.99
CA SER A 6 13.61 -6.75 -6.39
C SER A 6 14.64 -6.46 -5.31
N GLY A 7 14.85 -5.19 -5.02
CA GLY A 7 15.82 -4.80 -4.01
C GLY A 7 15.16 -4.31 -2.73
N PRO A 8 14.90 -5.23 -1.80
CA PRO A 8 14.26 -4.92 -0.52
C PRO A 8 15.18 -4.11 0.39
N GLU A 9 14.66 -3.70 1.55
CA GLU A 9 15.43 -2.93 2.51
C GLU A 9 14.68 -2.80 3.84
N THR A 10 15.38 -3.08 4.93
CA THR A 10 14.79 -3.00 6.26
C THR A 10 14.56 -1.55 6.68
N VAL A 11 13.32 -1.23 7.03
CA VAL A 11 12.98 0.12 7.45
C VAL A 11 12.13 0.10 8.72
N CYS A 12 12.27 1.14 9.54
CA CYS A 12 11.53 1.25 10.79
C CYS A 12 10.07 0.83 10.58
N TRP A 13 9.73 -0.37 11.04
CA TRP A 13 8.37 -0.88 10.91
C TRP A 13 8.13 -2.02 11.88
N GLY A 14 6.86 -2.44 12.00
CA GLY A 14 6.51 -3.52 12.89
C GLY A 14 6.17 -4.79 12.15
N HIS A 15 5.62 -4.64 10.95
CA HIS A 15 5.23 -5.79 10.13
C HIS A 15 5.31 -5.46 8.65
N VAL A 16 6.25 -6.08 7.95
CA VAL A 16 6.43 -5.86 6.52
C VAL A 16 6.00 -7.08 5.71
N GLU A 17 4.96 -6.92 4.92
CA GLU A 17 4.45 -8.01 4.08
C GLU A 17 4.15 -7.52 2.68
N GLU A 18 3.91 -8.46 1.76
CA GLU A 18 3.61 -8.13 0.39
C GLU A 18 2.24 -8.67 -0.02
N VAL A 19 1.35 -7.77 -0.40
CA VAL A 19 0.00 -8.16 -0.82
C VAL A 19 -0.08 -8.35 -2.32
N GLU A 20 -0.44 -9.56 -2.75
CA GLU A 20 -0.57 -9.86 -4.17
C GLU A 20 -2.02 -9.74 -4.64
N LEU A 21 -2.25 -8.84 -5.58
CA LEU A 21 -3.60 -8.63 -6.11
C LEU A 21 -3.60 -8.71 -7.63
N ILE A 22 -4.33 -9.69 -8.16
CA ILE A 22 -4.41 -9.88 -9.60
C ILE A 22 -5.62 -9.14 -10.18
N ASN A 23 -5.37 -8.35 -11.22
CA ASN A 23 -6.45 -7.59 -11.86
C ASN A 23 -7.20 -8.46 -12.86
N ASP A 24 -8.22 -9.16 -12.36
CA ASP A 24 -9.03 -10.03 -13.20
C ASP A 24 -10.11 -9.23 -13.93
N GLY A 25 -9.73 -8.06 -14.42
CA GLY A 25 -10.68 -7.22 -15.13
C GLY A 25 -11.53 -6.38 -14.20
N SER A 26 -12.11 -7.03 -13.19
CA SER A 26 -12.95 -6.34 -12.22
C SER A 26 -12.29 -5.06 -11.73
N GLY A 27 -11.04 -5.18 -11.31
CA GLY A 27 -10.30 -4.03 -10.83
C GLY A 27 -9.77 -4.22 -9.42
N LEU A 28 -8.83 -3.38 -9.01
CA LEU A 28 -8.24 -3.47 -7.68
C LEU A 28 -9.31 -3.32 -6.60
N GLY A 29 -10.13 -2.28 -6.72
CA GLY A 29 -11.18 -2.04 -5.75
C GLY A 29 -10.78 -1.04 -4.69
N PHE A 30 -9.66 -1.30 -4.02
CA PHE A 30 -9.16 -0.41 -2.97
C PHE A 30 -8.70 0.91 -3.57
N GLY A 31 -9.09 2.01 -2.92
CA GLY A 31 -8.70 3.33 -3.39
C GLY A 31 -7.39 3.80 -2.80
N ILE A 32 -6.73 4.73 -3.49
CA ILE A 32 -5.46 5.26 -3.01
C ILE A 32 -5.59 6.72 -2.60
N VAL A 33 -4.66 7.18 -1.78
CA VAL A 33 -4.67 8.57 -1.30
C VAL A 33 -3.28 9.00 -0.87
N GLY A 34 -2.83 10.14 -1.40
CA GLY A 34 -1.52 10.66 -1.06
C GLY A 34 -1.49 11.34 0.29
N GLY A 35 -1.44 10.55 1.36
CA GLY A 35 -1.41 11.09 2.70
C GLY A 35 -0.10 11.77 3.02
N LYS A 36 0.32 11.69 4.28
CA LYS A 36 1.56 12.30 4.72
C LYS A 36 2.70 11.97 3.77
N THR A 37 3.88 12.52 4.04
CA THR A 37 5.05 12.27 3.22
C THR A 37 5.03 10.85 2.66
N SER A 38 4.61 9.90 3.48
CA SER A 38 4.55 8.50 3.06
C SER A 38 4.13 8.38 1.60
N GLY A 39 4.54 7.29 0.96
CA GLY A 39 4.20 7.08 -0.44
C GLY A 39 2.71 7.20 -0.69
N VAL A 40 2.04 6.08 -0.88
CA VAL A 40 0.61 6.07 -1.13
C VAL A 40 -0.15 5.33 -0.03
N VAL A 41 -1.33 5.84 0.31
CA VAL A 41 -2.15 5.23 1.35
C VAL A 41 -3.43 4.64 0.77
N VAL A 42 -3.98 3.65 1.46
CA VAL A 42 -5.21 3.00 1.01
C VAL A 42 -6.43 3.63 1.67
N ARG A 43 -7.11 4.50 0.94
CA ARG A 43 -8.30 5.17 1.45
C ARG A 43 -9.32 4.16 1.95
N THR A 44 -9.69 3.21 1.09
CA THR A 44 -10.65 2.19 1.44
C THR A 44 -10.45 0.92 0.61
N ILE A 45 -11.10 -0.17 1.02
CA ILE A 45 -10.99 -1.43 0.30
C ILE A 45 -12.36 -2.02 0.01
N VAL A 46 -12.81 -1.85 -1.23
CA VAL A 46 -14.11 -2.37 -1.64
C VAL A 46 -14.44 -3.68 -0.93
N PRO A 47 -15.59 -3.72 -0.26
CA PRO A 47 -16.05 -4.91 0.48
C PRO A 47 -16.43 -6.05 -0.46
N GLY A 48 -15.85 -7.22 -0.21
CA GLY A 48 -16.14 -8.38 -1.05
C GLY A 48 -15.77 -8.16 -2.50
N GLY A 49 -14.60 -7.58 -2.73
CA GLY A 49 -14.16 -7.31 -4.09
C GLY A 49 -12.94 -8.14 -4.46
N LEU A 50 -11.77 -7.52 -4.40
CA LEU A 50 -10.53 -8.20 -4.74
C LEU A 50 -9.59 -8.26 -3.52
N ALA A 51 -9.21 -7.10 -3.02
CA ALA A 51 -8.33 -7.04 -1.85
C ALA A 51 -9.04 -7.50 -0.59
N ASP A 52 -10.32 -7.13 -0.47
CA ASP A 52 -11.11 -7.51 0.69
C ASP A 52 -11.25 -9.02 0.79
N ARG A 53 -11.73 -9.65 -0.28
CA ARG A 53 -11.90 -11.09 -0.30
C ARG A 53 -10.63 -11.81 0.11
N ASP A 54 -9.48 -11.21 -0.23
CA ASP A 54 -8.19 -11.78 0.11
C ASP A 54 -7.98 -11.79 1.63
N GLY A 55 -8.11 -10.62 2.24
CA GLY A 55 -7.93 -10.50 3.67
C GLY A 55 -6.46 -10.37 4.06
N ARG A 56 -5.70 -9.69 3.23
CA ARG A 56 -4.27 -9.50 3.49
C ARG A 56 -3.94 -8.02 3.69
N LEU A 57 -4.50 -7.18 2.84
CA LEU A 57 -4.28 -5.74 2.91
C LEU A 57 -5.36 -5.07 3.75
N GLN A 58 -4.95 -4.09 4.56
CA GLN A 58 -5.87 -3.36 5.42
C GLN A 58 -6.05 -1.92 4.93
N THR A 59 -6.90 -1.18 5.63
CA THR A 59 -7.16 0.21 5.27
C THR A 59 -6.01 1.12 5.72
N GLY A 60 -5.57 1.99 4.82
CA GLY A 60 -4.48 2.90 5.14
C GLY A 60 -3.15 2.19 5.26
N ASP A 61 -2.86 1.33 4.29
CA ASP A 61 -1.61 0.58 4.28
C ASP A 61 -0.50 1.38 3.58
N HIS A 62 0.42 1.92 4.36
CA HIS A 62 1.53 2.70 3.81
C HIS A 62 2.28 1.90 2.75
N ILE A 63 2.05 2.26 1.48
CA ILE A 63 2.70 1.58 0.37
C ILE A 63 4.16 2.02 0.24
N LEU A 64 5.06 1.04 0.14
CA LEU A 64 6.48 1.33 0.01
C LEU A 64 6.90 1.34 -1.46
N LYS A 65 6.52 0.29 -2.19
CA LYS A 65 6.86 0.18 -3.60
C LYS A 65 5.91 -0.78 -4.31
N ILE A 66 5.76 -0.60 -5.62
CA ILE A 66 4.88 -1.46 -6.41
C ILE A 66 5.68 -2.23 -7.46
N GLY A 67 5.84 -3.53 -7.24
CA GLY A 67 6.58 -4.36 -8.19
C GLY A 67 7.99 -3.87 -8.40
N GLY A 68 8.65 -3.48 -7.32
CA GLY A 68 10.02 -2.98 -7.42
C GLY A 68 10.10 -1.62 -8.07
N THR A 69 9.08 -0.80 -7.83
CA THR A 69 9.03 0.54 -8.40
C THR A 69 9.04 1.60 -7.30
N ASN A 70 9.79 2.68 -7.52
CA ASN A 70 9.87 3.77 -6.56
C ASN A 70 8.69 4.72 -6.70
N VAL A 71 7.61 4.43 -5.99
CA VAL A 71 6.41 5.26 -6.04
C VAL A 71 6.36 6.21 -4.85
N GLN A 72 6.88 5.78 -3.71
CA GLN A 72 6.89 6.60 -2.52
C GLN A 72 7.24 8.04 -2.85
N GLY A 73 8.38 8.24 -3.50
CA GLY A 73 8.81 9.58 -3.87
C GLY A 73 7.83 10.26 -4.82
N MET A 74 7.06 9.46 -5.55
CA MET A 74 6.09 10.00 -6.49
C MET A 74 4.76 10.28 -5.79
N THR A 75 3.83 10.88 -6.53
CA THR A 75 2.52 11.21 -5.99
C THR A 75 1.46 10.21 -6.42
N SER A 76 0.55 9.87 -5.52
CA SER A 76 -0.51 8.92 -5.82
C SER A 76 -1.11 9.20 -7.20
N GLU A 77 -1.40 10.47 -7.48
CA GLU A 77 -1.98 10.86 -8.75
C GLU A 77 -1.20 10.24 -9.91
N GLN A 78 0.12 10.13 -9.75
CA GLN A 78 0.96 9.56 -10.79
C GLN A 78 1.15 8.07 -10.56
N VAL A 79 0.93 7.61 -9.34
CA VAL A 79 1.08 6.21 -8.99
C VAL A 79 -0.11 5.39 -9.52
N ALA A 80 -1.29 6.00 -9.50
CA ALA A 80 -2.49 5.34 -9.98
C ALA A 80 -2.23 4.58 -11.27
N GLN A 81 -1.55 5.24 -12.20
CA GLN A 81 -1.23 4.63 -13.49
C GLN A 81 -0.22 3.50 -13.33
N VAL A 82 0.70 3.67 -12.38
CA VAL A 82 1.72 2.67 -12.13
C VAL A 82 1.11 1.31 -11.85
N LEU A 83 -0.05 1.31 -11.18
CA LEU A 83 -0.74 0.07 -10.86
C LEU A 83 -1.32 -0.58 -12.12
N ARG A 84 -2.18 0.16 -12.81
CA ARG A 84 -2.80 -0.33 -14.04
C ARG A 84 -1.74 -0.77 -15.05
N ASN A 85 -0.67 0.02 -15.15
CA ASN A 85 0.40 -0.27 -16.09
C ASN A 85 0.91 -1.70 -15.90
N CYS A 86 1.23 -2.05 -14.66
CA CYS A 86 1.73 -3.38 -14.34
C CYS A 86 1.07 -4.44 -15.23
N GLY A 87 -0.24 -4.58 -15.08
CA GLY A 87 -0.97 -5.55 -15.87
C GLY A 87 -2.04 -6.28 -15.08
N ASN A 88 -1.69 -7.46 -14.58
CA ASN A 88 -2.62 -8.26 -13.79
C ASN A 88 -2.12 -8.45 -12.37
N SER A 89 -1.04 -9.20 -12.23
CA SER A 89 -0.45 -9.46 -10.92
C SER A 89 0.26 -8.21 -10.38
N VAL A 90 -0.13 -7.79 -9.18
CA VAL A 90 0.47 -6.61 -8.56
C VAL A 90 1.04 -6.95 -7.18
N ARG A 91 2.33 -6.65 -7.00
CA ARG A 91 2.99 -6.92 -5.73
C ARG A 91 3.35 -5.62 -5.02
N MET A 92 2.64 -5.32 -3.94
CA MET A 92 2.88 -4.12 -3.17
C MET A 92 3.46 -4.45 -1.80
N LEU A 93 4.37 -3.60 -1.33
CA LEU A 93 5.00 -3.81 -0.03
C LEU A 93 4.41 -2.87 1.02
N VAL A 94 3.44 -3.36 1.78
CA VAL A 94 2.80 -2.56 2.81
C VAL A 94 3.38 -2.89 4.19
N ALA A 95 3.23 -1.95 5.12
CA ALA A 95 3.72 -2.13 6.48
C ALA A 95 2.65 -1.81 7.51
N ARG A 96 2.95 -2.08 8.78
CA ARG A 96 2.02 -1.82 9.86
C ARG A 96 2.74 -1.55 11.16
N ASP A 97 2.10 -0.79 12.05
CA ASP A 97 2.70 -0.45 13.34
C ASP A 97 3.90 0.46 13.17
N PRO A 98 3.69 1.59 12.48
CA PRO A 98 4.75 2.58 12.23
C PRO A 98 5.17 3.32 13.49
N ALA A 99 6.47 3.59 13.60
CA ALA A 99 7.01 4.29 14.76
C ALA A 99 6.18 5.54 15.08
N GLY A 100 6.05 5.83 16.37
CA GLY A 100 5.28 7.00 16.78
C GLY A 100 4.25 6.66 17.84
N ASP A 101 4.03 7.59 18.77
CA ASP A 101 3.06 7.39 19.84
C ASP A 101 1.81 6.70 19.31
N ILE A 102 1.18 5.89 20.16
CA ILE A 102 -0.02 5.17 19.78
C ILE A 102 -1.12 6.13 19.35
N SER A 103 -1.90 5.73 18.34
CA SER A 103 -2.98 6.56 17.84
C SER A 103 -4.27 6.29 18.61
N VAL A 104 -4.81 7.34 19.23
CA VAL A 104 -6.04 7.22 20.00
C VAL A 104 -7.01 6.23 19.36
N THR A 105 -7.61 5.38 20.18
CA THR A 105 -8.55 4.37 19.68
C THR A 105 -9.74 5.04 18.99
N SER A 106 -10.30 4.35 18.00
CA SER A 106 -11.44 4.87 17.26
C SER A 106 -12.68 4.96 18.15
N GLY A 107 -13.10 3.82 18.68
CA GLY A 107 -14.27 3.80 19.55
C GLY A 107 -15.04 2.50 19.45
N PRO A 108 -15.81 2.18 20.49
CA PRO A 108 -16.62 0.96 20.54
C PRO A 108 -17.78 0.99 19.56
N SER A 109 -18.21 -0.19 19.12
CA SER A 109 -19.31 -0.31 18.17
C SER A 109 -20.55 -0.92 18.84
N SER A 110 -21.70 -0.30 18.62
CA SER A 110 -22.94 -0.78 19.20
C SER A 110 -23.15 -2.26 18.90
N GLY A 111 -23.42 -3.04 19.94
CA GLY A 111 -23.63 -4.47 19.76
C GLY A 111 -25.10 -4.84 19.78
N GLY A 1 15.51 -16.72 -15.55
CA GLY A 1 14.11 -16.52 -15.22
C GLY A 1 13.82 -16.75 -13.75
N SER A 2 14.45 -15.96 -12.89
CA SER A 2 14.26 -16.09 -11.45
C SER A 2 14.72 -14.81 -10.73
N SER A 3 14.06 -14.50 -9.62
CA SER A 3 14.39 -13.31 -8.85
C SER A 3 14.50 -13.66 -7.36
N GLY A 4 15.64 -13.32 -6.77
CA GLY A 4 15.86 -13.59 -5.35
C GLY A 4 15.01 -12.72 -4.46
N SER A 5 15.59 -11.62 -3.98
CA SER A 5 14.89 -10.70 -3.10
C SER A 5 14.98 -9.27 -3.63
N SER A 6 14.06 -8.42 -3.18
CA SER A 6 14.03 -7.02 -3.61
C SER A 6 15.23 -6.27 -3.06
N GLY A 7 15.48 -6.42 -1.77
CA GLY A 7 16.59 -5.73 -1.14
C GLY A 7 16.67 -6.01 0.35
N PRO A 8 17.90 -6.02 0.88
CA PRO A 8 18.14 -6.27 2.32
C PRO A 8 17.66 -5.12 3.20
N GLU A 9 17.36 -3.98 2.56
CA GLU A 9 16.89 -2.81 3.29
C GLU A 9 16.01 -3.22 4.47
N THR A 10 16.24 -2.59 5.61
CA THR A 10 15.47 -2.87 6.82
C THR A 10 15.07 -1.59 7.54
N VAL A 11 13.77 -1.37 7.65
CA VAL A 11 13.25 -0.17 8.32
C VAL A 11 12.39 -0.55 9.52
N CYS A 12 12.18 0.42 10.42
CA CYS A 12 11.37 0.18 11.60
C CYS A 12 9.92 -0.13 11.23
N TRP A 13 9.54 -1.39 11.36
CA TRP A 13 8.19 -1.83 11.04
C TRP A 13 7.84 -3.11 11.77
N GLY A 14 6.68 -3.12 12.43
CA GLY A 14 6.25 -4.29 13.16
C GLY A 14 6.20 -5.53 12.30
N HIS A 15 5.78 -5.37 11.05
CA HIS A 15 5.69 -6.49 10.12
C HIS A 15 5.47 -6.00 8.68
N VAL A 16 6.23 -6.56 7.75
CA VAL A 16 6.10 -6.17 6.34
C VAL A 16 5.74 -7.37 5.47
N GLU A 17 4.57 -7.29 4.84
CA GLU A 17 4.09 -8.37 3.98
C GLU A 17 3.74 -7.83 2.59
N GLU A 18 3.91 -8.68 1.58
CA GLU A 18 3.61 -8.30 0.21
C GLU A 18 2.24 -8.81 -0.22
N VAL A 19 1.37 -7.90 -0.63
CA VAL A 19 0.03 -8.25 -1.07
C VAL A 19 -0.05 -8.37 -2.59
N GLU A 20 -0.45 -9.55 -3.05
CA GLU A 20 -0.56 -9.80 -4.49
C GLU A 20 -2.03 -9.91 -4.91
N LEU A 21 -2.47 -8.98 -5.75
CA LEU A 21 -3.84 -8.97 -6.23
C LEU A 21 -3.89 -8.94 -7.76
N ILE A 22 -4.65 -9.86 -8.34
CA ILE A 22 -4.78 -9.94 -9.79
C ILE A 22 -6.05 -9.23 -10.26
N ASN A 23 -5.92 -8.46 -11.33
CA ASN A 23 -7.06 -7.73 -11.89
C ASN A 23 -7.74 -8.53 -12.99
N ASP A 24 -8.82 -9.23 -12.63
CA ASP A 24 -9.57 -10.04 -13.58
C ASP A 24 -10.51 -9.18 -14.40
N GLY A 25 -11.29 -8.34 -13.71
CA GLY A 25 -12.24 -7.47 -14.39
C GLY A 25 -12.89 -6.48 -13.45
N SER A 26 -13.49 -7.00 -12.37
CA SER A 26 -14.16 -6.15 -11.39
C SER A 26 -13.31 -4.93 -11.06
N GLY A 27 -12.07 -5.18 -10.61
CA GLY A 27 -11.18 -4.10 -10.25
C GLY A 27 -10.55 -4.28 -8.90
N LEU A 28 -9.57 -3.44 -8.57
CA LEU A 28 -8.88 -3.53 -7.29
C LEU A 28 -9.85 -3.31 -6.13
N GLY A 29 -10.65 -2.26 -6.22
CA GLY A 29 -11.61 -1.96 -5.17
C GLY A 29 -11.10 -0.95 -4.17
N PHE A 30 -10.00 -1.29 -3.50
CA PHE A 30 -9.40 -0.40 -2.51
C PHE A 30 -8.94 0.90 -3.15
N GLY A 31 -9.25 2.01 -2.50
CA GLY A 31 -8.86 3.32 -3.02
C GLY A 31 -7.51 3.76 -2.51
N ILE A 32 -6.88 4.69 -3.23
CA ILE A 32 -5.58 5.20 -2.84
C ILE A 32 -5.66 6.67 -2.43
N VAL A 33 -4.74 7.10 -1.57
CA VAL A 33 -4.71 8.48 -1.10
C VAL A 33 -3.29 8.90 -0.74
N GLY A 34 -2.84 10.02 -1.30
CA GLY A 34 -1.51 10.51 -1.01
C GLY A 34 -1.41 11.15 0.35
N GLY A 35 -1.40 10.33 1.40
CA GLY A 35 -1.31 10.85 2.75
C GLY A 35 -0.06 11.68 2.97
N LYS A 36 -0.01 12.40 4.09
CA LYS A 36 1.13 13.24 4.42
C LYS A 36 2.43 12.54 4.06
N THR A 37 2.54 11.26 4.42
CA THR A 37 3.74 10.48 4.13
C THR A 37 4.08 10.52 2.65
N SER A 38 5.23 9.95 2.30
CA SER A 38 5.67 9.92 0.91
C SER A 38 4.96 8.83 0.14
N GLY A 39 4.90 7.63 0.72
CA GLY A 39 4.25 6.52 0.07
C GLY A 39 2.75 6.73 -0.07
N VAL A 40 2.10 5.86 -0.84
CA VAL A 40 0.66 5.96 -1.05
C VAL A 40 -0.10 5.22 0.04
N VAL A 41 -1.22 5.80 0.47
CA VAL A 41 -2.04 5.20 1.51
C VAL A 41 -3.33 4.61 0.93
N VAL A 42 -3.97 3.72 1.68
CA VAL A 42 -5.21 3.09 1.24
C VAL A 42 -6.41 3.72 1.94
N ARG A 43 -7.10 4.62 1.24
CA ARG A 43 -8.27 5.28 1.78
C ARG A 43 -9.26 4.26 2.36
N THR A 44 -9.55 3.23 1.57
CA THR A 44 -10.48 2.19 1.99
C THR A 44 -10.31 0.92 1.16
N ILE A 45 -10.96 -0.15 1.58
CA ILE A 45 -10.89 -1.42 0.87
C ILE A 45 -12.27 -2.00 0.64
N VAL A 46 -12.82 -1.75 -0.56
CA VAL A 46 -14.14 -2.26 -0.90
C VAL A 46 -14.39 -3.63 -0.29
N PRO A 47 -15.45 -3.74 0.52
CA PRO A 47 -15.82 -4.99 1.19
C PRO A 47 -16.34 -6.04 0.21
N GLY A 48 -15.68 -7.20 0.18
CA GLY A 48 -16.10 -8.26 -0.72
C GLY A 48 -15.76 -7.96 -2.16
N GLY A 49 -14.57 -7.40 -2.39
CA GLY A 49 -14.15 -7.08 -3.74
C GLY A 49 -12.97 -7.91 -4.20
N LEU A 50 -11.77 -7.35 -4.08
CA LEU A 50 -10.55 -8.06 -4.49
C LEU A 50 -9.58 -8.17 -3.32
N ALA A 51 -9.29 -7.04 -2.68
CA ALA A 51 -8.38 -7.01 -1.55
C ALA A 51 -9.02 -7.62 -0.31
N ASP A 52 -10.22 -7.16 0.02
CA ASP A 52 -10.94 -7.66 1.19
C ASP A 52 -11.06 -9.17 1.14
N ARG A 53 -11.67 -9.68 0.07
CA ARG A 53 -11.86 -11.12 -0.09
C ARG A 53 -10.67 -11.89 0.49
N ASP A 54 -9.48 -11.54 0.03
CA ASP A 54 -8.26 -12.21 0.50
C ASP A 54 -8.11 -12.04 2.01
N GLY A 55 -8.27 -10.81 2.49
CA GLY A 55 -8.15 -10.54 3.91
C GLY A 55 -6.70 -10.43 4.35
N ARG A 56 -5.86 -9.89 3.48
CA ARG A 56 -4.44 -9.73 3.78
C ARG A 56 -4.08 -8.26 3.93
N LEU A 57 -4.54 -7.44 2.99
CA LEU A 57 -4.27 -6.01 3.00
C LEU A 57 -5.17 -5.31 4.02
N GLN A 58 -4.63 -4.26 4.64
CA GLN A 58 -5.38 -3.49 5.63
C GLN A 58 -5.52 -2.04 5.21
N THR A 59 -6.60 -1.39 5.65
CA THR A 59 -6.84 0.00 5.30
C THR A 59 -5.64 0.87 5.66
N GLY A 60 -5.63 2.09 5.13
CA GLY A 60 -4.53 3.00 5.39
C GLY A 60 -3.20 2.29 5.50
N ASP A 61 -2.82 1.60 4.43
CA ASP A 61 -1.55 0.87 4.39
C ASP A 61 -0.48 1.66 3.66
N HIS A 62 0.53 2.11 4.41
CA HIS A 62 1.62 2.88 3.83
C HIS A 62 2.35 2.08 2.76
N ILE A 63 1.88 2.20 1.52
CA ILE A 63 2.48 1.49 0.40
C ILE A 63 3.89 1.98 0.15
N LEU A 64 4.86 1.06 0.16
CA LEU A 64 6.24 1.41 -0.07
C LEU A 64 6.56 1.41 -1.57
N LYS A 65 6.09 0.37 -2.26
CA LYS A 65 6.33 0.25 -3.70
C LYS A 65 5.28 -0.66 -4.34
N ILE A 66 5.28 -0.70 -5.68
CA ILE A 66 4.33 -1.54 -6.40
C ILE A 66 5.05 -2.39 -7.44
N GLY A 67 5.40 -3.61 -7.07
CA GLY A 67 6.10 -4.51 -7.98
C GLY A 67 7.57 -4.17 -8.11
N GLY A 68 7.87 -2.89 -8.28
CA GLY A 68 9.26 -2.46 -8.42
C GLY A 68 9.37 -1.00 -8.80
N THR A 69 8.44 -0.19 -8.32
CA THR A 69 8.44 1.24 -8.61
C THR A 69 8.60 2.06 -7.33
N ASN A 70 9.41 3.12 -7.41
CA ASN A 70 9.66 3.98 -6.26
C ASN A 70 8.54 5.02 -6.12
N VAL A 71 7.39 4.56 -5.64
CA VAL A 71 6.24 5.46 -5.47
C VAL A 71 6.44 6.37 -4.26
N GLN A 72 7.30 5.93 -3.34
CA GLN A 72 7.58 6.71 -2.13
C GLN A 72 8.31 8.00 -2.47
N GLY A 73 7.57 8.98 -2.98
CA GLY A 73 8.17 10.26 -3.34
C GLY A 73 7.34 11.02 -4.35
N MET A 74 6.63 10.29 -5.21
CA MET A 74 5.79 10.90 -6.22
C MET A 74 4.34 10.98 -5.76
N THR A 75 3.50 11.60 -6.59
CA THR A 75 2.08 11.74 -6.26
C THR A 75 1.27 10.58 -6.82
N SER A 76 0.03 10.45 -6.35
CA SER A 76 -0.85 9.38 -6.81
C SER A 76 -1.09 9.47 -8.30
N GLU A 77 -1.36 10.69 -8.77
CA GLU A 77 -1.62 10.93 -10.19
C GLU A 77 -0.60 10.19 -11.05
N GLN A 78 0.61 10.04 -10.53
CA GLN A 78 1.68 9.36 -11.25
C GLN A 78 1.72 7.87 -10.90
N VAL A 79 1.14 7.53 -9.76
CA VAL A 79 1.11 6.14 -9.31
C VAL A 79 0.06 5.34 -10.07
N ALA A 80 -1.11 5.95 -10.27
CA ALA A 80 -2.19 5.30 -10.99
C ALA A 80 -1.67 4.53 -12.20
N GLN A 81 -0.89 5.21 -13.03
CA GLN A 81 -0.33 4.59 -14.23
C GLN A 81 0.59 3.43 -13.86
N VAL A 82 1.38 3.60 -12.81
CA VAL A 82 2.30 2.57 -12.36
C VAL A 82 1.57 1.24 -12.17
N LEU A 83 0.38 1.30 -11.57
CA LEU A 83 -0.42 0.11 -11.33
C LEU A 83 -0.80 -0.57 -12.64
N ARG A 84 -1.39 0.20 -13.55
CA ARG A 84 -1.80 -0.33 -14.84
C ARG A 84 -0.62 -0.91 -15.60
N ASN A 85 0.55 -0.29 -15.43
CA ASN A 85 1.76 -0.75 -16.10
C ASN A 85 2.11 -2.16 -15.67
N CYS A 86 2.14 -2.39 -14.36
CA CYS A 86 2.46 -3.70 -13.81
C CYS A 86 1.94 -4.81 -14.72
N GLY A 87 0.68 -4.70 -15.12
CA GLY A 87 0.08 -5.70 -15.99
C GLY A 87 -1.17 -6.30 -15.39
N ASN A 88 -1.05 -7.53 -14.88
CA ASN A 88 -2.19 -8.22 -14.29
C ASN A 88 -1.97 -8.41 -12.79
N SER A 89 -0.86 -9.03 -12.42
CA SER A 89 -0.54 -9.28 -11.02
C SER A 89 0.14 -8.06 -10.41
N VAL A 90 -0.46 -7.52 -9.34
CA VAL A 90 0.08 -6.36 -8.66
C VAL A 90 0.62 -6.74 -7.28
N ARG A 91 1.90 -6.48 -7.05
CA ARG A 91 2.54 -6.80 -5.78
C ARG A 91 2.89 -5.52 -5.02
N MET A 92 2.06 -5.18 -4.03
CA MET A 92 2.29 -3.99 -3.23
C MET A 92 2.87 -4.35 -1.86
N LEU A 93 3.86 -3.58 -1.41
CA LEU A 93 4.49 -3.82 -0.13
C LEU A 93 3.93 -2.89 0.94
N VAL A 94 3.00 -3.42 1.74
CA VAL A 94 2.38 -2.64 2.81
C VAL A 94 2.96 -3.02 4.17
N ALA A 95 2.98 -2.06 5.08
CA ALA A 95 3.50 -2.29 6.43
C ALA A 95 2.52 -1.80 7.48
N ARG A 96 2.58 -2.42 8.66
CA ARG A 96 1.69 -2.05 9.76
C ARG A 96 2.47 -1.99 11.08
N ASP A 97 1.89 -1.29 12.06
CA ASP A 97 2.52 -1.15 13.37
C ASP A 97 3.80 -0.34 13.27
N PRO A 98 3.69 0.86 12.69
CA PRO A 98 4.83 1.77 12.52
C PRO A 98 5.33 2.33 13.85
N ALA A 99 6.62 2.64 13.92
CA ALA A 99 7.21 3.19 15.13
C ALA A 99 6.37 4.33 15.68
N GLY A 100 5.79 5.12 14.79
CA GLY A 100 4.97 6.24 15.20
C GLY A 100 3.50 6.05 14.85
N ASP A 101 2.66 6.00 15.88
CA ASP A 101 1.22 5.81 15.68
C ASP A 101 0.59 7.05 15.06
N ILE A 102 -0.54 6.87 14.38
CA ILE A 102 -1.23 7.98 13.75
C ILE A 102 -2.55 8.29 14.47
N SER A 103 -3.15 9.42 14.12
CA SER A 103 -4.41 9.83 14.74
C SER A 103 -5.49 8.77 14.52
N VAL A 104 -6.17 8.39 15.59
CA VAL A 104 -7.23 7.38 15.52
C VAL A 104 -8.37 7.86 14.63
N THR A 105 -8.58 9.18 14.60
CA THR A 105 -9.64 9.77 13.79
C THR A 105 -9.21 11.11 13.22
N SER A 106 -10.02 11.63 12.31
CA SER A 106 -9.73 12.92 11.68
C SER A 106 -10.95 13.46 10.94
N GLY A 107 -11.46 14.60 11.41
CA GLY A 107 -12.63 15.20 10.78
C GLY A 107 -13.25 16.28 11.64
N PRO A 108 -14.48 16.68 11.28
CA PRO A 108 -15.21 17.72 12.01
C PRO A 108 -15.66 17.26 13.39
N SER A 109 -15.35 16.00 13.72
CA SER A 109 -15.72 15.43 15.01
C SER A 109 -15.35 16.38 16.15
N SER A 110 -15.83 16.06 17.35
CA SER A 110 -15.56 16.89 18.52
C SER A 110 -14.44 16.26 19.36
N GLY A 111 -13.30 16.95 19.41
CA GLY A 111 -12.18 16.46 20.19
C GLY A 111 -11.30 17.58 20.72
N GLY A 1 17.18 -20.16 -0.43
CA GLY A 1 17.38 -18.77 -0.77
C GLY A 1 17.25 -18.51 -2.25
N SER A 2 16.29 -17.68 -2.63
CA SER A 2 16.07 -17.35 -4.04
C SER A 2 17.03 -16.27 -4.50
N SER A 3 17.29 -16.23 -5.80
CA SER A 3 18.20 -15.25 -6.37
C SER A 3 18.01 -13.88 -5.72
N GLY A 4 19.11 -13.27 -5.30
CA GLY A 4 19.04 -11.97 -4.67
C GLY A 4 18.70 -12.06 -3.20
N SER A 5 19.60 -11.60 -2.35
CA SER A 5 19.40 -11.64 -0.90
C SER A 5 18.78 -10.34 -0.41
N SER A 6 17.46 -10.22 -0.55
CA SER A 6 16.75 -9.02 -0.13
C SER A 6 15.32 -9.35 0.26
N GLY A 7 14.63 -8.39 0.86
CA GLY A 7 13.26 -8.60 1.28
C GLY A 7 12.52 -7.29 1.52
N PRO A 8 11.47 -7.35 2.36
CA PRO A 8 10.67 -6.17 2.70
C PRO A 8 11.43 -5.16 3.54
N GLU A 9 11.54 -3.94 3.04
CA GLU A 9 12.26 -2.88 3.75
C GLU A 9 11.62 -2.63 5.11
N THR A 10 12.26 -3.16 6.15
CA THR A 10 11.76 -3.00 7.51
C THR A 10 12.79 -2.31 8.40
N VAL A 11 12.69 -0.99 8.50
CA VAL A 11 13.61 -0.20 9.31
C VAL A 11 12.92 0.36 10.53
N CYS A 12 11.73 0.92 10.33
CA CYS A 12 10.95 1.50 11.42
C CYS A 12 9.55 0.90 11.48
N TRP A 13 9.47 -0.40 11.26
CA TRP A 13 8.19 -1.10 11.28
C TRP A 13 8.29 -2.40 12.09
N GLY A 14 7.14 -2.99 12.38
CA GLY A 14 7.13 -4.23 13.14
C GLY A 14 6.59 -5.41 12.33
N HIS A 15 5.57 -5.14 11.53
CA HIS A 15 4.96 -6.19 10.70
C HIS A 15 4.78 -5.70 9.27
N VAL A 16 5.60 -6.21 8.36
CA VAL A 16 5.52 -5.83 6.95
C VAL A 16 5.38 -7.05 6.06
N GLU A 17 4.64 -6.90 4.97
CA GLU A 17 4.42 -7.99 4.03
C GLU A 17 3.99 -7.46 2.66
N GLU A 18 4.37 -8.17 1.61
CA GLU A 18 4.02 -7.77 0.25
C GLU A 18 2.72 -8.43 -0.20
N VAL A 19 1.70 -7.62 -0.42
CA VAL A 19 0.40 -8.12 -0.84
C VAL A 19 0.36 -8.32 -2.36
N GLU A 20 -0.17 -9.46 -2.79
CA GLU A 20 -0.26 -9.77 -4.22
C GLU A 20 -1.71 -9.99 -4.63
N LEU A 21 -2.25 -9.05 -5.40
CA LEU A 21 -3.63 -9.14 -5.87
C LEU A 21 -3.68 -9.22 -7.39
N ILE A 22 -4.57 -10.08 -7.89
CA ILE A 22 -4.72 -10.25 -9.33
C ILE A 22 -5.80 -9.33 -9.88
N ASN A 23 -5.53 -8.71 -11.02
CA ASN A 23 -6.49 -7.82 -11.66
C ASN A 23 -7.53 -8.59 -12.46
N ASP A 24 -8.79 -8.48 -12.06
CA ASP A 24 -9.87 -9.18 -12.73
C ASP A 24 -10.37 -8.38 -13.93
N GLY A 25 -10.64 -7.09 -13.70
CA GLY A 25 -11.11 -6.23 -14.77
C GLY A 25 -10.64 -4.80 -14.62
N SER A 26 -9.35 -4.58 -14.85
CA SER A 26 -8.77 -3.25 -14.73
C SER A 26 -9.34 -2.51 -13.54
N GLY A 27 -9.80 -3.26 -12.55
CA GLY A 27 -10.37 -2.65 -11.35
C GLY A 27 -9.92 -3.35 -10.08
N LEU A 28 -8.85 -2.84 -9.49
CA LEU A 28 -8.32 -3.41 -8.26
C LEU A 28 -9.34 -3.35 -7.14
N GLY A 29 -9.98 -2.19 -6.98
CA GLY A 29 -10.97 -2.01 -5.95
C GLY A 29 -10.54 -1.03 -4.87
N PHE A 30 -9.43 -1.32 -4.23
CA PHE A 30 -8.90 -0.46 -3.17
C PHE A 30 -8.39 0.86 -3.75
N GLY A 31 -8.82 1.97 -3.14
CA GLY A 31 -8.40 3.27 -3.61
C GLY A 31 -7.07 3.71 -3.00
N ILE A 32 -6.50 4.78 -3.55
CA ILE A 32 -5.23 5.29 -3.06
C ILE A 32 -5.34 6.79 -2.73
N VAL A 33 -4.48 7.24 -1.81
CA VAL A 33 -4.48 8.64 -1.41
C VAL A 33 -3.07 9.09 -1.00
N GLY A 34 -2.61 10.17 -1.61
CA GLY A 34 -1.29 10.69 -1.30
C GLY A 34 -1.20 11.24 0.12
N GLY A 35 -0.32 10.65 0.93
CA GLY A 35 -0.16 11.10 2.30
C GLY A 35 0.62 12.40 2.39
N LYS A 36 1.39 12.54 3.46
CA LYS A 36 2.19 13.74 3.67
C LYS A 36 3.64 13.51 3.27
N THR A 37 4.09 12.26 3.38
CA THR A 37 5.45 11.90 3.02
C THR A 37 5.56 11.54 1.54
N SER A 38 5.03 12.41 0.69
CA SER A 38 5.06 12.19 -0.75
C SER A 38 4.86 10.71 -1.08
N GLY A 39 4.12 10.02 -0.21
CA GLY A 39 3.87 8.61 -0.42
C GLY A 39 2.42 8.33 -0.80
N VAL A 40 2.03 7.06 -0.73
CA VAL A 40 0.67 6.66 -1.08
C VAL A 40 0.03 5.87 0.06
N VAL A 41 -1.27 6.04 0.22
CA VAL A 41 -2.01 5.35 1.27
C VAL A 41 -3.31 4.76 0.74
N VAL A 42 -3.82 3.74 1.43
CA VAL A 42 -5.05 3.08 1.02
C VAL A 42 -6.27 3.74 1.67
N ARG A 43 -6.98 4.56 0.92
CA ARG A 43 -8.15 5.25 1.41
C ARG A 43 -9.22 4.25 1.87
N THR A 44 -9.73 3.47 0.91
CA THR A 44 -10.76 2.47 1.20
C THR A 44 -10.48 1.18 0.46
N ILE A 45 -11.24 0.14 0.80
CA ILE A 45 -11.09 -1.16 0.16
C ILE A 45 -12.44 -1.83 -0.06
N VAL A 46 -12.87 -1.89 -1.31
CA VAL A 46 -14.14 -2.51 -1.66
C VAL A 46 -14.40 -3.74 -0.81
N PRO A 47 -15.64 -3.86 -0.29
CA PRO A 47 -16.04 -4.98 0.55
C PRO A 47 -16.14 -6.30 -0.24
N GLY A 48 -15.73 -7.39 0.39
CA GLY A 48 -15.79 -8.69 -0.27
C GLY A 48 -15.51 -8.59 -1.76
N GLY A 49 -14.41 -7.94 -2.10
CA GLY A 49 -14.05 -7.79 -3.50
C GLY A 49 -12.74 -8.49 -3.84
N LEU A 50 -11.70 -7.71 -4.07
CA LEU A 50 -10.40 -8.27 -4.41
C LEU A 50 -9.52 -8.40 -3.17
N ALA A 51 -9.29 -7.27 -2.50
CA ALA A 51 -8.48 -7.26 -1.29
C ALA A 51 -9.24 -7.85 -0.10
N ASP A 52 -10.33 -7.19 0.28
CA ASP A 52 -11.14 -7.65 1.39
C ASP A 52 -11.20 -9.17 1.45
N ARG A 53 -11.73 -9.78 0.39
CA ARG A 53 -11.84 -11.23 0.32
C ARG A 53 -10.52 -11.90 0.75
N ASP A 54 -9.43 -11.48 0.12
CA ASP A 54 -8.12 -12.05 0.44
C ASP A 54 -7.85 -11.98 1.95
N GLY A 55 -8.15 -10.84 2.56
CA GLY A 55 -7.94 -10.68 3.98
C GLY A 55 -6.48 -10.52 4.34
N ARG A 56 -5.73 -9.87 3.45
CA ARG A 56 -4.30 -9.65 3.67
C ARG A 56 -4.00 -8.17 3.83
N LEU A 57 -4.49 -7.36 2.90
CA LEU A 57 -4.27 -5.92 2.93
C LEU A 57 -5.36 -5.23 3.76
N GLN A 58 -4.99 -4.14 4.43
CA GLN A 58 -5.92 -3.39 5.24
C GLN A 58 -5.99 -1.92 4.79
N THR A 59 -6.85 -1.15 5.44
CA THR A 59 -7.01 0.26 5.11
C THR A 59 -5.83 1.09 5.60
N GLY A 60 -5.44 2.08 4.82
CA GLY A 60 -4.32 2.93 5.20
C GLY A 60 -3.02 2.17 5.28
N ASP A 61 -2.74 1.36 4.26
CA ASP A 61 -1.50 0.58 4.22
C ASP A 61 -0.42 1.30 3.44
N HIS A 62 0.48 1.96 4.16
CA HIS A 62 1.58 2.69 3.53
C HIS A 62 2.20 1.88 2.40
N ILE A 63 2.00 2.34 1.17
CA ILE A 63 2.54 1.66 0.00
C ILE A 63 3.96 2.12 -0.30
N LEU A 64 4.92 1.20 -0.19
CA LEU A 64 6.32 1.51 -0.45
C LEU A 64 6.63 1.43 -1.94
N LYS A 65 6.30 0.30 -2.55
CA LYS A 65 6.54 0.10 -3.97
C LYS A 65 5.41 -0.72 -4.60
N ILE A 66 5.19 -0.52 -5.89
CA ILE A 66 4.14 -1.24 -6.62
C ILE A 66 4.72 -1.98 -7.82
N GLY A 67 4.53 -3.29 -7.85
CA GLY A 67 5.02 -4.09 -8.96
C GLY A 67 6.45 -3.74 -9.32
N GLY A 68 7.23 -3.33 -8.32
CA GLY A 68 8.61 -2.97 -8.56
C GLY A 68 8.79 -1.51 -8.95
N THR A 69 7.86 -0.67 -8.48
CA THR A 69 7.91 0.75 -8.77
C THR A 69 8.21 1.57 -7.52
N ASN A 70 9.17 2.47 -7.62
CA ASN A 70 9.55 3.31 -6.49
C ASN A 70 8.61 4.51 -6.37
N VAL A 71 7.59 4.38 -5.53
CA VAL A 71 6.63 5.44 -5.32
C VAL A 71 6.64 5.93 -3.88
N GLN A 72 7.72 5.62 -3.16
CA GLN A 72 7.86 6.02 -1.77
C GLN A 72 7.82 7.54 -1.64
N GLY A 73 8.25 8.23 -2.69
CA GLY A 73 8.25 9.68 -2.66
C GLY A 73 7.54 10.28 -3.86
N MET A 74 6.52 9.61 -4.35
CA MET A 74 5.76 10.08 -5.49
C MET A 74 4.30 10.34 -5.12
N THR A 75 3.61 11.10 -5.96
CA THR A 75 2.21 11.43 -5.71
C THR A 75 1.28 10.43 -6.39
N SER A 76 0.19 10.08 -5.72
CA SER A 76 -0.78 9.13 -6.26
C SER A 76 -1.08 9.45 -7.72
N GLU A 77 -1.31 10.72 -8.01
CA GLU A 77 -1.61 11.15 -9.37
C GLU A 77 -0.66 10.50 -10.38
N GLN A 78 0.60 10.35 -9.97
CA GLN A 78 1.60 9.75 -10.84
C GLN A 78 1.71 8.25 -10.59
N VAL A 79 1.23 7.81 -9.43
CA VAL A 79 1.27 6.40 -9.06
C VAL A 79 0.10 5.63 -9.70
N ALA A 80 -0.96 6.36 -10.04
CA ALA A 80 -2.12 5.76 -10.65
C ALA A 80 -1.78 5.07 -11.96
N GLN A 81 -1.01 5.77 -12.80
CA GLN A 81 -0.60 5.22 -14.09
C GLN A 81 0.32 4.01 -13.91
N VAL A 82 1.14 4.05 -12.86
CA VAL A 82 2.06 2.95 -12.57
C VAL A 82 1.30 1.64 -12.39
N LEU A 83 0.29 1.66 -11.53
CA LEU A 83 -0.51 0.47 -11.26
C LEU A 83 -0.93 -0.20 -12.56
N ARG A 84 -1.57 0.57 -13.43
CA ARG A 84 -2.04 0.06 -14.72
C ARG A 84 -0.92 -0.68 -15.44
N ASN A 85 0.25 -0.05 -15.52
CA ASN A 85 1.40 -0.65 -16.19
C ASN A 85 1.74 -2.00 -15.58
N CYS A 86 1.65 -2.09 -14.25
CA CYS A 86 1.95 -3.33 -13.54
C CYS A 86 1.50 -4.54 -14.35
N GLY A 87 0.19 -4.62 -14.60
CA GLY A 87 -0.34 -5.74 -15.36
C GLY A 87 -1.46 -6.45 -14.62
N ASN A 88 -1.34 -7.77 -14.51
CA ASN A 88 -2.35 -8.57 -13.82
C ASN A 88 -2.03 -8.70 -12.34
N SER A 89 -0.93 -9.39 -12.03
CA SER A 89 -0.52 -9.58 -10.65
C SER A 89 0.17 -8.34 -10.10
N VAL A 90 -0.44 -7.71 -9.10
CA VAL A 90 0.12 -6.51 -8.50
C VAL A 90 0.74 -6.81 -7.14
N ARG A 91 2.05 -6.67 -7.05
CA ARG A 91 2.78 -6.93 -5.81
C ARG A 91 3.26 -5.62 -5.18
N MET A 92 2.56 -5.17 -4.14
CA MET A 92 2.93 -3.94 -3.47
C MET A 92 3.49 -4.23 -2.07
N LEU A 93 4.41 -3.38 -1.62
CA LEU A 93 5.03 -3.55 -0.31
C LEU A 93 4.36 -2.66 0.72
N VAL A 94 3.40 -3.21 1.46
CA VAL A 94 2.69 -2.46 2.49
C VAL A 94 3.25 -2.76 3.87
N ALA A 95 3.32 -1.72 4.71
CA ALA A 95 3.85 -1.88 6.06
C ALA A 95 2.82 -1.41 7.09
N ARG A 96 2.71 -2.16 8.18
CA ARG A 96 1.77 -1.82 9.25
C ARG A 96 2.39 -2.04 10.62
N ASP A 97 1.81 -1.42 11.64
CA ASP A 97 2.31 -1.55 13.00
C ASP A 97 3.60 -0.75 13.19
N PRO A 98 3.54 0.56 12.86
CA PRO A 98 4.68 1.46 12.99
C PRO A 98 5.04 1.74 14.44
N ALA A 99 6.33 1.94 14.70
CA ALA A 99 6.80 2.21 16.05
C ALA A 99 6.04 3.38 16.67
N GLY A 100 5.16 3.07 17.61
CA GLY A 100 4.38 4.10 18.27
C GLY A 100 3.31 4.69 17.36
N ASP A 101 2.30 3.88 17.06
CA ASP A 101 1.21 4.33 16.19
C ASP A 101 0.45 5.49 16.82
N ILE A 102 -0.01 6.41 15.99
CA ILE A 102 -0.75 7.58 16.47
C ILE A 102 -2.24 7.27 16.54
N SER A 103 -2.92 7.91 17.50
CA SER A 103 -4.35 7.71 17.69
C SER A 103 -5.15 8.60 16.73
N VAL A 104 -6.33 8.12 16.34
CA VAL A 104 -7.18 8.87 15.43
C VAL A 104 -8.13 9.78 16.18
N THR A 105 -7.97 11.09 15.99
CA THR A 105 -8.81 12.08 16.66
C THR A 105 -9.99 12.48 15.78
N SER A 106 -11.16 12.60 16.39
CA SER A 106 -12.37 12.97 15.67
C SER A 106 -12.58 14.48 15.71
N GLY A 107 -12.69 15.09 14.54
CA GLY A 107 -12.89 16.53 14.48
C GLY A 107 -13.02 17.03 13.05
N PRO A 108 -14.11 17.79 12.78
CA PRO A 108 -14.37 18.34 11.45
C PRO A 108 -13.38 19.43 11.07
N SER A 109 -12.59 19.19 10.03
CA SER A 109 -11.61 20.15 9.56
C SER A 109 -11.71 20.34 8.05
N SER A 110 -10.93 21.29 7.52
CA SER A 110 -10.93 21.58 6.10
C SER A 110 -10.13 20.53 5.34
N GLY A 111 -10.56 20.24 4.11
CA GLY A 111 -9.86 19.26 3.30
C GLY A 111 -8.55 19.78 2.74
N GLY A 1 19.95 -11.92 -13.62
CA GLY A 1 18.83 -11.20 -13.05
C GLY A 1 17.50 -11.77 -13.47
N SER A 2 16.99 -12.72 -12.70
CA SER A 2 15.71 -13.36 -13.01
C SER A 2 14.59 -12.33 -13.03
N SER A 3 13.94 -12.18 -14.18
CA SER A 3 12.85 -11.23 -14.34
C SER A 3 13.17 -9.93 -13.61
N GLY A 4 14.40 -9.47 -13.74
CA GLY A 4 14.81 -8.23 -13.08
C GLY A 4 15.56 -8.48 -11.80
N SER A 5 15.79 -7.42 -11.03
CA SER A 5 16.52 -7.52 -9.77
C SER A 5 15.54 -7.63 -8.59
N SER A 6 15.99 -8.26 -7.52
CA SER A 6 15.17 -8.43 -6.33
C SER A 6 15.93 -8.03 -5.07
N GLY A 7 15.27 -7.25 -4.21
CA GLY A 7 15.91 -6.81 -2.98
C GLY A 7 15.01 -5.88 -2.18
N PRO A 8 14.00 -6.45 -1.53
CA PRO A 8 13.04 -5.69 -0.71
C PRO A 8 13.68 -5.17 0.57
N GLU A 9 13.64 -3.85 0.75
CA GLU A 9 14.21 -3.22 1.93
C GLU A 9 13.22 -3.26 3.10
N THR A 10 13.76 -3.33 4.31
CA THR A 10 12.92 -3.37 5.51
C THR A 10 13.38 -2.34 6.53
N VAL A 11 12.75 -1.17 6.50
CA VAL A 11 13.09 -0.09 7.42
C VAL A 11 12.23 -0.15 8.68
N CYS A 12 12.44 0.80 9.57
CA CYS A 12 11.66 0.86 10.81
C CYS A 12 10.19 0.55 10.56
N TRP A 13 9.77 -0.65 10.96
CA TRP A 13 8.39 -1.07 10.77
C TRP A 13 8.06 -2.26 11.66
N GLY A 14 6.84 -2.27 12.19
CA GLY A 14 6.43 -3.37 13.06
C GLY A 14 6.32 -4.68 12.31
N HIS A 15 5.95 -4.62 11.04
CA HIS A 15 5.81 -5.82 10.21
C HIS A 15 5.50 -5.45 8.77
N VAL A 16 6.35 -5.89 7.85
CA VAL A 16 6.17 -5.61 6.44
C VAL A 16 5.66 -6.85 5.69
N GLU A 17 4.45 -6.73 5.15
CA GLU A 17 3.84 -7.84 4.42
C GLU A 17 3.56 -7.44 2.97
N GLU A 18 3.76 -8.38 2.05
CA GLU A 18 3.52 -8.13 0.64
C GLU A 18 2.17 -8.68 0.20
N VAL A 19 1.49 -7.95 -0.67
CA VAL A 19 0.18 -8.37 -1.16
C VAL A 19 0.18 -8.46 -2.69
N GLU A 20 -0.55 -9.44 -3.21
CA GLU A 20 -0.63 -9.63 -4.66
C GLU A 20 -2.09 -9.60 -5.12
N LEU A 21 -2.45 -8.53 -5.84
CA LEU A 21 -3.81 -8.37 -6.34
C LEU A 21 -3.83 -8.41 -7.86
N ILE A 22 -4.61 -9.32 -8.42
CA ILE A 22 -4.73 -9.46 -9.87
C ILE A 22 -5.97 -8.73 -10.39
N ASN A 23 -5.76 -7.88 -11.40
CA ASN A 23 -6.85 -7.13 -12.00
C ASN A 23 -7.84 -8.05 -12.70
N ASP A 24 -8.99 -8.27 -12.06
CA ASP A 24 -10.02 -9.13 -12.61
C ASP A 24 -10.94 -8.35 -13.55
N GLY A 25 -10.35 -7.47 -14.36
CA GLY A 25 -11.13 -6.68 -15.29
C GLY A 25 -10.78 -5.21 -15.22
N SER A 26 -9.49 -4.92 -15.13
CA SER A 26 -9.01 -3.54 -15.05
C SER A 26 -9.64 -2.80 -13.87
N GLY A 27 -9.71 -3.49 -12.73
CA GLY A 27 -10.30 -2.90 -11.55
C GLY A 27 -9.80 -3.54 -10.27
N LEU A 28 -9.20 -2.72 -9.40
CA LEU A 28 -8.68 -3.22 -8.13
C LEU A 28 -9.73 -3.14 -7.03
N GLY A 29 -10.36 -1.99 -6.90
CA GLY A 29 -11.39 -1.80 -5.89
C GLY A 29 -10.95 -0.85 -4.79
N PHE A 30 -9.84 -1.18 -4.13
CA PHE A 30 -9.32 -0.35 -3.05
C PHE A 30 -8.87 1.01 -3.58
N GLY A 31 -9.25 2.07 -2.87
CA GLY A 31 -8.88 3.40 -3.28
C GLY A 31 -7.58 3.87 -2.64
N ILE A 32 -6.90 4.81 -3.28
CA ILE A 32 -5.65 5.33 -2.77
C ILE A 32 -5.80 6.78 -2.31
N VAL A 33 -4.88 7.22 -1.45
CA VAL A 33 -4.92 8.59 -0.95
C VAL A 33 -3.53 9.04 -0.50
N GLY A 34 -3.10 10.18 -1.03
CA GLY A 34 -1.79 10.71 -0.68
C GLY A 34 -1.72 11.17 0.76
N GLY A 35 -1.30 10.26 1.65
CA GLY A 35 -1.20 10.60 3.06
C GLY A 35 -0.26 11.77 3.31
N LYS A 36 0.84 11.50 4.01
CA LYS A 36 1.82 12.53 4.32
C LYS A 36 2.47 13.06 3.04
N THR A 37 3.40 14.00 3.21
CA THR A 37 4.10 14.57 2.07
C THR A 37 4.31 13.55 0.96
N SER A 38 4.85 12.39 1.33
CA SER A 38 5.10 11.33 0.36
C SER A 38 4.42 10.02 0.80
N GLY A 39 4.61 8.97 0.02
CA GLY A 39 4.01 7.69 0.34
C GLY A 39 2.52 7.68 0.09
N VAL A 40 2.04 6.62 -0.57
CA VAL A 40 0.62 6.49 -0.86
C VAL A 40 -0.10 5.71 0.23
N VAL A 41 -1.40 5.96 0.37
CA VAL A 41 -2.20 5.27 1.38
C VAL A 41 -3.45 4.66 0.76
N VAL A 42 -4.05 3.71 1.46
CA VAL A 42 -5.26 3.05 0.98
C VAL A 42 -6.50 3.64 1.64
N ARG A 43 -7.19 4.51 0.89
CA ARG A 43 -8.40 5.15 1.40
C ARG A 43 -9.39 4.11 1.95
N THR A 44 -9.87 3.24 1.06
CA THR A 44 -10.81 2.20 1.45
C THR A 44 -10.62 0.95 0.60
N ILE A 45 -11.18 -0.16 1.07
CA ILE A 45 -11.08 -1.43 0.36
C ILE A 45 -12.45 -2.08 0.20
N VAL A 46 -13.04 -1.92 -0.98
CA VAL A 46 -14.35 -2.50 -1.27
C VAL A 46 -14.53 -3.85 -0.56
N PRO A 47 -15.61 -3.97 0.23
CA PRO A 47 -15.92 -5.19 0.97
C PRO A 47 -16.34 -6.33 0.05
N GLY A 48 -15.55 -7.40 0.05
CA GLY A 48 -15.85 -8.55 -0.79
C GLY A 48 -15.57 -8.30 -2.25
N GLY A 49 -14.42 -7.68 -2.53
CA GLY A 49 -14.06 -7.39 -3.90
C GLY A 49 -12.82 -8.16 -4.36
N LEU A 50 -11.68 -7.50 -4.33
CA LEU A 50 -10.43 -8.12 -4.75
C LEU A 50 -9.45 -8.21 -3.57
N ALA A 51 -9.17 -7.08 -2.94
CA ALA A 51 -8.26 -7.04 -1.81
C ALA A 51 -8.94 -7.55 -0.55
N ASP A 52 -10.06 -6.93 -0.18
CA ASP A 52 -10.80 -7.33 1.01
C ASP A 52 -10.81 -8.85 1.16
N ARG A 53 -11.24 -9.54 0.12
CA ARG A 53 -11.29 -11.00 0.13
C ARG A 53 -9.96 -11.59 0.58
N ASP A 54 -8.87 -11.00 0.10
CA ASP A 54 -7.53 -11.47 0.45
C ASP A 54 -7.35 -11.49 1.97
N GLY A 55 -7.47 -10.32 2.59
CA GLY A 55 -7.31 -10.23 4.02
C GLY A 55 -5.94 -9.70 4.42
N ARG A 56 -4.93 -10.00 3.62
CA ARG A 56 -3.57 -9.55 3.89
C ARG A 56 -3.51 -8.03 3.94
N LEU A 57 -3.90 -7.39 2.85
CA LEU A 57 -3.88 -5.92 2.77
C LEU A 57 -4.98 -5.33 3.64
N GLN A 58 -4.64 -4.27 4.38
CA GLN A 58 -5.60 -3.60 5.24
C GLN A 58 -5.85 -2.18 4.77
N THR A 59 -6.82 -1.52 5.41
CA THR A 59 -7.17 -0.14 5.04
C THR A 59 -6.05 0.82 5.43
N GLY A 60 -6.07 2.01 4.84
CA GLY A 60 -5.06 3.00 5.13
C GLY A 60 -3.71 2.39 5.39
N ASP A 61 -3.22 1.61 4.43
CA ASP A 61 -1.92 0.95 4.56
C ASP A 61 -0.85 1.71 3.78
N HIS A 62 0.27 2.01 4.45
CA HIS A 62 1.37 2.73 3.82
C HIS A 62 2.03 1.88 2.73
N ILE A 63 1.87 2.30 1.48
CA ILE A 63 2.45 1.57 0.37
C ILE A 63 3.92 1.95 0.15
N LEU A 64 4.80 0.97 0.30
CA LEU A 64 6.23 1.22 0.13
C LEU A 64 6.61 1.26 -1.35
N LYS A 65 6.32 0.17 -2.06
CA LYS A 65 6.62 0.09 -3.49
C LYS A 65 5.60 -0.80 -4.20
N ILE A 66 5.52 -0.64 -5.52
CA ILE A 66 4.60 -1.42 -6.32
C ILE A 66 5.32 -2.12 -7.47
N GLY A 67 5.54 -3.43 -7.32
CA GLY A 67 6.22 -4.19 -8.35
C GLY A 67 7.68 -3.80 -8.50
N GLY A 68 8.31 -3.47 -7.38
CA GLY A 68 9.71 -3.08 -7.42
C GLY A 68 9.91 -1.70 -8.01
N THR A 69 8.92 -0.83 -7.83
CA THR A 69 8.99 0.52 -8.35
C THR A 69 9.03 1.55 -7.22
N ASN A 70 9.66 2.69 -7.47
CA ASN A 70 9.77 3.74 -6.48
C ASN A 70 8.54 4.64 -6.51
N VAL A 71 7.64 4.42 -5.55
CA VAL A 71 6.41 5.21 -5.47
C VAL A 71 6.45 6.18 -4.28
N GLN A 72 7.18 5.79 -3.24
CA GLN A 72 7.31 6.61 -2.05
C GLN A 72 7.66 8.05 -2.41
N GLY A 73 8.67 8.21 -3.25
CA GLY A 73 9.08 9.54 -3.66
C GLY A 73 8.33 10.03 -4.89
N MET A 74 7.13 9.50 -5.09
CA MET A 74 6.31 9.89 -6.23
C MET A 74 4.92 10.33 -5.77
N THR A 75 4.15 10.91 -6.69
CA THR A 75 2.81 11.38 -6.38
C THR A 75 1.77 10.34 -6.75
N SER A 76 0.81 10.12 -5.87
CA SER A 76 -0.26 9.15 -6.10
C SER A 76 -0.78 9.26 -7.53
N GLU A 77 -1.05 10.48 -7.97
CA GLU A 77 -1.55 10.72 -9.32
C GLU A 77 -0.76 9.92 -10.34
N GLN A 78 0.54 9.80 -10.11
CA GLN A 78 1.40 9.06 -11.02
C GLN A 78 1.49 7.59 -10.63
N VAL A 79 1.30 7.32 -9.33
CA VAL A 79 1.35 5.95 -8.82
C VAL A 79 0.15 5.14 -9.29
N ALA A 80 -0.95 5.84 -9.58
CA ALA A 80 -2.17 5.17 -10.04
C ALA A 80 -1.93 4.43 -11.36
N GLN A 81 -1.38 5.14 -12.33
CA GLN A 81 -1.09 4.56 -13.64
C GLN A 81 -0.11 3.39 -13.51
N VAL A 82 0.83 3.52 -12.57
CA VAL A 82 1.82 2.48 -12.35
C VAL A 82 1.16 1.14 -12.05
N LEU A 83 0.07 1.18 -11.31
CA LEU A 83 -0.66 -0.04 -10.95
C LEU A 83 -1.31 -0.66 -12.19
N ARG A 84 -2.15 0.11 -12.86
CA ARG A 84 -2.83 -0.37 -14.06
C ARG A 84 -1.82 -0.86 -15.10
N ASN A 85 -0.68 -0.18 -15.18
CA ASN A 85 0.36 -0.54 -16.13
C ASN A 85 1.06 -1.82 -15.71
N CYS A 86 1.33 -1.95 -14.42
CA CYS A 86 1.99 -3.14 -13.88
C CYS A 86 1.57 -4.39 -14.65
N GLY A 87 0.29 -4.48 -14.97
CA GLY A 87 -0.22 -5.62 -15.70
C GLY A 87 -1.34 -6.33 -14.97
N ASN A 88 -1.44 -7.64 -15.18
CA ASN A 88 -2.49 -8.44 -14.53
C ASN A 88 -2.22 -8.56 -13.04
N SER A 89 -1.11 -9.20 -12.69
CA SER A 89 -0.73 -9.40 -11.29
C SER A 89 -0.06 -8.16 -10.72
N VAL A 90 -0.63 -7.60 -9.65
CA VAL A 90 -0.08 -6.42 -9.02
C VAL A 90 0.55 -6.76 -7.67
N ARG A 91 1.74 -6.22 -7.42
CA ARG A 91 2.45 -6.47 -6.18
C ARG A 91 2.72 -5.15 -5.44
N MET A 92 2.24 -5.07 -4.21
CA MET A 92 2.42 -3.87 -3.39
C MET A 92 2.96 -4.23 -2.00
N LEU A 93 4.06 -3.61 -1.63
CA LEU A 93 4.68 -3.86 -0.32
C LEU A 93 4.19 -2.85 0.71
N VAL A 94 3.19 -3.25 1.49
CA VAL A 94 2.63 -2.39 2.53
C VAL A 94 3.12 -2.81 3.91
N ALA A 95 3.08 -1.88 4.85
CA ALA A 95 3.51 -2.15 6.22
C ALA A 95 2.50 -1.61 7.23
N ARG A 96 2.52 -2.17 8.44
CA ARG A 96 1.60 -1.73 9.49
C ARG A 96 2.29 -1.80 10.85
N ASP A 97 1.63 -1.23 11.86
CA ASP A 97 2.17 -1.23 13.22
C ASP A 97 3.50 -0.47 13.27
N PRO A 98 3.47 0.79 12.79
CA PRO A 98 4.66 1.64 12.77
C PRO A 98 5.10 2.08 14.17
N ALA A 99 6.36 1.82 14.49
CA ALA A 99 6.90 2.19 15.80
C ALA A 99 6.28 3.48 16.30
N GLY A 100 5.39 3.36 17.29
CA GLY A 100 4.74 4.53 17.85
C GLY A 100 3.64 4.18 18.83
N ASP A 101 2.40 4.49 18.46
CA ASP A 101 1.25 4.19 19.32
C ASP A 101 0.57 2.91 18.88
N ILE A 102 0.59 1.90 19.74
CA ILE A 102 -0.03 0.61 19.45
C ILE A 102 -1.53 0.77 19.23
N SER A 103 -2.12 1.75 19.90
CA SER A 103 -3.55 2.01 19.79
C SER A 103 -3.82 3.21 18.90
N VAL A 104 -4.58 2.99 17.83
CA VAL A 104 -4.91 4.06 16.89
C VAL A 104 -6.42 4.30 16.84
N THR A 105 -6.82 5.32 16.09
CA THR A 105 -8.24 5.65 15.96
C THR A 105 -8.82 5.08 14.67
N SER A 106 -9.76 4.16 14.81
CA SER A 106 -10.40 3.54 13.66
C SER A 106 -11.88 3.89 13.59
N GLY A 107 -12.39 4.09 12.37
CA GLY A 107 -13.78 4.44 12.20
C GLY A 107 -14.65 3.22 11.96
N PRO A 108 -15.88 3.25 12.51
CA PRO A 108 -16.84 2.16 12.38
C PRO A 108 -17.37 2.01 10.95
N SER A 109 -17.44 0.78 10.47
CA SER A 109 -17.92 0.50 9.13
C SER A 109 -18.90 -0.67 9.12
N SER A 110 -19.78 -0.68 8.14
CA SER A 110 -20.78 -1.75 8.02
C SER A 110 -20.12 -3.05 7.54
N GLY A 111 -20.18 -4.07 8.38
CA GLY A 111 -19.59 -5.35 8.02
C GLY A 111 -19.55 -6.32 9.19
N GLY A 1 20.91 -23.89 1.73
CA GLY A 1 20.23 -23.25 2.84
C GLY A 1 18.96 -22.54 2.41
N SER A 2 17.95 -23.31 2.03
CA SER A 2 16.68 -22.73 1.59
C SER A 2 16.91 -21.48 0.75
N SER A 3 17.90 -21.53 -0.12
CA SER A 3 18.24 -20.40 -0.98
C SER A 3 16.99 -19.89 -1.71
N GLY A 4 16.83 -18.57 -1.74
CA GLY A 4 15.68 -17.98 -2.41
C GLY A 4 15.60 -16.49 -2.19
N SER A 5 15.16 -15.76 -3.22
CA SER A 5 15.04 -14.31 -3.13
C SER A 5 14.18 -13.91 -1.93
N SER A 6 14.61 -12.86 -1.24
CA SER A 6 13.89 -12.37 -0.06
C SER A 6 12.58 -11.69 -0.47
N GLY A 7 11.57 -11.84 0.37
CA GLY A 7 10.28 -11.24 0.08
C GLY A 7 10.10 -9.89 0.77
N PRO A 8 9.47 -9.89 1.94
CA PRO A 8 9.22 -8.68 2.71
C PRO A 8 10.51 -8.10 3.30
N GLU A 9 10.89 -6.92 2.80
CA GLU A 9 12.11 -6.26 3.28
C GLU A 9 11.83 -5.45 4.53
N THR A 10 12.19 -6.00 5.69
CA THR A 10 11.97 -5.33 6.96
C THR A 10 13.23 -4.60 7.41
N VAL A 11 13.13 -3.28 7.54
CA VAL A 11 14.25 -2.46 7.96
C VAL A 11 13.98 -1.83 9.32
N CYS A 12 13.02 -0.91 9.37
CA CYS A 12 12.67 -0.22 10.60
C CYS A 12 11.16 -0.27 10.84
N TRP A 13 10.56 -1.43 10.57
CA TRP A 13 9.12 -1.59 10.75
C TRP A 13 8.83 -2.71 11.74
N GLY A 14 7.57 -2.82 12.15
CA GLY A 14 7.18 -3.85 13.09
C GLY A 14 6.50 -5.02 12.43
N HIS A 15 5.63 -4.74 11.46
CA HIS A 15 4.91 -5.78 10.75
C HIS A 15 4.94 -5.52 9.24
N VAL A 16 5.72 -6.31 8.52
CA VAL A 16 5.83 -6.16 7.07
C VAL A 16 5.29 -7.39 6.35
N GLU A 17 4.33 -7.17 5.46
CA GLU A 17 3.72 -8.26 4.70
C GLU A 17 3.46 -7.84 3.25
N GLU A 18 3.94 -8.65 2.31
CA GLU A 18 3.76 -8.36 0.90
C GLU A 18 2.40 -8.85 0.42
N VAL A 19 1.67 -7.96 -0.26
CA VAL A 19 0.34 -8.29 -0.78
C VAL A 19 0.36 -8.39 -2.31
N GLU A 20 -0.58 -9.15 -2.85
CA GLU A 20 -0.67 -9.33 -4.30
C GLU A 20 -2.13 -9.47 -4.73
N LEU A 21 -2.54 -8.65 -5.70
CA LEU A 21 -3.90 -8.68 -6.21
C LEU A 21 -3.91 -8.69 -7.73
N ILE A 22 -4.69 -9.61 -8.31
CA ILE A 22 -4.78 -9.73 -9.75
C ILE A 22 -6.05 -9.05 -10.27
N ASN A 23 -5.89 -8.18 -11.26
CA ASN A 23 -7.02 -7.47 -11.85
C ASN A 23 -7.80 -8.38 -12.80
N ASP A 24 -9.05 -8.67 -12.44
CA ASP A 24 -9.90 -9.52 -13.26
C ASP A 24 -10.28 -8.82 -14.57
N GLY A 25 -10.64 -7.55 -14.47
CA GLY A 25 -11.02 -6.78 -15.64
C GLY A 25 -11.50 -5.39 -15.31
N SER A 26 -12.21 -5.27 -14.18
CA SER A 26 -12.74 -3.98 -13.75
C SER A 26 -11.65 -3.16 -13.06
N GLY A 27 -11.10 -3.71 -11.99
CA GLY A 27 -10.05 -3.01 -11.25
C GLY A 27 -9.75 -3.66 -9.92
N LEU A 28 -8.81 -3.09 -9.18
CA LEU A 28 -8.43 -3.62 -7.88
C LEU A 28 -9.54 -3.41 -6.86
N GLY A 29 -10.10 -2.21 -6.84
CA GLY A 29 -11.18 -1.90 -5.91
C GLY A 29 -10.73 -0.98 -4.80
N PHE A 30 -9.65 -1.34 -4.12
CA PHE A 30 -9.12 -0.53 -3.02
C PHE A 30 -8.61 0.81 -3.53
N GLY A 31 -9.05 1.89 -2.90
CA GLY A 31 -8.61 3.21 -3.32
C GLY A 31 -7.24 3.57 -2.78
N ILE A 32 -6.69 4.67 -3.24
CA ILE A 32 -5.38 5.12 -2.81
C ILE A 32 -5.41 6.59 -2.38
N VAL A 33 -4.43 6.98 -1.56
CA VAL A 33 -4.34 8.35 -1.09
C VAL A 33 -2.89 8.78 -0.90
N GLY A 34 -2.58 10.01 -1.27
CA GLY A 34 -1.22 10.52 -1.13
C GLY A 34 -0.98 11.15 0.22
N GLY A 35 -1.03 10.34 1.27
CA GLY A 35 -0.81 10.84 2.61
C GLY A 35 0.50 11.60 2.75
N LYS A 36 0.75 12.14 3.93
CA LYS A 36 1.98 12.88 4.18
C LYS A 36 3.10 11.95 4.63
N THR A 37 3.31 10.87 3.88
CA THR A 37 4.35 9.90 4.20
C THR A 37 4.80 9.15 2.96
N SER A 38 6.10 9.16 2.70
CA SER A 38 6.66 8.48 1.54
C SER A 38 6.00 7.12 1.34
N GLY A 39 5.01 7.07 0.46
CA GLY A 39 4.32 5.82 0.19
C GLY A 39 2.81 5.99 0.15
N VAL A 40 2.18 5.42 -0.87
CA VAL A 40 0.73 5.51 -1.02
C VAL A 40 0.01 4.79 0.11
N VAL A 41 -1.10 5.36 0.55
CA VAL A 41 -1.89 4.77 1.63
C VAL A 41 -3.27 4.35 1.14
N VAL A 42 -3.81 3.30 1.75
CA VAL A 42 -5.13 2.79 1.38
C VAL A 42 -6.23 3.62 2.03
N ARG A 43 -7.14 4.14 1.21
CA ARG A 43 -8.25 4.94 1.71
C ARG A 43 -9.46 4.06 2.03
N THR A 44 -9.86 3.23 1.08
CA THR A 44 -11.00 2.34 1.27
C THR A 44 -10.78 1.01 0.54
N ILE A 45 -11.21 -0.07 1.16
CA ILE A 45 -11.06 -1.40 0.58
C ILE A 45 -12.42 -2.04 0.33
N VAL A 46 -12.89 -1.95 -0.91
CA VAL A 46 -14.18 -2.53 -1.28
C VAL A 46 -14.39 -3.88 -0.61
N PRO A 47 -15.53 -4.02 0.08
CA PRO A 47 -15.89 -5.26 0.79
C PRO A 47 -16.22 -6.39 -0.18
N GLY A 48 -15.96 -7.63 0.26
CA GLY A 48 -16.24 -8.78 -0.58
C GLY A 48 -15.90 -8.54 -2.04
N GLY A 49 -14.79 -7.85 -2.26
CA GLY A 49 -14.36 -7.56 -3.63
C GLY A 49 -13.10 -8.32 -4.01
N LEU A 50 -11.98 -7.60 -4.07
CA LEU A 50 -10.71 -8.20 -4.41
C LEU A 50 -9.77 -8.23 -3.22
N ALA A 51 -9.52 -7.07 -2.63
CA ALA A 51 -8.65 -6.95 -1.47
C ALA A 51 -9.31 -7.50 -0.22
N ASP A 52 -10.48 -6.95 0.10
CA ASP A 52 -11.23 -7.38 1.28
C ASP A 52 -11.43 -8.89 1.28
N ARG A 53 -11.84 -9.43 0.13
CA ARG A 53 -12.07 -10.86 -0.01
C ARG A 53 -10.88 -11.65 0.52
N ASP A 54 -9.69 -11.28 0.08
CA ASP A 54 -8.47 -11.95 0.50
C ASP A 54 -8.27 -11.82 2.02
N GLY A 55 -8.29 -10.58 2.50
CA GLY A 55 -8.11 -10.33 3.91
C GLY A 55 -6.66 -10.25 4.31
N ARG A 56 -5.82 -9.75 3.40
CA ARG A 56 -4.39 -9.62 3.66
C ARG A 56 -3.99 -8.15 3.76
N LEU A 57 -4.58 -7.31 2.93
CA LEU A 57 -4.29 -5.89 2.93
C LEU A 57 -5.24 -5.14 3.85
N GLN A 58 -4.69 -4.25 4.67
CA GLN A 58 -5.50 -3.46 5.60
C GLN A 58 -5.61 -2.02 5.13
N THR A 59 -6.62 -1.32 5.63
CA THR A 59 -6.85 0.08 5.26
C THR A 59 -5.80 0.99 5.88
N GLY A 60 -5.46 2.06 5.18
CA GLY A 60 -4.47 3.00 5.67
C GLY A 60 -3.08 2.39 5.71
N ASP A 61 -2.83 1.45 4.81
CA ASP A 61 -1.52 0.79 4.74
C ASP A 61 -0.46 1.76 4.25
N HIS A 62 0.77 1.26 4.08
CA HIS A 62 1.88 2.08 3.61
C HIS A 62 2.55 1.44 2.40
N ILE A 63 1.96 1.65 1.23
CA ILE A 63 2.50 1.09 -0.01
C ILE A 63 3.87 1.68 -0.32
N LEU A 64 4.92 0.91 -0.01
CA LEU A 64 6.29 1.35 -0.25
C LEU A 64 6.61 1.31 -1.75
N LYS A 65 6.31 0.19 -2.39
CA LYS A 65 6.56 0.02 -3.81
C LYS A 65 5.51 -0.88 -4.45
N ILE A 66 5.47 -0.89 -5.77
CA ILE A 66 4.52 -1.71 -6.50
C ILE A 66 5.22 -2.55 -7.57
N GLY A 67 5.56 -3.78 -7.22
CA GLY A 67 6.23 -4.67 -8.16
C GLY A 67 7.69 -4.31 -8.34
N GLY A 68 7.97 -3.03 -8.53
CA GLY A 68 9.33 -2.59 -8.73
C GLY A 68 9.42 -1.13 -9.14
N THR A 69 8.46 -0.33 -8.69
CA THR A 69 8.43 1.09 -9.02
C THR A 69 8.56 1.95 -7.77
N ASN A 70 9.44 2.94 -7.82
CA ASN A 70 9.66 3.83 -6.68
C ASN A 70 8.52 4.85 -6.57
N VAL A 71 7.47 4.48 -5.83
CA VAL A 71 6.32 5.36 -5.65
C VAL A 71 6.49 6.22 -4.40
N GLN A 72 7.41 5.80 -3.52
CA GLN A 72 7.66 6.53 -2.28
C GLN A 72 8.18 7.93 -2.58
N GLY A 73 7.31 8.93 -2.39
CA GLY A 73 7.71 10.30 -2.65
C GLY A 73 6.80 10.99 -3.64
N MET A 74 6.38 10.25 -4.66
CA MET A 74 5.50 10.81 -5.69
C MET A 74 4.06 10.86 -5.20
N THR A 75 3.16 11.30 -6.08
CA THR A 75 1.74 11.40 -5.73
C THR A 75 0.94 10.26 -6.36
N SER A 76 -0.20 9.94 -5.74
CA SER A 76 -1.06 8.87 -6.25
C SER A 76 -1.32 9.04 -7.75
N GLU A 77 -1.54 10.29 -8.16
CA GLU A 77 -1.81 10.58 -9.56
C GLU A 77 -0.74 9.94 -10.46
N GLN A 78 0.49 9.94 -10.00
CA GLN A 78 1.60 9.36 -10.76
C GLN A 78 1.73 7.88 -10.49
N VAL A 79 0.99 7.39 -9.49
CA VAL A 79 1.02 5.98 -9.12
C VAL A 79 0.00 5.18 -9.93
N ALA A 80 -1.18 5.75 -10.10
CA ALA A 80 -2.25 5.11 -10.85
C ALA A 80 -1.74 4.61 -12.20
N GLN A 81 -0.99 5.45 -12.89
CA GLN A 81 -0.45 5.10 -14.20
C GLN A 81 0.47 3.88 -14.09
N VAL A 82 1.26 3.83 -13.03
CA VAL A 82 2.18 2.72 -12.81
C VAL A 82 1.43 1.39 -12.76
N LEU A 83 0.51 1.27 -11.81
CA LEU A 83 -0.27 0.05 -11.65
C LEU A 83 -0.66 -0.52 -13.01
N ARG A 84 -0.90 0.36 -13.97
CA ARG A 84 -1.27 -0.06 -15.31
C ARG A 84 -0.10 -0.75 -16.03
N ASN A 85 1.06 -0.09 -16.01
CA ASN A 85 2.25 -0.63 -16.65
C ASN A 85 2.70 -1.92 -15.96
N CYS A 86 2.34 -2.05 -14.69
CA CYS A 86 2.71 -3.23 -13.91
C CYS A 86 2.07 -4.49 -14.50
N GLY A 87 0.77 -4.42 -14.76
CA GLY A 87 0.06 -5.56 -15.32
C GLY A 87 -1.03 -6.08 -14.39
N ASN A 88 -1.75 -7.09 -14.85
CA ASN A 88 -2.83 -7.69 -14.05
C ASN A 88 -2.36 -7.96 -12.62
N SER A 89 -1.33 -8.79 -12.49
CA SER A 89 -0.80 -9.14 -11.18
C SER A 89 -0.09 -7.95 -10.56
N VAL A 90 -0.67 -7.40 -9.49
CA VAL A 90 -0.09 -6.26 -8.79
C VAL A 90 0.42 -6.65 -7.41
N ARG A 91 1.72 -6.46 -7.19
CA ARG A 91 2.33 -6.80 -5.92
C ARG A 91 2.87 -5.55 -5.23
N MET A 92 2.18 -5.09 -4.20
CA MET A 92 2.59 -3.91 -3.45
C MET A 92 3.09 -4.28 -2.06
N LEU A 93 4.18 -3.65 -1.64
CA LEU A 93 4.76 -3.92 -0.33
C LEU A 93 4.15 -3.00 0.74
N VAL A 94 3.20 -3.53 1.49
CA VAL A 94 2.55 -2.76 2.55
C VAL A 94 3.14 -3.09 3.91
N ALA A 95 3.34 -2.05 4.72
CA ALA A 95 3.90 -2.22 6.06
C ALA A 95 3.22 -1.29 7.06
N ARG A 96 3.07 -1.77 8.29
CA ARG A 96 2.42 -0.98 9.34
C ARG A 96 3.23 -1.06 10.63
N ASP A 97 2.73 -0.41 11.68
CA ASP A 97 3.40 -0.40 12.98
C ASP A 97 4.85 0.07 12.83
N PRO A 98 5.04 1.25 12.23
CA PRO A 98 6.36 1.83 12.02
C PRO A 98 7.01 2.28 13.33
N ALA A 99 8.33 2.46 13.29
CA ALA A 99 9.07 2.89 14.48
C ALA A 99 8.54 4.23 15.00
N GLY A 100 8.55 5.24 14.14
CA GLY A 100 8.07 6.55 14.53
C GLY A 100 9.07 7.30 15.39
N ASP A 101 8.99 8.63 15.36
CA ASP A 101 9.91 9.47 16.14
C ASP A 101 9.16 10.17 17.28
N ILE A 102 9.30 9.63 18.48
CA ILE A 102 8.64 10.20 19.65
C ILE A 102 9.41 11.43 20.17
N SER A 103 8.82 12.60 19.98
CA SER A 103 9.44 13.84 20.43
C SER A 103 8.45 15.00 20.37
N VAL A 104 8.84 16.14 20.93
CA VAL A 104 7.99 17.32 20.94
C VAL A 104 8.55 18.41 20.04
N THR A 105 7.73 19.43 19.79
CA THR A 105 8.14 20.55 18.95
C THR A 105 7.31 21.79 19.22
N SER A 106 7.90 22.96 19.02
CA SER A 106 7.22 24.23 19.26
C SER A 106 5.98 24.34 18.37
N GLY A 107 4.93 24.95 18.90
CA GLY A 107 3.71 25.12 18.14
C GLY A 107 2.48 25.15 19.03
N PRO A 108 2.18 26.32 19.60
CA PRO A 108 1.03 26.52 20.49
C PRO A 108 -0.30 26.43 19.74
N SER A 109 -1.33 25.97 20.43
CA SER A 109 -2.66 25.84 19.81
C SER A 109 -3.35 27.19 19.76
N SER A 110 -3.45 27.85 20.91
CA SER A 110 -4.11 29.16 21.00
C SER A 110 -3.82 29.82 22.34
N GLY A 111 -3.77 31.14 22.35
CA GLY A 111 -3.50 31.87 23.57
C GLY A 111 -4.75 32.06 24.42
N GLY A 1 17.33 -2.67 -11.17
CA GLY A 1 16.21 -2.35 -10.29
C GLY A 1 16.48 -1.12 -9.45
N SER A 2 15.83 -1.03 -8.30
CA SER A 2 16.00 0.11 -7.40
C SER A 2 17.18 -0.11 -6.46
N SER A 3 18.37 0.23 -6.92
CA SER A 3 19.58 0.08 -6.12
C SER A 3 19.64 1.14 -5.02
N GLY A 4 20.26 0.78 -3.90
CA GLY A 4 20.38 1.70 -2.79
C GLY A 4 21.51 1.33 -1.85
N SER A 5 22.66 1.97 -2.03
CA SER A 5 23.82 1.71 -1.19
C SER A 5 23.75 2.50 0.11
N SER A 6 23.27 1.86 1.17
CA SER A 6 23.14 2.50 2.47
C SER A 6 22.56 3.89 2.33
N GLY A 7 21.54 4.02 1.49
CA GLY A 7 20.90 5.30 1.28
C GLY A 7 19.69 5.51 2.17
N PRO A 8 19.20 6.75 2.23
CA PRO A 8 18.03 7.10 3.04
C PRO A 8 16.74 6.51 2.49
N GLU A 9 16.16 5.58 3.25
CA GLU A 9 14.92 4.93 2.83
C GLU A 9 14.15 4.40 4.04
N THR A 10 12.93 3.94 3.80
CA THR A 10 12.09 3.41 4.87
C THR A 10 12.12 1.89 4.88
N VAL A 11 12.91 1.32 5.78
CA VAL A 11 13.02 -0.13 5.90
C VAL A 11 12.73 -0.60 7.32
N CYS A 12 12.63 0.36 8.24
CA CYS A 12 12.37 0.05 9.64
C CYS A 12 10.86 0.01 9.90
N TRP A 13 10.28 -1.18 9.78
CA TRP A 13 8.85 -1.36 10.00
C TRP A 13 8.58 -2.56 10.91
N GLY A 14 7.55 -2.45 11.75
CA GLY A 14 7.22 -3.53 12.65
C GLY A 14 6.65 -4.73 11.92
N HIS A 15 5.84 -4.48 10.90
CA HIS A 15 5.24 -5.56 10.11
C HIS A 15 5.30 -5.25 8.62
N VAL A 16 5.96 -6.12 7.88
CA VAL A 16 6.10 -5.94 6.43
C VAL A 16 5.67 -7.20 5.68
N GLU A 17 4.84 -7.01 4.66
CA GLU A 17 4.36 -8.13 3.85
C GLU A 17 3.92 -7.67 2.46
N GLU A 18 4.30 -8.42 1.45
CA GLU A 18 3.94 -8.08 0.07
C GLU A 18 2.60 -8.70 -0.31
N VAL A 19 1.67 -7.84 -0.72
CA VAL A 19 0.33 -8.29 -1.12
C VAL A 19 0.25 -8.49 -2.62
N GLU A 20 -0.27 -9.63 -3.03
CA GLU A 20 -0.42 -9.94 -4.45
C GLU A 20 -1.89 -10.07 -4.84
N LEU A 21 -2.38 -9.11 -5.63
CA LEU A 21 -3.77 -9.11 -6.07
C LEU A 21 -3.85 -9.26 -7.58
N ILE A 22 -4.79 -10.07 -8.04
CA ILE A 22 -4.99 -10.30 -9.47
C ILE A 22 -6.19 -9.51 -9.99
N ASN A 23 -6.10 -9.06 -11.23
CA ASN A 23 -7.17 -8.30 -11.85
C ASN A 23 -7.92 -9.15 -12.87
N ASP A 24 -9.05 -9.71 -12.46
CA ASP A 24 -9.86 -10.54 -13.34
C ASP A 24 -10.75 -9.67 -14.24
N GLY A 25 -11.43 -8.71 -13.64
CA GLY A 25 -12.30 -7.84 -14.40
C GLY A 25 -12.90 -6.73 -13.55
N SER A 26 -13.59 -7.11 -12.49
CA SER A 26 -14.22 -6.15 -11.60
C SER A 26 -13.25 -5.03 -11.24
N GLY A 27 -12.05 -5.41 -10.79
CA GLY A 27 -11.05 -4.42 -10.42
C GLY A 27 -10.52 -4.64 -9.01
N LEU A 28 -9.62 -3.77 -8.58
CA LEU A 28 -9.04 -3.86 -7.25
C LEU A 28 -10.05 -3.48 -6.18
N GLY A 29 -10.72 -2.35 -6.38
CA GLY A 29 -11.71 -1.90 -5.42
C GLY A 29 -11.16 -0.85 -4.47
N PHE A 30 -10.19 -1.27 -3.65
CA PHE A 30 -9.59 -0.36 -2.67
C PHE A 30 -9.04 0.89 -3.36
N GLY A 31 -9.29 2.04 -2.76
CA GLY A 31 -8.81 3.29 -3.33
C GLY A 31 -7.44 3.67 -2.83
N ILE A 32 -6.83 4.66 -3.47
CA ILE A 32 -5.51 5.12 -3.08
C ILE A 32 -5.51 6.61 -2.71
N VAL A 33 -4.60 7.00 -1.83
CA VAL A 33 -4.50 8.39 -1.40
C VAL A 33 -3.06 8.79 -1.12
N GLY A 34 -2.61 9.86 -1.75
CA GLY A 34 -1.25 10.32 -1.55
C GLY A 34 -1.02 10.88 -0.17
N GLY A 35 -0.53 10.04 0.74
CA GLY A 35 -0.27 10.48 2.10
C GLY A 35 0.73 11.62 2.17
N LYS A 36 1.11 12.00 3.38
CA LYS A 36 2.07 13.08 3.58
C LYS A 36 3.50 12.59 3.36
N THR A 37 4.16 13.13 2.34
CA THR A 37 5.54 12.75 2.04
C THR A 37 5.79 11.29 2.40
N SER A 38 4.85 10.42 2.02
CA SER A 38 4.97 9.00 2.30
C SER A 38 4.32 8.17 1.20
N GLY A 39 4.76 6.92 1.07
CA GLY A 39 4.21 6.05 0.05
C GLY A 39 2.69 6.16 -0.06
N VAL A 40 2.15 5.67 -1.17
CA VAL A 40 0.71 5.72 -1.39
C VAL A 40 -0.05 5.01 -0.26
N VAL A 41 -1.14 5.63 0.18
CA VAL A 41 -1.95 5.05 1.25
C VAL A 41 -3.27 4.52 0.72
N VAL A 42 -3.89 3.61 1.47
CA VAL A 42 -5.16 3.02 1.07
C VAL A 42 -6.33 3.71 1.77
N ARG A 43 -7.01 4.59 1.04
CA ARG A 43 -8.15 5.32 1.59
C ARG A 43 -9.18 4.36 2.17
N THR A 44 -9.72 3.49 1.32
CA THR A 44 -10.71 2.51 1.75
C THR A 44 -10.64 1.24 0.91
N ILE A 45 -11.20 0.15 1.43
CA ILE A 45 -11.20 -1.12 0.72
C ILE A 45 -12.62 -1.61 0.49
N VAL A 46 -13.17 -1.28 -0.68
CA VAL A 46 -14.52 -1.70 -1.04
C VAL A 46 -14.83 -3.09 -0.49
N PRO A 47 -15.93 -3.18 0.28
CA PRO A 47 -16.36 -4.45 0.88
C PRO A 47 -16.88 -5.43 -0.15
N GLY A 48 -16.39 -6.67 -0.08
CA GLY A 48 -16.82 -7.69 -1.02
C GLY A 48 -16.27 -7.46 -2.41
N GLY A 49 -15.02 -7.01 -2.49
CA GLY A 49 -14.40 -6.75 -3.78
C GLY A 49 -13.31 -7.77 -4.10
N LEU A 50 -12.07 -7.32 -4.03
CA LEU A 50 -10.93 -8.18 -4.32
C LEU A 50 -10.01 -8.31 -3.11
N ALA A 51 -9.62 -7.16 -2.54
CA ALA A 51 -8.76 -7.15 -1.38
C ALA A 51 -9.38 -7.93 -0.22
N ASP A 52 -10.52 -7.45 0.26
CA ASP A 52 -11.21 -8.10 1.36
C ASP A 52 -11.26 -9.62 1.16
N ARG A 53 -11.73 -10.04 0.00
CA ARG A 53 -11.82 -11.47 -0.31
C ARG A 53 -10.65 -12.22 0.29
N ASP A 54 -9.44 -11.87 -0.14
CA ASP A 54 -8.23 -12.53 0.36
C ASP A 54 -8.05 -12.28 1.85
N GLY A 55 -8.25 -11.02 2.26
CA GLY A 55 -8.10 -10.68 3.67
C GLY A 55 -6.66 -10.54 4.08
N ARG A 56 -5.83 -9.99 3.19
CA ARG A 56 -4.41 -9.82 3.46
C ARG A 56 -4.07 -8.34 3.62
N LEU A 57 -4.56 -7.52 2.69
CA LEU A 57 -4.31 -6.09 2.72
C LEU A 57 -5.24 -5.39 3.69
N GLN A 58 -4.74 -4.36 4.36
CA GLN A 58 -5.53 -3.61 5.32
C GLN A 58 -5.62 -2.14 4.92
N THR A 59 -6.69 -1.48 5.36
CA THR A 59 -6.89 -0.06 5.04
C THR A 59 -5.69 0.77 5.48
N GLY A 60 -5.55 1.95 4.88
CA GLY A 60 -4.44 2.82 5.21
C GLY A 60 -3.12 2.09 5.30
N ASP A 61 -2.83 1.27 4.28
CA ASP A 61 -1.59 0.51 4.25
C ASP A 61 -0.49 1.28 3.53
N HIS A 62 0.50 1.73 4.28
CA HIS A 62 1.61 2.49 3.71
C HIS A 62 2.31 1.68 2.62
N ILE A 63 2.04 2.03 1.37
CA ILE A 63 2.65 1.34 0.23
C ILE A 63 4.08 1.80 0.02
N LEU A 64 5.03 0.91 0.30
CA LEU A 64 6.45 1.22 0.13
C LEU A 64 6.82 1.30 -1.35
N LYS A 65 6.29 0.37 -2.15
CA LYS A 65 6.55 0.34 -3.58
C LYS A 65 5.59 -0.59 -4.29
N ILE A 66 5.64 -0.58 -5.62
CA ILE A 66 4.76 -1.43 -6.42
C ILE A 66 5.55 -2.14 -7.52
N GLY A 67 5.85 -3.42 -7.29
CA GLY A 67 6.59 -4.19 -8.28
C GLY A 67 7.94 -3.58 -8.60
N GLY A 68 8.60 -3.04 -7.58
CA GLY A 68 9.90 -2.42 -7.78
C GLY A 68 9.80 -1.01 -8.29
N THR A 69 8.81 -0.27 -7.80
CA THR A 69 8.60 1.11 -8.22
C THR A 69 8.78 2.08 -7.06
N ASN A 70 9.47 3.19 -7.31
CA ASN A 70 9.70 4.19 -6.28
C ASN A 70 8.53 5.15 -6.16
N VAL A 71 7.48 4.71 -5.45
CA VAL A 71 6.29 5.54 -5.27
C VAL A 71 6.46 6.49 -4.09
N GLN A 72 7.17 6.03 -3.07
CA GLN A 72 7.41 6.84 -1.87
C GLN A 72 8.11 8.14 -2.24
N GLY A 73 7.34 9.24 -2.29
CA GLY A 73 7.91 10.53 -2.63
C GLY A 73 7.10 11.26 -3.68
N MET A 74 6.48 10.50 -4.58
CA MET A 74 5.68 11.08 -5.65
C MET A 74 4.20 11.14 -5.25
N THR A 75 3.37 11.58 -6.18
CA THR A 75 1.93 11.68 -5.93
C THR A 75 1.19 10.45 -6.44
N SER A 76 0.12 10.07 -5.75
CA SER A 76 -0.67 8.91 -6.13
C SER A 76 -1.05 8.99 -7.61
N GLU A 77 -1.42 10.17 -8.07
CA GLU A 77 -1.80 10.37 -9.46
C GLU A 77 -0.81 9.69 -10.40
N GLN A 78 0.47 9.79 -10.06
CA GLN A 78 1.53 9.18 -10.87
C GLN A 78 1.59 7.68 -10.64
N VAL A 79 1.11 7.24 -9.49
CA VAL A 79 1.12 5.82 -9.14
C VAL A 79 -0.01 5.08 -9.86
N ALA A 80 -1.16 5.72 -9.95
CA ALA A 80 -2.31 5.12 -10.61
C ALA A 80 -1.92 4.48 -11.94
N GLN A 81 -1.15 5.22 -12.73
CA GLN A 81 -0.70 4.73 -14.03
C GLN A 81 0.27 3.56 -13.87
N VAL A 82 1.07 3.62 -12.82
CA VAL A 82 2.04 2.57 -12.54
C VAL A 82 1.35 1.23 -12.29
N LEU A 83 0.25 1.27 -11.54
CA LEU A 83 -0.51 0.07 -11.22
C LEU A 83 -0.93 -0.67 -12.50
N ARG A 84 -1.54 0.07 -13.42
CA ARG A 84 -1.98 -0.52 -14.68
C ARG A 84 -0.80 -1.09 -15.46
N ASN A 85 0.28 -0.33 -15.53
CA ASN A 85 1.47 -0.76 -16.25
C ASN A 85 1.94 -2.13 -15.76
N CYS A 86 2.12 -2.25 -14.45
CA CYS A 86 2.56 -3.51 -13.85
C CYS A 86 1.99 -4.69 -14.60
N GLY A 87 0.67 -4.81 -14.61
CA GLY A 87 0.02 -5.91 -15.30
C GLY A 87 -1.13 -6.49 -14.50
N ASN A 88 -1.54 -7.70 -14.86
CA ASN A 88 -2.65 -8.38 -14.17
C ASN A 88 -2.31 -8.58 -12.70
N SER A 89 -1.20 -9.25 -12.43
CA SER A 89 -0.78 -9.51 -11.05
C SER A 89 -0.05 -8.31 -10.47
N VAL A 90 -0.65 -7.70 -9.46
CA VAL A 90 -0.07 -6.53 -8.80
C VAL A 90 0.54 -6.90 -7.46
N ARG A 91 1.83 -6.63 -7.29
CA ARG A 91 2.52 -6.94 -6.05
C ARG A 91 2.94 -5.66 -5.33
N MET A 92 2.25 -5.36 -4.23
CA MET A 92 2.54 -4.15 -3.45
C MET A 92 3.16 -4.52 -2.10
N LEU A 93 4.03 -3.66 -1.60
CA LEU A 93 4.68 -3.89 -0.31
C LEU A 93 4.09 -3.00 0.77
N VAL A 94 3.14 -3.54 1.52
CA VAL A 94 2.50 -2.79 2.60
C VAL A 94 3.17 -3.07 3.94
N ALA A 95 3.23 -2.05 4.79
CA ALA A 95 3.84 -2.18 6.10
C ALA A 95 3.07 -1.39 7.15
N ARG A 96 3.22 -1.79 8.41
CA ARG A 96 2.54 -1.11 9.50
C ARG A 96 3.38 -1.12 10.77
N ASP A 97 2.87 -0.51 11.83
CA ASP A 97 3.59 -0.46 13.10
C ASP A 97 5.03 -0.01 12.89
N PRO A 98 5.19 1.16 12.25
CA PRO A 98 6.52 1.73 11.97
C PRO A 98 7.21 2.22 13.24
N ALA A 99 8.54 2.09 13.27
CA ALA A 99 9.32 2.53 14.42
C ALA A 99 8.82 3.87 14.95
N GLY A 100 8.37 3.87 16.21
CA GLY A 100 7.87 5.09 16.81
C GLY A 100 6.61 5.60 16.14
N ASP A 101 5.53 5.72 16.92
CA ASP A 101 4.26 6.20 16.38
C ASP A 101 3.79 7.44 17.13
N ILE A 102 2.70 8.02 16.66
CA ILE A 102 2.15 9.22 17.29
C ILE A 102 0.85 8.91 18.03
N SER A 103 0.14 7.89 17.55
CA SER A 103 -1.12 7.50 18.17
C SER A 103 -2.07 8.68 18.29
N VAL A 104 -2.32 9.35 17.17
CA VAL A 104 -3.20 10.51 17.15
C VAL A 104 -4.62 10.11 16.76
N THR A 105 -5.61 10.80 17.33
CA THR A 105 -7.01 10.51 17.04
C THR A 105 -7.54 11.44 15.95
N SER A 106 -8.48 10.93 15.16
CA SER A 106 -9.07 11.71 14.09
C SER A 106 -10.51 12.09 14.42
N GLY A 107 -11.26 11.13 14.96
CA GLY A 107 -12.64 11.38 15.31
C GLY A 107 -13.55 11.49 14.10
N PRO A 108 -13.85 10.34 13.49
CA PRO A 108 -14.72 10.28 12.29
C PRO A 108 -16.17 10.62 12.61
N SER A 109 -16.54 11.88 12.40
CA SER A 109 -17.89 12.33 12.67
C SER A 109 -18.41 11.77 13.99
N SER A 110 -17.55 11.76 15.00
CA SER A 110 -17.90 11.25 16.31
C SER A 110 -18.68 12.28 17.11
N GLY A 111 -20.01 12.25 16.98
CA GLY A 111 -20.85 13.19 17.69
C GLY A 111 -22.33 13.01 17.38
N GLY A 1 11.88 -11.79 -5.23
CA GLY A 1 11.30 -10.49 -5.54
C GLY A 1 11.87 -9.90 -6.81
N SER A 2 12.43 -8.70 -6.70
CA SER A 2 13.00 -8.02 -7.86
C SER A 2 14.51 -7.86 -7.71
N SER A 3 15.27 -8.61 -8.50
CA SER A 3 16.72 -8.55 -8.45
C SER A 3 17.25 -7.36 -9.24
N GLY A 4 18.03 -6.52 -8.56
CA GLY A 4 18.58 -5.34 -9.21
C GLY A 4 19.25 -4.40 -8.23
N SER A 5 19.85 -3.34 -8.75
CA SER A 5 20.55 -2.37 -7.92
C SER A 5 19.66 -1.91 -6.77
N SER A 6 18.44 -1.49 -7.09
CA SER A 6 17.50 -1.03 -6.08
C SER A 6 16.81 -2.21 -5.40
N GLY A 7 17.37 -2.65 -4.29
CA GLY A 7 16.81 -3.77 -3.56
C GLY A 7 15.93 -3.32 -2.41
N PRO A 8 15.29 -4.29 -1.74
CA PRO A 8 14.39 -4.02 -0.60
C PRO A 8 15.17 -3.55 0.62
N GLU A 9 14.97 -2.28 1.00
CA GLU A 9 15.64 -1.71 2.16
C GLU A 9 14.66 -1.48 3.30
N THR A 10 13.74 -2.42 3.47
CA THR A 10 12.74 -2.32 4.54
C THR A 10 13.37 -1.91 5.85
N VAL A 11 13.22 -0.63 6.21
CA VAL A 11 13.78 -0.11 7.44
C VAL A 11 13.09 -0.72 8.66
N CYS A 12 13.46 -0.25 9.84
CA CYS A 12 12.88 -0.75 11.09
C CYS A 12 11.36 -0.54 11.10
N TRP A 13 10.63 -1.63 11.32
CA TRP A 13 9.17 -1.57 11.35
C TRP A 13 8.61 -2.59 12.34
N GLY A 14 7.29 -2.63 12.45
CA GLY A 14 6.65 -3.56 13.36
C GLY A 14 6.12 -4.79 12.66
N HIS A 15 5.66 -4.61 11.42
CA HIS A 15 5.12 -5.72 10.65
C HIS A 15 5.16 -5.40 9.16
N VAL A 16 5.97 -6.14 8.42
CA VAL A 16 6.11 -5.94 6.98
C VAL A 16 5.60 -7.16 6.20
N GLU A 17 4.57 -6.93 5.38
CA GLU A 17 3.99 -8.01 4.58
C GLU A 17 3.66 -7.52 3.17
N GLU A 18 3.77 -8.42 2.20
CA GLU A 18 3.49 -8.09 0.81
C GLU A 18 2.10 -8.56 0.41
N VAL A 19 1.47 -7.84 -0.51
CA VAL A 19 0.12 -8.18 -0.98
C VAL A 19 0.10 -8.32 -2.49
N GLU A 20 -0.32 -9.49 -2.98
CA GLU A 20 -0.38 -9.74 -4.41
C GLU A 20 -1.83 -9.80 -4.87
N LEU A 21 -2.21 -8.86 -5.73
CA LEU A 21 -3.58 -8.80 -6.25
C LEU A 21 -3.57 -8.88 -7.77
N ILE A 22 -4.30 -9.86 -8.31
CA ILE A 22 -4.38 -10.04 -9.75
C ILE A 22 -5.57 -9.29 -10.33
N ASN A 23 -5.28 -8.36 -11.24
CA ASN A 23 -6.33 -7.56 -11.88
C ASN A 23 -7.08 -8.39 -12.92
N ASP A 24 -8.23 -8.92 -12.52
CA ASP A 24 -9.05 -9.73 -13.42
C ASP A 24 -10.14 -8.88 -14.07
N GLY A 25 -9.78 -7.67 -14.47
CA GLY A 25 -10.74 -6.78 -15.10
C GLY A 25 -11.61 -6.07 -14.10
N SER A 26 -12.17 -6.83 -13.16
CA SER A 26 -13.05 -6.26 -12.14
C SER A 26 -12.52 -4.91 -11.66
N GLY A 27 -11.24 -4.89 -11.28
CA GLY A 27 -10.64 -3.65 -10.80
C GLY A 27 -10.11 -3.77 -9.40
N LEU A 28 -8.97 -3.14 -9.14
CA LEU A 28 -8.34 -3.18 -7.82
C LEU A 28 -9.40 -3.01 -6.72
N GLY A 29 -10.24 -2.00 -6.87
CA GLY A 29 -11.28 -1.75 -5.89
C GLY A 29 -10.84 -0.79 -4.80
N PHE A 30 -9.78 -1.16 -4.09
CA PHE A 30 -9.25 -0.32 -3.02
C PHE A 30 -8.72 1.00 -3.58
N GLY A 31 -9.15 2.10 -2.99
CA GLY A 31 -8.72 3.41 -3.43
C GLY A 31 -7.35 3.79 -2.88
N ILE A 32 -6.83 4.92 -3.31
CA ILE A 32 -5.53 5.39 -2.85
C ILE A 32 -5.58 6.86 -2.44
N VAL A 33 -4.67 7.26 -1.56
CA VAL A 33 -4.61 8.64 -1.09
C VAL A 33 -3.18 9.06 -0.80
N GLY A 34 -2.84 10.28 -1.20
CA GLY A 34 -1.49 10.78 -0.98
C GLY A 34 -1.32 11.37 0.40
N GLY A 35 -1.06 10.51 1.39
CA GLY A 35 -0.87 10.97 2.75
C GLY A 35 0.28 11.94 2.88
N LYS A 36 0.41 12.55 4.05
CA LYS A 36 1.47 13.51 4.31
C LYS A 36 2.85 12.84 4.19
N THR A 37 2.98 11.68 4.82
CA THR A 37 4.24 10.94 4.78
C THR A 37 4.40 10.20 3.45
N SER A 38 5.59 10.30 2.87
CA SER A 38 5.88 9.66 1.60
C SER A 38 5.28 8.24 1.56
N GLY A 39 4.68 7.89 0.43
CA GLY A 39 4.08 6.58 0.30
C GLY A 39 2.57 6.64 0.16
N VAL A 40 2.04 6.02 -0.89
CA VAL A 40 0.60 6.01 -1.12
C VAL A 40 -0.13 5.25 -0.02
N VAL A 41 -1.26 5.79 0.42
CA VAL A 41 -2.05 5.17 1.47
C VAL A 41 -3.40 4.70 0.94
N VAL A 42 -3.97 3.68 1.57
CA VAL A 42 -5.26 3.14 1.16
C VAL A 42 -6.40 3.85 1.88
N ARG A 43 -7.21 4.58 1.12
CA ARG A 43 -8.34 5.30 1.69
C ARG A 43 -9.48 4.35 2.02
N THR A 44 -9.95 3.61 1.02
CA THR A 44 -11.04 2.66 1.21
C THR A 44 -10.77 1.36 0.46
N ILE A 45 -11.26 0.26 1.02
CA ILE A 45 -11.07 -1.05 0.40
C ILE A 45 -12.40 -1.73 0.11
N VAL A 46 -12.87 -1.62 -1.13
CA VAL A 46 -14.13 -2.21 -1.53
C VAL A 46 -14.31 -3.59 -0.89
N PRO A 47 -15.43 -3.77 -0.18
CA PRO A 47 -15.75 -5.04 0.49
C PRO A 47 -16.09 -6.14 -0.51
N GLY A 48 -15.85 -7.39 -0.10
CA GLY A 48 -16.14 -8.52 -0.97
C GLY A 48 -15.82 -8.23 -2.42
N GLY A 49 -14.65 -7.64 -2.66
CA GLY A 49 -14.23 -7.32 -4.02
C GLY A 49 -13.01 -8.10 -4.44
N LEU A 50 -11.86 -7.43 -4.45
CA LEU A 50 -10.61 -8.06 -4.85
C LEU A 50 -9.63 -8.11 -3.69
N ALA A 51 -9.40 -6.95 -3.07
CA ALA A 51 -8.49 -6.87 -1.93
C ALA A 51 -9.13 -7.42 -0.67
N ASP A 52 -10.38 -7.06 -0.42
CA ASP A 52 -11.10 -7.53 0.75
C ASP A 52 -11.25 -9.04 0.72
N ARG A 53 -11.75 -9.56 -0.39
CA ARG A 53 -11.94 -11.00 -0.54
C ARG A 53 -10.75 -11.77 0.02
N ASP A 54 -9.55 -11.40 -0.41
CA ASP A 54 -8.33 -12.06 0.05
C ASP A 54 -8.19 -11.94 1.55
N GLY A 55 -8.36 -10.73 2.07
CA GLY A 55 -8.25 -10.51 3.51
C GLY A 55 -6.81 -10.42 3.96
N ARG A 56 -5.96 -9.80 3.14
CA ARG A 56 -4.55 -9.65 3.47
C ARG A 56 -4.19 -8.18 3.64
N LEU A 57 -4.55 -7.36 2.65
CA LEU A 57 -4.27 -5.94 2.69
C LEU A 57 -5.22 -5.21 3.64
N GLN A 58 -4.69 -4.22 4.35
CA GLN A 58 -5.49 -3.45 5.29
C GLN A 58 -5.62 -2.01 4.84
N THR A 59 -6.62 -1.32 5.38
CA THR A 59 -6.86 0.08 5.02
C THR A 59 -5.78 0.99 5.60
N GLY A 60 -5.56 2.13 4.94
CA GLY A 60 -4.56 3.06 5.41
C GLY A 60 -3.16 2.50 5.33
N ASP A 61 -2.97 1.49 4.48
CA ASP A 61 -1.67 0.85 4.33
C ASP A 61 -0.61 1.86 3.89
N HIS A 62 0.65 1.43 3.88
CA HIS A 62 1.74 2.31 3.48
C HIS A 62 2.54 1.67 2.34
N ILE A 63 2.06 1.82 1.13
CA ILE A 63 2.73 1.26 -0.04
C ILE A 63 4.12 1.88 -0.21
N LEU A 64 5.15 1.03 -0.08
CA LEU A 64 6.52 1.48 -0.22
C LEU A 64 6.97 1.42 -1.68
N LYS A 65 6.57 0.37 -2.37
CA LYS A 65 6.93 0.18 -3.78
C LYS A 65 6.06 -0.90 -4.43
N ILE A 66 5.74 -0.71 -5.70
CA ILE A 66 4.93 -1.67 -6.43
C ILE A 66 5.81 -2.61 -7.26
N GLY A 67 6.09 -3.78 -6.71
CA GLY A 67 6.91 -4.75 -7.40
C GLY A 67 8.39 -4.42 -7.32
N GLY A 68 8.73 -3.16 -7.52
CA GLY A 68 10.12 -2.73 -7.46
C GLY A 68 10.33 -1.35 -8.04
N THR A 69 9.32 -0.49 -7.90
CA THR A 69 9.40 0.88 -8.42
C THR A 69 9.30 1.89 -7.31
N ASN A 70 10.09 2.96 -7.41
CA ASN A 70 10.08 4.02 -6.40
C ASN A 70 8.86 4.92 -6.55
N VAL A 71 7.76 4.51 -5.92
CA VAL A 71 6.52 5.28 -5.98
C VAL A 71 6.37 6.18 -4.76
N GLN A 72 7.18 5.93 -3.74
CA GLN A 72 7.14 6.72 -2.52
C GLN A 72 7.33 8.19 -2.81
N GLY A 73 8.44 8.53 -3.46
CA GLY A 73 8.71 9.92 -3.80
C GLY A 73 7.72 10.48 -4.79
N MET A 74 6.98 9.60 -5.47
CA MET A 74 5.99 10.01 -6.45
C MET A 74 4.66 10.31 -5.77
N THR A 75 3.73 10.90 -6.53
CA THR A 75 2.41 11.24 -6.01
C THR A 75 1.39 10.16 -6.36
N SER A 76 0.57 9.79 -5.39
CA SER A 76 -0.45 8.77 -5.60
C SER A 76 -1.09 8.92 -6.97
N GLU A 77 -1.50 10.14 -7.31
CA GLU A 77 -2.13 10.42 -8.59
C GLU A 77 -1.32 9.80 -9.73
N GLN A 78 0.01 9.91 -9.64
CA GLN A 78 0.89 9.37 -10.66
C GLN A 78 1.16 7.89 -10.42
N VAL A 79 0.78 7.41 -9.24
CA VAL A 79 0.98 6.01 -8.89
C VAL A 79 -0.20 5.15 -9.33
N ALA A 80 -1.40 5.72 -9.26
CA ALA A 80 -2.61 5.01 -9.67
C ALA A 80 -2.41 4.31 -11.00
N GLN A 81 -1.78 4.99 -11.94
CA GLN A 81 -1.53 4.43 -13.27
C GLN A 81 -0.55 3.25 -13.18
N VAL A 82 0.49 3.42 -12.38
CA VAL A 82 1.50 2.37 -12.21
C VAL A 82 0.85 1.03 -11.90
N LEU A 83 -0.21 1.06 -11.08
CA LEU A 83 -0.91 -0.16 -10.70
C LEU A 83 -1.61 -0.78 -11.92
N ARG A 84 -2.34 0.05 -12.66
CA ARG A 84 -3.04 -0.42 -13.85
C ARG A 84 -2.07 -0.73 -14.98
N ASN A 85 -0.85 -0.20 -14.87
CA ASN A 85 0.17 -0.41 -15.88
C ASN A 85 0.88 -1.75 -15.67
N CYS A 86 1.17 -2.06 -14.41
CA CYS A 86 1.84 -3.31 -14.06
C CYS A 86 1.38 -4.45 -14.98
N GLY A 87 0.08 -4.49 -15.26
CA GLY A 87 -0.46 -5.51 -16.12
C GLY A 87 -1.56 -6.31 -15.44
N ASN A 88 -1.26 -7.54 -15.06
CA ASN A 88 -2.23 -8.41 -14.40
C ASN A 88 -1.91 -8.56 -12.92
N SER A 89 -0.81 -9.25 -12.62
CA SER A 89 -0.39 -9.47 -11.24
C SER A 89 0.26 -8.23 -10.67
N VAL A 90 -0.28 -7.73 -9.56
CA VAL A 90 0.24 -6.54 -8.90
C VAL A 90 0.82 -6.87 -7.53
N ARG A 91 2.07 -6.47 -7.30
CA ARG A 91 2.72 -6.73 -6.03
C ARG A 91 3.01 -5.42 -5.29
N MET A 92 2.42 -5.28 -4.11
CA MET A 92 2.62 -4.07 -3.30
C MET A 92 3.22 -4.43 -1.94
N LEU A 93 4.15 -3.60 -1.49
CA LEU A 93 4.81 -3.82 -0.20
C LEU A 93 4.28 -2.85 0.86
N VAL A 94 3.30 -3.30 1.63
CA VAL A 94 2.70 -2.48 2.67
C VAL A 94 3.33 -2.77 4.03
N ALA A 95 3.41 -1.76 4.87
CA ALA A 95 3.98 -1.91 6.21
C ALA A 95 3.13 -1.22 7.26
N ARG A 96 3.14 -1.76 8.48
CA ARG A 96 2.36 -1.18 9.57
C ARG A 96 3.14 -1.25 10.88
N ASP A 97 2.73 -0.42 11.85
CA ASP A 97 3.39 -0.39 13.15
C ASP A 97 4.87 -0.08 13.00
N PRO A 98 5.18 1.04 12.32
CA PRO A 98 6.56 1.48 12.09
C PRO A 98 7.24 1.94 13.37
N ALA A 99 8.56 2.04 13.33
CA ALA A 99 9.33 2.48 14.49
C ALA A 99 9.42 4.00 14.55
N GLY A 100 8.92 4.58 15.63
CA GLY A 100 8.95 6.03 15.79
C GLY A 100 8.28 6.75 14.64
N ASP A 101 8.61 8.02 14.47
CA ASP A 101 8.03 8.83 13.41
C ASP A 101 9.04 9.83 12.87
N ILE A 102 9.09 9.97 11.55
CA ILE A 102 10.02 10.88 10.90
C ILE A 102 10.04 12.23 11.62
N SER A 103 8.86 12.83 11.77
CA SER A 103 8.74 14.12 12.44
C SER A 103 7.75 14.04 13.60
N VAL A 104 8.07 14.72 14.70
CA VAL A 104 7.22 14.74 15.87
C VAL A 104 7.49 15.96 16.75
N THR A 105 6.45 16.70 17.05
CA THR A 105 6.58 17.90 17.88
C THR A 105 5.21 18.50 18.20
N SER A 106 5.06 18.98 19.42
CA SER A 106 3.80 19.58 19.86
C SER A 106 3.94 21.09 20.01
N GLY A 107 2.82 21.76 20.30
CA GLY A 107 2.85 23.20 20.46
C GLY A 107 1.58 23.73 21.10
N PRO A 108 1.35 25.05 20.99
CA PRO A 108 0.17 25.70 21.55
C PRO A 108 -1.11 25.32 20.82
N SER A 109 -0.99 24.42 19.85
CA SER A 109 -2.14 23.96 19.08
C SER A 109 -3.39 23.91 19.95
N SER A 110 -4.27 24.88 19.78
CA SER A 110 -5.50 24.95 20.55
C SER A 110 -6.72 24.74 19.65
N GLY A 111 -7.85 24.42 20.26
CA GLY A 111 -9.07 24.20 19.50
C GLY A 111 -9.75 22.89 19.86
#